data_8FYC
#
_entry.id   8FYC
#
_cell.length_a   1.00
_cell.length_b   1.00
_cell.length_c   1.00
_cell.angle_alpha   90.00
_cell.angle_beta   90.00
_cell.angle_gamma   90.00
#
_symmetry.space_group_name_H-M   'P 1'
#
loop_
_entity.id
_entity.type
_entity.pdbx_description
1 polymer DEDDh
2 polymer 'DNA/RNA (43-MER)'
3 polymer Cas2-DEDDh
4 polymer Cas1
5 polymer 'DNA (57-MER)'
6 polymer 'DNA (31-MER)'
7 polymer 'DNA (14-MER)'
#
loop_
_entity_poly.entity_id
_entity_poly.type
_entity_poly.pdbx_seq_one_letter_code
_entity_poly.pdbx_strand_id
1 'polypeptide(L)'
;IRYVVIDIETDGKDAKRNHILEIGAIRCEDGKETHFTALISGDAVPPSITKLTGITATLLQKEGQEEKKVLTAFREFIGD
DDLVGYHVSFDIEFLRQAFKKYGLGYLKNKTHDLLRIVKKEQLFQADYKLETSLQSYGIHKKVPHRALGDAELVKCLAKK
LNKF
;
K
2 'polydeoxyribonucleotide'
;(DT)(DG)(DC)(DG)(DC)(DG)(DT)(DG)(DG)(DG)(DA)(DT)(DC)(DA)(DC)(DC)(DC)(DC)(DC)(DG)
(DC)(DT)(DC)(DG)(DT)(DG)(DC)(DG)(DG)(DG)(DA)(DA)(DA)(DG)(DA)(DC)(DA)(DG)(DT)(DA)
(DA)(DT)(DG)(DG)(DA)(DT)(DT)(DC)(DC)(DT)(DT)(DT)(DA)(DT)(DT)(DT)(DT)(DC)(DG)(DC)
(DC)(DC)(DT)(DT)(DT)(DT)(DA)(DC)(DG)(DC)(DT)(DT)(DA)(DC)(DT)(DG)(DA)(DC)
;
J
3 'polypeptide(L)'
;MPMTVITLKNVPQSLRGDLTRWMQEIATGVYVGNFNSRIREYLWRRVQETMGAGEASMCFAARNELGYDFLTENASRSVI
DYDGLPLIFIPKE
;
D,A
4 'polypeptide(L)'
;MAGPIIAGKSESSELPRVEDRATFIYIEHAKINRVDSAVTVAEAKGVVRIPAAMIGVLLLGPGTDISHRAVELLGDTGTA
LVWVGEQGVRYYASGRALARSTRFLVKQAELVTNERSRLRVARRMYQMRFPTEDVSKLTMQQLRSHEGARVRRKYRELSK
KYNVPWKKRVYNPDDFAGGDPINQALSAAHVALYGLVHSVVAALGLSPGLGFVHTGHDRSFIYDVADLYKAEITVPIAFA
VAAEAEEGQDIGQLARLRTRDAFVDGKILKRMVKDLQTLLEIPEEGQIEAEPLSLWDDKEKLVPYGVNYSE
;
B,C,E,F
5 'polydeoxyribonucleotide'
;(DA)(DG)(DA)(DT)(DT)(DG)(DA)(DG)(DA)(DC)(DC)(DA)(DG)(DG)(DT)(DC)(DT)(DC)(DC)(DG)
(DT)(DT)(DT)(DC)(DA)(DT)(DG)(DA)(DG)(DT)(DC)(DT)(DT)(DT)(DC)(DC)(DC)(DG)(DC)(DA)
(DC)(DG)(DA)(DG)(DC)(DG)(DG)(DG)(DG)(DG)(DT)(DG)(DA)(DT)(DC)(DC)(DC)
;
G
6 'polydeoxyribonucleotide'
;(DA)(DA)(DA)(DC)(DG)(DG)(DA)(DG)(DA)(DC)(DC)(DT)(DG)(DG)(DT)(DC)(DT)(DC)(DA)(DA)
(DT)(DC)(DT)(DG)(DC)(DG)(DT)(DG)(DT)(DT)(DC)
;
H
7 'polydeoxyribonucleotide'
;(DA)(DC)(DG)(DT)(DC)(DA)(DG)(DT)(DA)(DA)(DG)(DC)(DG)(DT)(DA)(DA)(DA)(DA)(DG)(DG)
(DG)(DC)(DG)(DA)(DA)(DA)(DA)(DT)(DA)(DA)(DA)(DG)(DG)(DA)(DA)(DT)(DC)(DC)(DA)(DT)
(DT)(DA)(DC)(DT)
;
I
#
loop_
_chem_comp.id
_chem_comp.type
_chem_comp.name
_chem_comp.formula
DA DNA linking 2'-DEOXYADENOSINE-5'-MONOPHOSPHATE 'C10 H14 N5 O6 P'
DC DNA linking 2'-DEOXYCYTIDINE-5'-MONOPHOSPHATE 'C9 H14 N3 O7 P'
DG DNA linking 2'-DEOXYGUANOSINE-5'-MONOPHOSPHATE 'C10 H14 N5 O7 P'
DT DNA linking THYMIDINE-5'-MONOPHOSPHATE 'C10 H15 N2 O8 P'
#
# COMPACT_ATOMS: atom_id res chain seq x y z
N ILE A 1 12.99 -32.99 -3.89
CA ILE A 1 13.56 -32.06 -2.93
C ILE A 1 14.86 -31.48 -3.49
N ARG A 2 14.77 -30.31 -4.12
CA ARG A 2 15.93 -29.65 -4.69
C ARG A 2 15.92 -28.19 -4.28
N TYR A 3 17.07 -27.69 -3.85
CA TYR A 3 17.21 -26.30 -3.42
C TYR A 3 18.54 -25.75 -3.89
N VAL A 4 18.62 -24.43 -4.00
CA VAL A 4 19.81 -23.72 -4.45
C VAL A 4 20.24 -22.77 -3.34
N VAL A 5 21.49 -22.89 -2.90
CA VAL A 5 22.04 -21.96 -1.87
C VAL A 5 22.63 -20.75 -2.62
N ILE A 6 22.06 -19.56 -2.44
CA ILE A 6 22.55 -18.36 -3.16
C ILE A 6 23.09 -17.33 -2.16
N ASP A 7 24.30 -16.84 -2.41
CA ASP A 7 24.83 -15.75 -1.54
C ASP A 7 25.31 -14.60 -2.44
N ILE A 8 24.81 -13.38 -2.20
CA ILE A 8 25.20 -12.21 -3.03
C ILE A 8 25.44 -11.03 -2.08
N GLU A 9 26.18 -10.01 -2.52
CA GLU A 9 26.39 -8.84 -1.69
C GLU A 9 26.41 -7.61 -2.57
N THR A 10 25.74 -6.56 -2.10
CA THR A 10 25.55 -5.33 -2.86
C THR A 10 26.50 -4.25 -2.34
N ASP A 11 26.48 -3.09 -3.01
CA ASP A 11 27.20 -1.92 -2.54
C ASP A 11 26.31 -0.99 -1.74
N GLY A 12 25.23 -1.50 -1.17
CA GLY A 12 24.31 -0.69 -0.39
C GLY A 12 22.98 -1.42 -0.21
N LYS A 13 21.92 -0.62 -0.11
CA LYS A 13 20.59 -1.12 0.18
C LYS A 13 19.53 -0.63 -0.80
N ASP A 14 19.67 0.60 -1.31
CA ASP A 14 18.62 1.20 -2.14
C ASP A 14 18.48 0.47 -3.46
N ALA A 15 17.25 0.41 -3.97
CA ALA A 15 16.99 -0.32 -5.21
C ALA A 15 17.64 0.34 -6.41
N LYS A 16 17.48 1.67 -6.54
CA LYS A 16 18.00 2.38 -7.70
C LYS A 16 19.38 2.98 -7.47
N ARG A 17 19.78 3.15 -6.21
CA ARG A 17 21.04 3.81 -5.88
C ARG A 17 22.17 2.83 -5.60
N ASN A 18 21.95 1.53 -5.78
CA ASN A 18 22.96 0.52 -5.46
C ASN A 18 22.96 -0.55 -6.52
N HIS A 19 24.08 -1.27 -6.62
CA HIS A 19 24.28 -2.26 -7.66
C HIS A 19 24.83 -3.55 -7.08
N ILE A 20 24.53 -4.66 -7.76
CA ILE A 20 25.05 -5.96 -7.35
C ILE A 20 26.56 -5.97 -7.54
N LEU A 21 27.27 -6.61 -6.60
CA LEU A 21 28.73 -6.68 -6.67
C LEU A 21 29.23 -8.07 -7.03
N GLU A 22 28.86 -9.10 -6.29
CA GLU A 22 29.30 -10.46 -6.56
C GLU A 22 28.11 -11.41 -6.51
N ILE A 23 28.13 -12.41 -7.38
CA ILE A 23 27.06 -13.41 -7.46
C ILE A 23 27.71 -14.78 -7.48
N GLY A 24 27.34 -15.63 -6.52
CA GLY A 24 27.77 -17.01 -6.51
C GLY A 24 26.72 -17.87 -5.85
N ALA A 25 26.59 -19.09 -6.35
CA ALA A 25 25.52 -19.97 -5.88
C ALA A 25 25.89 -21.42 -6.09
N ILE A 26 25.25 -22.28 -5.32
CA ILE A 26 25.36 -23.73 -5.44
C ILE A 26 23.99 -24.35 -5.20
N ARG A 27 23.63 -25.33 -6.03
CA ARG A 27 22.43 -26.13 -5.80
C ARG A 27 22.77 -27.21 -4.79
N CYS A 28 21.98 -27.30 -3.72
CA CYS A 28 22.22 -28.29 -2.67
C CYS A 28 21.17 -29.38 -2.80
N GLU A 29 21.46 -30.35 -3.66
CA GLU A 29 20.55 -31.46 -3.88
C GLU A 29 21.30 -32.65 -4.45
N ASP A 30 21.00 -33.83 -3.92
CA ASP A 30 21.57 -35.11 -4.34
C ASP A 30 23.10 -35.19 -4.18
N GLY A 31 23.70 -34.19 -3.54
CA GLY A 31 25.11 -34.25 -3.18
C GLY A 31 26.08 -34.36 -4.34
N LYS A 32 25.80 -33.65 -5.43
CA LYS A 32 26.72 -33.58 -6.57
C LYS A 32 27.26 -32.16 -6.69
N GLU A 33 28.55 -32.04 -6.97
CA GLU A 33 29.28 -30.79 -6.84
C GLU A 33 29.33 -30.08 -8.19
N THR A 34 28.78 -28.86 -8.24
CA THR A 34 28.78 -28.00 -9.40
C THR A 34 29.10 -26.56 -8.99
N HIS A 35 30.08 -26.41 -8.10
CA HIS A 35 30.44 -25.13 -7.50
C HIS A 35 30.63 -24.02 -8.54
N PHE A 36 29.88 -22.94 -8.38
CA PHE A 36 29.89 -21.83 -9.33
C PHE A 36 30.04 -20.51 -8.59
N THR A 37 30.70 -19.54 -9.23
CA THR A 37 30.85 -18.20 -8.69
C THR A 37 31.03 -17.23 -9.84
N ALA A 38 30.81 -15.95 -9.56
CA ALA A 38 30.93 -14.91 -10.57
C ALA A 38 31.22 -13.59 -9.89
N LEU A 39 31.70 -12.63 -10.68
CA LEU A 39 32.06 -11.32 -10.17
C LEU A 39 31.68 -10.25 -11.21
N ILE A 40 31.51 -9.02 -10.72
CA ILE A 40 31.07 -7.90 -11.54
C ILE A 40 32.11 -6.79 -11.44
N SER A 41 32.50 -6.24 -12.58
CA SER A 41 33.44 -5.12 -12.60
C SER A 41 32.76 -3.83 -12.13
N GLY A 42 33.57 -2.92 -11.62
CA GLY A 42 33.07 -1.64 -11.14
C GLY A 42 34.23 -0.72 -10.81
N ASP A 43 33.89 0.54 -10.55
CA ASP A 43 34.89 1.57 -10.31
C ASP A 43 34.71 2.32 -8.99
N ALA A 44 33.58 2.17 -8.31
CA ALA A 44 33.35 2.88 -7.05
C ALA A 44 32.87 1.91 -5.99
N VAL A 45 33.52 1.93 -4.83
CA VAL A 45 33.19 1.02 -3.74
C VAL A 45 33.04 1.85 -2.46
N PRO A 46 31.95 1.67 -1.71
CA PRO A 46 31.76 2.46 -0.50
C PRO A 46 32.82 2.14 0.53
N PRO A 47 33.19 3.13 1.37
CA PRO A 47 34.23 2.88 2.39
C PRO A 47 33.89 1.79 3.38
N SER A 48 32.62 1.67 3.78
CA SER A 48 32.25 0.74 4.83
C SER A 48 32.48 -0.71 4.40
N ILE A 49 31.97 -1.08 3.22
CA ILE A 49 32.21 -2.42 2.71
C ILE A 49 33.69 -2.60 2.39
N THR A 50 34.36 -1.52 2.01
CA THR A 50 35.79 -1.60 1.74
C THR A 50 36.57 -2.02 2.99
N LYS A 51 36.22 -1.44 4.14
CA LYS A 51 36.90 -1.82 5.38
C LYS A 51 36.40 -3.16 5.90
N LEU A 52 35.14 -3.52 5.62
CA LEU A 52 34.60 -4.76 6.15
C LEU A 52 35.14 -5.98 5.41
N THR A 53 35.21 -5.92 4.08
CA THR A 53 35.70 -7.03 3.27
C THR A 53 36.92 -6.68 2.44
N GLY A 54 36.90 -5.55 1.75
CA GLY A 54 37.98 -5.16 0.87
C GLY A 54 37.66 -5.38 -0.59
N ILE A 55 37.23 -4.32 -1.27
CA ILE A 55 36.89 -4.38 -2.69
C ILE A 55 37.45 -3.12 -3.34
N THR A 56 38.12 -3.29 -4.47
CA THR A 56 38.74 -2.18 -5.17
C THR A 56 38.46 -2.29 -6.66
N ALA A 57 38.59 -1.16 -7.35
CA ALA A 57 38.34 -1.12 -8.79
C ALA A 57 39.29 -2.04 -9.54
N THR A 58 40.54 -2.14 -9.08
CA THR A 58 41.50 -3.02 -9.74
C THR A 58 41.05 -4.47 -9.67
N LEU A 59 40.57 -4.91 -8.51
CA LEU A 59 40.04 -6.27 -8.37
C LEU A 59 38.86 -6.49 -9.31
N LEU A 60 37.94 -5.53 -9.35
CA LEU A 60 36.74 -5.68 -10.16
C LEU A 60 37.07 -5.75 -11.64
N GLN A 61 38.04 -4.94 -12.10
CA GLN A 61 38.44 -5.00 -13.50
C GLN A 61 39.23 -6.25 -13.84
N LYS A 62 40.09 -6.73 -12.93
CA LYS A 62 40.91 -7.88 -13.28
C LYS A 62 40.12 -9.18 -13.20
N GLU A 63 39.09 -9.24 -12.35
CA GLU A 63 38.35 -10.49 -12.18
C GLU A 63 36.87 -10.37 -12.52
N GLY A 64 36.24 -9.24 -12.23
CA GLY A 64 34.81 -9.12 -12.44
C GLY A 64 34.42 -9.14 -13.90
N GLN A 65 33.15 -9.42 -14.14
CA GLN A 65 32.63 -9.53 -15.50
C GLN A 65 31.42 -8.62 -15.72
N GLU A 66 30.77 -8.76 -16.86
CA GLU A 66 29.62 -7.91 -17.19
C GLU A 66 28.41 -8.29 -16.35
N GLU A 67 27.62 -7.28 -15.97
CA GLU A 67 26.43 -7.53 -15.16
C GLU A 67 25.43 -8.41 -15.91
N LYS A 68 25.16 -8.08 -17.18
CA LYS A 68 24.07 -8.72 -17.89
C LYS A 68 24.33 -10.20 -18.12
N LYS A 69 25.54 -10.55 -18.54
CA LYS A 69 25.85 -11.95 -18.80
C LYS A 69 25.83 -12.77 -17.51
N VAL A 70 26.36 -12.22 -16.42
CA VAL A 70 26.36 -12.93 -15.14
C VAL A 70 24.93 -13.16 -14.67
N LEU A 71 24.09 -12.12 -14.75
CA LEU A 71 22.70 -12.27 -14.37
C LEU A 71 21.96 -13.25 -15.27
N THR A 72 22.30 -13.27 -16.57
CA THR A 72 21.69 -14.22 -17.48
C THR A 72 22.04 -15.65 -17.09
N ALA A 73 23.31 -15.91 -16.80
CA ALA A 73 23.71 -17.24 -16.37
C ALA A 73 23.02 -17.62 -15.06
N PHE A 74 22.91 -16.67 -14.13
CA PHE A 74 22.23 -16.94 -12.87
C PHE A 74 20.79 -17.35 -13.11
N ARG A 75 20.05 -16.55 -13.89
CA ARG A 75 18.67 -16.90 -14.22
C ARG A 75 18.61 -18.25 -14.94
N GLU A 76 19.64 -18.56 -15.73
CA GLU A 76 19.65 -19.84 -16.44
C GLU A 76 19.71 -21.01 -15.49
N PHE A 77 20.58 -20.96 -14.48
CA PHE A 77 20.73 -22.13 -13.62
C PHE A 77 19.89 -22.07 -12.35
N ILE A 78 19.11 -21.01 -12.13
CA ILE A 78 18.18 -20.99 -11.00
C ILE A 78 16.73 -21.24 -11.43
N GLY A 79 16.50 -21.63 -12.67
CA GLY A 79 15.15 -21.82 -13.17
C GLY A 79 14.51 -23.15 -12.86
N ASP A 80 15.18 -24.02 -12.12
CA ASP A 80 14.67 -25.37 -11.86
C ASP A 80 14.11 -25.55 -10.45
N ASP A 81 14.81 -25.08 -9.43
CA ASP A 81 14.40 -25.30 -8.05
C ASP A 81 14.41 -23.97 -7.30
N ASP A 82 14.09 -24.05 -6.01
CA ASP A 82 13.91 -22.87 -5.18
C ASP A 82 15.26 -22.25 -4.81
N LEU A 83 15.22 -20.98 -4.41
CA LEU A 83 16.38 -20.25 -3.95
C LEU A 83 16.36 -20.20 -2.42
N VAL A 84 17.42 -20.69 -1.80
CA VAL A 84 17.50 -20.79 -0.34
C VAL A 84 18.83 -20.17 0.11
N GLY A 85 18.81 -19.54 1.27
CA GLY A 85 20.02 -18.99 1.85
C GLY A 85 19.72 -18.32 3.16
N TYR A 86 20.78 -17.89 3.83
CA TYR A 86 20.63 -17.16 5.09
C TYR A 86 20.20 -15.73 4.82
N HIS A 87 19.10 -15.32 5.46
CA HIS A 87 18.51 -14.01 5.22
C HIS A 87 18.29 -13.78 3.74
N VAL A 88 17.81 -14.83 3.06
CA VAL A 88 17.80 -14.84 1.60
C VAL A 88 16.63 -14.08 1.00
N SER A 89 15.56 -13.86 1.75
CA SER A 89 14.40 -13.17 1.18
C SER A 89 14.74 -11.74 0.79
N PHE A 90 15.46 -11.03 1.66
CA PHE A 90 15.86 -9.66 1.35
C PHE A 90 16.77 -9.61 0.12
N ASP A 91 17.71 -10.56 0.01
CA ASP A 91 18.58 -10.59 -1.15
C ASP A 91 17.82 -10.91 -2.43
N ILE A 92 16.89 -11.87 -2.36
CA ILE A 92 16.11 -12.23 -3.54
C ILE A 92 15.22 -11.08 -3.99
N GLU A 93 14.68 -10.31 -3.05
CA GLU A 93 13.85 -9.17 -3.43
C GLU A 93 14.64 -8.22 -4.33
N PHE A 94 15.83 -7.82 -3.86
CA PHE A 94 16.69 -6.94 -4.64
C PHE A 94 17.16 -7.58 -5.94
N LEU A 95 17.48 -8.88 -5.92
CA LEU A 95 17.97 -9.55 -7.12
C LEU A 95 16.89 -9.64 -8.19
N ARG A 96 15.67 -9.98 -7.79
CA ARG A 96 14.55 -10.01 -8.74
C ARG A 96 14.24 -8.62 -9.25
N GLN A 97 14.29 -7.60 -8.38
CA GLN A 97 14.13 -6.23 -8.85
C GLN A 97 15.24 -5.85 -9.82
N ALA A 98 16.43 -6.41 -9.66
CA ALA A 98 17.52 -6.20 -10.61
C ALA A 98 17.22 -6.86 -11.95
N PHE A 99 16.62 -8.05 -11.93
CA PHE A 99 16.17 -8.66 -13.18
C PHE A 99 15.17 -7.77 -13.91
N LYS A 100 14.41 -6.96 -13.20
CA LYS A 100 13.51 -6.02 -13.85
C LYS A 100 14.28 -5.01 -14.69
N LYS A 101 15.40 -4.51 -14.16
CA LYS A 101 16.19 -3.53 -14.89
C LYS A 101 16.74 -4.11 -16.19
N TYR A 102 17.25 -5.34 -16.13
CA TYR A 102 17.85 -5.98 -17.30
C TYR A 102 16.90 -6.93 -18.02
N GLY A 103 15.66 -7.03 -17.57
CA GLY A 103 14.65 -7.82 -18.26
C GLY A 103 14.97 -9.29 -18.39
N LEU A 104 15.41 -9.92 -17.28
CA LEU A 104 15.71 -11.34 -17.33
C LEU A 104 14.44 -12.18 -17.51
N GLY A 105 13.35 -11.80 -16.88
CA GLY A 105 12.11 -12.51 -17.01
C GLY A 105 11.39 -12.60 -15.67
N TYR A 106 10.54 -13.60 -15.55
CA TYR A 106 9.71 -13.82 -14.36
C TYR A 106 10.36 -14.91 -13.52
N LEU A 107 11.00 -14.50 -12.42
CA LEU A 107 11.54 -15.47 -11.48
C LEU A 107 10.40 -16.08 -10.67
N LYS A 108 10.36 -17.41 -10.63
CA LYS A 108 9.30 -18.14 -9.93
C LYS A 108 9.95 -19.11 -8.94
N ASN A 109 9.99 -18.71 -7.68
CA ASN A 109 10.55 -19.57 -6.64
C ASN A 109 9.96 -19.14 -5.30
N LYS A 110 10.00 -20.06 -4.34
CA LYS A 110 9.50 -19.78 -3.01
C LYS A 110 10.48 -18.88 -2.27
N THR A 111 9.96 -17.81 -1.66
CA THR A 111 10.78 -16.82 -0.99
C THR A 111 11.13 -17.22 0.45
N HIS A 112 11.05 -18.52 0.75
CA HIS A 112 11.33 -19.02 2.12
C HIS A 112 12.75 -18.65 2.56
N ASP A 113 12.94 -18.31 3.85
CA ASP A 113 14.27 -17.85 4.34
C ASP A 113 14.78 -18.77 5.45
N LEU A 114 16.06 -19.20 5.35
CA LEU A 114 16.68 -20.08 6.38
C LEU A 114 16.80 -19.36 7.73
N LEU A 115 17.13 -18.07 7.72
CA LEU A 115 17.37 -17.35 9.01
C LEU A 115 16.10 -17.38 9.87
N ARG A 116 14.92 -17.22 9.26
CA ARG A 116 13.67 -17.15 10.08
C ARG A 116 13.49 -18.44 10.88
N ILE A 117 13.70 -19.60 10.25
CA ILE A 117 13.56 -20.90 10.97
C ILE A 117 14.61 -21.02 12.07
N VAL A 118 15.83 -20.54 11.82
CA VAL A 118 16.91 -20.57 12.86
C VAL A 118 16.48 -19.74 14.06
N LYS A 119 15.88 -18.57 13.83
CA LYS A 119 15.50 -17.67 14.95
C LYS A 119 14.47 -18.39 15.84
N LYS A 120 13.57 -19.17 15.23
CA LYS A 120 12.50 -19.87 15.97
C LYS A 120 13.02 -20.63 17.20
N GLU A 121 14.10 -21.41 17.07
CA GLU A 121 14.51 -22.27 18.18
C GLU A 121 14.95 -21.49 19.41
N GLN A 122 15.11 -20.17 19.32
CA GLN A 122 15.37 -19.36 20.51
C GLN A 122 14.22 -18.41 20.83
N LEU A 123 13.89 -17.49 19.92
CA LEU A 123 12.87 -16.47 20.14
C LEU A 123 13.10 -15.72 21.46
N PHE A 124 14.36 -15.52 21.83
CA PHE A 124 14.67 -14.89 23.11
C PHE A 124 14.79 -13.37 22.96
N GLN A 125 15.71 -12.91 22.13
CA GLN A 125 15.96 -11.49 21.93
C GLN A 125 15.52 -11.10 20.53
N ALA A 126 15.70 -9.82 20.20
CA ALA A 126 15.26 -9.27 18.92
C ALA A 126 16.38 -9.12 17.91
N ASP A 127 17.58 -9.62 18.22
CA ASP A 127 18.70 -9.51 17.29
C ASP A 127 19.51 -10.80 17.31
N TYR A 128 19.91 -11.24 16.11
CA TYR A 128 20.67 -12.47 15.93
C TYR A 128 21.77 -12.25 14.91
N LYS A 129 22.81 -13.07 14.99
CA LYS A 129 24.01 -12.90 14.18
C LYS A 129 24.39 -14.21 13.52
N LEU A 130 25.17 -14.10 12.43
CA LEU A 130 25.61 -15.28 11.71
C LEU A 130 26.50 -16.16 12.57
N GLU A 131 27.55 -15.57 13.17
CA GLU A 131 28.44 -16.37 14.01
C GLU A 131 27.74 -16.86 15.27
N THR A 132 26.66 -16.20 15.68
CA THR A 132 25.86 -16.71 16.79
C THR A 132 25.14 -17.99 16.39
N SER A 133 24.54 -18.01 15.21
CA SER A 133 23.78 -19.18 14.77
C SER A 133 24.72 -20.33 14.41
N LEU A 134 25.82 -20.04 13.72
CA LEU A 134 26.73 -21.09 13.28
C LEU A 134 27.33 -21.83 14.46
N GLN A 135 27.79 -21.10 15.47
CA GLN A 135 28.33 -21.76 16.66
C GLN A 135 27.27 -22.52 17.43
N SER A 136 25.99 -22.13 17.27
CA SER A 136 24.91 -22.84 17.93
C SER A 136 24.74 -24.25 17.36
N TYR A 137 25.10 -24.46 16.10
CA TYR A 137 24.94 -25.74 15.44
C TYR A 137 26.29 -26.36 15.07
N GLY A 138 27.33 -26.04 15.82
CA GLY A 138 28.62 -26.68 15.61
C GLY A 138 29.32 -26.30 14.34
N ILE A 139 29.06 -25.10 13.80
CA ILE A 139 29.76 -24.59 12.63
C ILE A 139 30.77 -23.57 13.14
N HIS A 140 31.99 -24.05 13.39
CA HIS A 140 33.02 -23.19 13.97
C HIS A 140 33.62 -22.23 12.94
N LYS A 141 33.60 -22.60 11.66
CA LYS A 141 34.18 -21.76 10.62
C LYS A 141 33.46 -20.42 10.57
N LYS A 142 34.24 -19.35 10.47
CA LYS A 142 33.69 -18.00 10.44
C LYS A 142 33.36 -17.60 9.01
N VAL A 143 33.09 -16.31 8.81
CA VAL A 143 32.61 -15.80 7.53
C VAL A 143 33.79 -15.48 6.61
N PRO A 144 33.94 -16.17 5.47
CA PRO A 144 34.94 -15.75 4.49
C PRO A 144 34.45 -14.65 3.56
N HIS A 145 33.15 -14.33 3.59
CA HIS A 145 32.51 -13.31 2.76
C HIS A 145 32.62 -13.59 1.27
N ARG A 146 33.07 -14.79 0.88
CA ARG A 146 33.19 -15.16 -0.52
C ARG A 146 32.08 -16.11 -0.91
N ALA A 147 31.86 -16.22 -2.23
CA ALA A 147 30.69 -16.92 -2.74
C ALA A 147 30.73 -18.40 -2.37
N LEU A 148 31.83 -19.08 -2.67
CA LEU A 148 31.88 -20.53 -2.46
C LEU A 148 32.02 -20.90 -0.99
N GLY A 149 32.79 -20.12 -0.23
CA GLY A 149 32.91 -20.40 1.20
C GLY A 149 31.59 -20.24 1.92
N ASP A 150 30.88 -19.13 1.65
CA ASP A 150 29.56 -18.96 2.23
C ASP A 150 28.58 -20.00 1.68
N ALA A 151 28.77 -20.43 0.44
CA ALA A 151 27.89 -21.44 -0.14
C ALA A 151 28.01 -22.76 0.63
N GLU A 152 29.23 -23.23 0.86
CA GLU A 152 29.40 -24.46 1.64
C GLU A 152 29.01 -24.25 3.10
N LEU A 153 29.21 -23.05 3.64
CA LEU A 153 28.75 -22.75 4.99
C LEU A 153 27.25 -22.92 5.12
N VAL A 154 26.49 -22.33 4.19
CA VAL A 154 25.04 -22.46 4.22
C VAL A 154 24.61 -23.88 3.89
N LYS A 155 25.40 -24.60 3.09
CA LYS A 155 25.11 -26.02 2.85
C LYS A 155 25.17 -26.81 4.16
N CYS A 156 26.23 -26.61 4.93
CA CYS A 156 26.33 -27.26 6.24
C CYS A 156 25.22 -26.81 7.18
N LEU A 157 24.87 -25.52 7.10
CA LEU A 157 23.77 -25.00 7.92
C LEU A 157 22.46 -25.70 7.58
N ALA A 158 22.20 -25.90 6.29
CA ALA A 158 20.97 -26.59 5.88
C ALA A 158 21.00 -28.05 6.31
N LYS A 159 22.15 -28.71 6.19
CA LYS A 159 22.25 -30.09 6.66
C LYS A 159 21.98 -30.20 8.15
N LYS A 160 22.47 -29.24 8.94
CA LYS A 160 22.28 -29.31 10.39
C LYS A 160 20.86 -28.93 10.79
N LEU A 161 20.28 -27.94 10.12
CA LEU A 161 19.01 -27.38 10.57
C LEU A 161 17.83 -28.30 10.23
N ASN A 162 17.57 -28.50 8.94
CA ASN A 162 16.57 -29.45 8.47
C ASN A 162 15.18 -29.20 9.06
N LYS A 163 14.76 -27.92 9.12
CA LYS A 163 13.38 -27.64 9.49
C LYS A 163 12.42 -27.91 8.34
N PHE A 164 12.92 -27.93 7.11
CA PHE A 164 12.08 -28.16 5.95
C PHE A 164 11.60 -29.60 5.88
N MET C 1 0.08 12.68 3.12
CA MET C 1 1.23 11.83 3.37
C MET C 1 0.99 10.41 2.83
N PRO C 2 2.02 9.82 2.24
CA PRO C 2 1.87 8.48 1.65
C PRO C 2 1.53 7.45 2.71
N MET C 3 0.74 6.46 2.29
CA MET C 3 0.29 5.41 3.19
C MET C 3 1.10 4.14 3.01
N THR C 4 1.46 3.54 4.14
CA THR C 4 2.12 2.24 4.16
C THR C 4 1.43 1.35 5.18
N VAL C 5 1.38 0.05 4.91
CA VAL C 5 0.73 -0.91 5.78
C VAL C 5 1.63 -2.14 5.93
N ILE C 6 1.68 -2.67 7.14
CA ILE C 6 2.50 -3.84 7.45
C ILE C 6 1.61 -4.89 8.10
N THR C 7 1.72 -6.14 7.64
CA THR C 7 1.01 -7.26 8.23
C THR C 7 1.98 -8.17 8.96
N LEU C 8 1.47 -8.84 9.99
CA LEU C 8 2.25 -9.77 10.78
C LEU C 8 1.42 -10.99 11.13
N LYS C 9 2.09 -12.11 11.36
CA LYS C 9 1.47 -13.26 12.01
C LYS C 9 2.56 -14.23 12.43
N ASN C 10 2.26 -15.00 13.47
CA ASN C 10 3.17 -16.01 14.02
C ASN C 10 4.50 -15.37 14.45
N VAL C 11 4.43 -14.16 14.99
CA VAL C 11 5.63 -13.43 15.39
C VAL C 11 5.58 -13.21 16.89
N PRO C 12 6.74 -13.00 17.53
CA PRO C 12 6.75 -12.75 18.97
C PRO C 12 5.90 -11.55 19.35
N GLN C 13 5.23 -11.65 20.49
CA GLN C 13 4.29 -10.63 20.92
C GLN C 13 4.95 -9.27 21.12
N SER C 14 6.25 -9.25 21.40
CA SER C 14 6.95 -7.98 21.57
C SER C 14 6.88 -7.16 20.28
N LEU C 15 7.13 -7.80 19.14
CA LEU C 15 7.04 -7.10 17.86
C LEU C 15 5.61 -6.67 17.58
N ARG C 16 4.64 -7.55 17.87
CA ARG C 16 3.25 -7.24 17.63
C ARG C 16 2.78 -6.02 18.40
N GLY C 17 3.49 -5.66 19.48
CA GLY C 17 3.18 -4.45 20.21
C GLY C 17 4.14 -3.32 19.88
N ASP C 18 5.37 -3.68 19.47
CA ASP C 18 6.37 -2.64 19.21
C ASP C 18 5.94 -1.73 18.07
N LEU C 19 5.41 -2.30 17.00
CA LEU C 19 4.98 -1.48 15.86
C LEU C 19 3.82 -0.56 16.22
N THR C 20 3.06 -0.89 17.26
CA THR C 20 1.95 -0.04 17.66
C THR C 20 2.40 1.34 18.10
N ARG C 21 3.67 1.49 18.49
CA ARG C 21 4.22 2.82 18.74
C ARG C 21 4.21 3.68 17.49
N TRP C 22 4.32 3.07 16.31
CA TRP C 22 4.30 3.75 15.03
C TRP C 22 2.98 3.57 14.28
N MET C 23 2.53 2.34 14.11
CA MET C 23 1.44 2.00 13.21
C MET C 23 0.27 1.44 14.00
N GLN C 24 -0.93 1.95 13.70
CA GLN C 24 -2.13 1.44 14.33
C GLN C 24 -2.40 0.01 13.86
N GLU C 25 -3.12 -0.74 14.67
CA GLU C 25 -3.39 -2.16 14.43
C GLU C 25 -4.89 -2.37 14.26
N ILE C 26 -5.33 -2.52 13.02
CA ILE C 26 -6.76 -2.71 12.75
C ILE C 26 -7.25 -4.02 13.35
N ALA C 27 -6.54 -5.11 13.07
CA ALA C 27 -6.96 -6.44 13.50
C ALA C 27 -5.70 -7.24 13.83
N THR C 28 -5.86 -8.55 13.94
CA THR C 28 -4.76 -9.43 14.31
C THR C 28 -3.62 -9.34 13.30
N GLY C 29 -2.51 -8.74 13.71
CA GLY C 29 -1.30 -8.71 12.90
C GLY C 29 -1.41 -7.94 11.59
N VAL C 30 -2.13 -6.82 11.59
CA VAL C 30 -2.20 -5.93 10.45
C VAL C 30 -2.05 -4.50 10.94
N TYR C 31 -1.34 -3.68 10.19
CA TYR C 31 -1.02 -2.33 10.62
C TYR C 31 -1.14 -1.36 9.45
N VAL C 32 -1.42 -0.10 9.76
CA VAL C 32 -1.48 0.98 8.79
C VAL C 32 -0.64 2.13 9.30
N GLY C 33 -0.11 2.93 8.38
CA GLY C 33 0.71 4.06 8.79
C GLY C 33 0.93 5.04 7.65
N ASN C 34 1.17 6.28 8.04
CA ASN C 34 1.51 7.36 7.12
C ASN C 34 2.87 7.92 7.53
N PHE C 35 3.94 7.38 6.95
CA PHE C 35 5.30 7.77 7.27
C PHE C 35 6.00 8.27 6.02
N ASN C 36 7.02 9.10 6.24
CA ASN C 36 7.90 9.48 5.15
C ASN C 36 8.68 8.25 4.66
N SER C 37 9.09 8.29 3.40
CA SER C 37 9.82 7.16 2.82
C SER C 37 11.08 6.85 3.62
N ARG C 38 11.67 7.85 4.28
CA ARG C 38 12.82 7.61 5.14
C ARG C 38 12.45 6.74 6.33
N ILE C 39 11.28 6.98 6.92
CA ILE C 39 10.87 6.24 8.12
C ILE C 39 10.51 4.80 7.76
N ARG C 40 10.17 4.54 6.50
CA ARG C 40 9.65 3.23 6.12
C ARG C 40 10.68 2.12 6.33
N GLU C 41 11.90 2.32 5.84
CA GLU C 41 12.90 1.27 5.98
C GLU C 41 13.27 1.04 7.44
N TYR C 42 13.33 2.12 8.24
CA TYR C 42 13.68 1.99 9.64
C TYR C 42 12.68 1.09 10.38
N LEU C 43 11.39 1.30 10.13
CA LEU C 43 10.39 0.37 10.66
C LEU C 43 10.57 -1.02 10.06
N TRP C 44 10.83 -1.10 8.76
CA TRP C 44 11.00 -2.39 8.12
C TRP C 44 12.28 -3.07 8.56
N ARG C 45 13.36 -2.30 8.75
CA ARG C 45 14.61 -2.88 9.22
C ARG C 45 14.44 -3.51 10.60
N ARG C 46 13.71 -2.84 11.49
CA ARG C 46 13.31 -3.48 12.73
C ARG C 46 12.53 -4.76 12.46
N VAL C 47 11.54 -4.67 11.58
CA VAL C 47 10.78 -5.86 11.19
C VAL C 47 11.68 -6.86 10.48
N GLN C 48 12.76 -6.39 9.87
CA GLN C 48 13.69 -7.32 9.23
C GLN C 48 14.42 -8.19 10.24
N GLU C 49 14.50 -7.75 11.50
CA GLU C 49 15.28 -8.51 12.48
C GLU C 49 14.46 -8.89 13.70
N THR C 50 13.60 -7.98 14.19
CA THR C 50 12.73 -8.29 15.32
C THR C 50 11.66 -9.30 14.96
N MET C 51 11.52 -9.62 13.67
CA MET C 51 10.51 -10.55 13.17
C MET C 51 10.54 -11.91 13.85
N GLY C 52 11.72 -12.45 14.14
CA GLY C 52 11.72 -13.83 14.60
C GLY C 52 11.18 -14.74 13.52
N ALA C 53 10.72 -15.91 13.94
CA ALA C 53 9.98 -16.78 13.04
C ALA C 53 8.58 -16.21 12.80
N GLY C 54 7.98 -16.61 11.69
CA GLY C 54 6.60 -16.25 11.45
C GLY C 54 6.37 -15.92 9.98
N GLU C 55 5.71 -14.78 9.75
CA GLU C 55 5.37 -14.34 8.40
C GLU C 55 4.95 -12.88 8.46
N ALA C 56 5.43 -12.09 7.51
CA ALA C 56 5.07 -10.68 7.44
C ALA C 56 5.18 -10.19 6.01
N SER C 57 4.51 -9.08 5.73
CA SER C 57 4.54 -8.44 4.43
C SER C 57 4.15 -6.98 4.60
N MET C 58 4.48 -6.17 3.59
CA MET C 58 4.27 -4.73 3.67
C MET C 58 3.84 -4.18 2.32
N CYS C 59 2.87 -3.26 2.38
CA CYS C 59 2.44 -2.48 1.22
C CYS C 59 2.61 -1.01 1.53
N PHE C 60 2.80 -0.21 0.48
CA PHE C 60 3.14 1.19 0.65
C PHE C 60 2.84 1.94 -0.64
N ALA C 61 2.76 3.26 -0.53
CA ALA C 61 2.65 4.10 -1.72
C ALA C 61 3.89 3.93 -2.58
N ALA C 62 3.67 3.74 -3.88
CA ALA C 62 4.76 3.47 -4.81
C ALA C 62 4.52 4.23 -6.10
N ARG C 63 5.58 4.37 -6.88
CA ARG C 63 5.50 5.10 -8.15
C ARG C 63 5.10 4.22 -9.32
N ASN C 64 4.87 2.93 -9.09
CA ASN C 64 4.31 2.09 -10.14
C ASN C 64 2.92 2.57 -10.50
N GLU C 65 2.54 2.33 -11.76
CA GLU C 65 1.30 2.90 -12.28
C GLU C 65 0.05 2.31 -11.64
N LEU C 66 0.15 1.22 -10.87
CA LEU C 66 -0.98 0.81 -10.03
C LEU C 66 -1.12 1.73 -8.83
N GLY C 67 0.00 2.04 -8.17
CA GLY C 67 -0.03 2.91 -7.01
C GLY C 67 0.63 2.31 -5.78
N TYR C 68 0.98 1.03 -5.83
CA TYR C 68 1.57 0.35 -4.68
C TYR C 68 2.57 -0.69 -5.16
N ASP C 69 3.45 -1.10 -4.23
CA ASP C 69 4.41 -2.16 -4.48
C ASP C 69 4.46 -3.06 -3.25
N PHE C 70 4.93 -4.29 -3.46
CA PHE C 70 4.79 -5.36 -2.50
C PHE C 70 6.16 -5.81 -2.01
N LEU C 71 6.26 -6.09 -0.71
CA LEU C 71 7.44 -6.71 -0.12
C LEU C 71 7.02 -7.87 0.76
N THR C 72 7.54 -9.05 0.46
CA THR C 72 7.25 -10.27 1.21
C THR C 72 8.56 -11.01 1.51
N GLU C 73 8.65 -11.58 2.70
CA GLU C 73 9.82 -12.35 3.09
C GLU C 73 9.38 -13.65 3.76
N ASN C 74 9.93 -14.77 3.29
CA ASN C 74 9.56 -16.11 3.71
C ASN C 74 8.04 -16.22 3.90
N ALA C 75 7.31 -15.89 2.84
CA ALA C 75 5.86 -15.92 2.86
C ALA C 75 5.36 -16.89 1.81
N SER C 76 4.28 -17.61 2.16
CA SER C 76 3.63 -18.46 1.17
C SER C 76 3.04 -17.61 0.04
N ARG C 77 2.86 -16.32 0.29
CA ARG C 77 2.36 -15.39 -0.73
C ARG C 77 3.54 -14.64 -1.33
N SER C 78 4.25 -15.32 -2.22
CA SER C 78 5.38 -14.72 -2.88
C SER C 78 4.92 -13.62 -3.83
N VAL C 79 5.71 -12.55 -3.90
CA VAL C 79 5.44 -11.47 -4.84
C VAL C 79 6.28 -11.68 -6.09
N ILE C 80 5.62 -11.65 -7.24
CA ILE C 80 6.28 -11.82 -8.53
C ILE C 80 5.83 -10.70 -9.46
N ASP C 81 6.77 -10.06 -10.13
CA ASP C 81 6.44 -9.01 -11.06
C ASP C 81 5.78 -9.57 -12.31
N TYR C 82 4.90 -8.78 -12.91
CA TYR C 82 4.31 -9.08 -14.21
C TYR C 82 4.50 -7.84 -15.07
N ASP C 83 5.68 -7.76 -15.70
CA ASP C 83 6.07 -6.59 -16.49
C ASP C 83 5.96 -5.31 -15.65
N GLY C 84 6.74 -5.28 -14.58
CA GLY C 84 6.71 -4.14 -13.68
C GLY C 84 5.38 -3.95 -12.97
N LEU C 85 4.82 -5.04 -12.45
CA LEU C 85 3.52 -4.98 -11.80
C LEU C 85 3.50 -5.98 -10.66
N PRO C 86 3.16 -5.55 -9.44
CA PRO C 86 3.20 -6.46 -8.28
C PRO C 86 1.97 -7.37 -8.25
N LEU C 87 2.22 -8.67 -8.08
CA LEU C 87 1.16 -9.65 -7.95
C LEU C 87 1.52 -10.66 -6.86
N ILE C 88 0.49 -11.28 -6.30
CA ILE C 88 0.67 -12.26 -5.23
C ILE C 88 0.71 -13.66 -5.82
N PHE C 89 1.79 -14.38 -5.57
CA PHE C 89 1.92 -15.76 -6.02
C PHE C 89 1.66 -16.70 -4.85
N ILE C 90 0.76 -17.67 -5.07
CA ILE C 90 0.45 -18.67 -4.06
C ILE C 90 0.80 -20.04 -4.61
N PRO C 91 2.04 -20.51 -4.41
CA PRO C 91 2.40 -21.85 -4.90
C PRO C 91 1.56 -22.91 -4.21
N LYS C 92 1.19 -23.92 -4.98
CA LYS C 92 0.41 -25.03 -4.44
C LYS C 92 1.31 -26.02 -3.71
N GLU C 93 0.76 -26.64 -2.68
CA GLU C 93 1.52 -27.57 -1.85
C GLU C 93 1.75 -28.89 -2.58
N MET D 1 -3.50 10.13 -4.58
CA MET D 1 -4.75 9.39 -4.56
C MET D 1 -4.80 8.52 -3.30
N PRO D 2 -5.81 8.74 -2.46
CA PRO D 2 -5.84 8.08 -1.14
C PRO D 2 -5.82 6.56 -1.25
N MET D 3 -5.14 5.93 -0.31
CA MET D 3 -4.97 4.49 -0.23
C MET D 3 -6.14 3.87 0.53
N THR D 4 -6.45 2.62 0.18
CA THR D 4 -7.55 1.88 0.80
C THR D 4 -7.03 0.56 1.35
N VAL D 5 -7.49 0.21 2.55
CA VAL D 5 -7.09 -1.03 3.23
C VAL D 5 -8.35 -1.75 3.67
N ILE D 6 -8.41 -3.05 3.42
CA ILE D 6 -9.59 -3.85 3.72
C ILE D 6 -9.17 -5.08 4.52
N THR D 7 -9.88 -5.33 5.63
CA THR D 7 -9.70 -6.53 6.44
C THR D 7 -11.01 -7.28 6.55
N LEU D 8 -10.92 -8.60 6.73
CA LEU D 8 -12.10 -9.45 6.80
C LEU D 8 -11.88 -10.57 7.81
N LYS D 9 -12.84 -10.71 8.72
CA LYS D 9 -12.89 -11.82 9.68
C LYS D 9 -14.25 -12.49 9.56
N ASN D 10 -14.24 -13.81 9.34
CA ASN D 10 -15.46 -14.63 9.33
C ASN D 10 -16.46 -14.09 8.31
N VAL D 11 -16.00 -13.95 7.07
CA VAL D 11 -16.82 -13.43 5.98
C VAL D 11 -17.05 -14.56 4.99
N PRO D 12 -18.20 -14.62 4.32
CA PRO D 12 -18.41 -15.68 3.32
C PRO D 12 -17.34 -15.66 2.25
N GLN D 13 -16.92 -16.86 1.83
CA GLN D 13 -15.80 -16.99 0.90
C GLN D 13 -16.10 -16.36 -0.45
N SER D 14 -17.36 -16.20 -0.82
CA SER D 14 -17.69 -15.59 -2.11
C SER D 14 -17.17 -14.17 -2.17
N LEU D 15 -17.43 -13.38 -1.12
CA LEU D 15 -16.92 -12.02 -1.09
C LEU D 15 -15.40 -11.99 -1.02
N ARG D 16 -14.81 -12.95 -0.31
CA ARG D 16 -13.35 -13.00 -0.20
C ARG D 16 -12.70 -13.14 -1.56
N GLY D 17 -13.24 -14.01 -2.42
CA GLY D 17 -12.72 -14.14 -3.77
C GLY D 17 -13.21 -13.08 -4.72
N ASP D 18 -14.40 -12.52 -4.48
CA ASP D 18 -14.94 -11.52 -5.38
C ASP D 18 -14.17 -10.21 -5.29
N LEU D 19 -13.84 -9.79 -4.06
CA LEU D 19 -13.17 -8.51 -3.89
C LEU D 19 -11.74 -8.52 -4.41
N THR D 20 -11.18 -9.68 -4.72
CA THR D 20 -9.86 -9.74 -5.33
C THR D 20 -9.83 -9.03 -6.69
N ARG D 21 -10.99 -8.89 -7.34
CA ARG D 21 -11.05 -8.18 -8.60
C ARG D 21 -10.79 -6.68 -8.46
N TRP D 22 -10.78 -6.17 -7.23
CA TRP D 22 -10.46 -4.78 -6.97
C TRP D 22 -9.14 -4.60 -6.21
N MET D 23 -8.94 -5.34 -5.13
CA MET D 23 -7.73 -5.26 -4.32
C MET D 23 -6.90 -6.54 -4.50
N GLN D 24 -5.62 -6.42 -4.16
CA GLN D 24 -4.78 -7.58 -3.99
C GLN D 24 -4.74 -7.98 -2.52
N GLU D 25 -4.48 -9.26 -2.27
CA GLU D 25 -4.47 -9.80 -0.92
C GLU D 25 -3.03 -9.92 -0.43
N ILE D 26 -2.59 -8.93 0.36
CA ILE D 26 -1.27 -9.01 0.97
C ILE D 26 -1.22 -10.16 1.97
N ALA D 27 -2.28 -10.33 2.76
CA ALA D 27 -2.39 -11.42 3.71
C ALA D 27 -3.82 -11.95 3.68
N THR D 28 -3.99 -13.17 4.16
CA THR D 28 -5.32 -13.78 4.18
C THR D 28 -6.30 -12.91 4.95
N GLY D 29 -7.48 -12.68 4.36
CA GLY D 29 -8.46 -11.81 4.95
C GLY D 29 -8.06 -10.35 5.00
N VAL D 30 -7.02 -9.94 4.28
CA VAL D 30 -6.53 -8.57 4.28
C VAL D 30 -6.36 -8.13 2.84
N TYR D 31 -6.99 -7.02 2.48
CA TYR D 31 -7.00 -6.53 1.10
C TYR D 31 -6.60 -5.06 1.09
N VAL D 32 -6.02 -4.63 -0.03
CA VAL D 32 -5.47 -3.28 -0.14
C VAL D 32 -5.50 -2.84 -1.60
N GLY D 33 -5.76 -1.56 -1.81
CA GLY D 33 -5.78 -0.99 -3.14
C GLY D 33 -5.78 0.53 -3.08
N ASN D 34 -5.69 1.15 -4.24
CA ASN D 34 -5.56 2.59 -4.38
C ASN D 34 -6.72 3.12 -5.23
N PHE D 35 -7.80 3.54 -4.57
CA PHE D 35 -8.94 4.07 -5.31
C PHE D 35 -9.17 5.54 -4.97
N ASN D 36 -10.22 6.14 -5.53
CA ASN D 36 -10.61 7.49 -5.16
C ASN D 36 -11.65 7.47 -4.05
N SER D 37 -12.26 8.62 -3.76
CA SER D 37 -13.30 8.66 -2.75
C SER D 37 -14.58 7.97 -3.21
N ARG D 38 -14.94 8.14 -4.48
CA ARG D 38 -16.20 7.57 -4.97
C ARG D 38 -16.12 6.05 -5.05
N ILE D 39 -15.06 5.51 -5.65
CA ILE D 39 -14.99 4.08 -5.91
C ILE D 39 -14.90 3.30 -4.59
N ARG D 40 -14.10 3.79 -3.65
CA ARG D 40 -13.93 3.07 -2.38
C ARG D 40 -15.26 2.91 -1.67
N GLU D 41 -16.06 3.98 -1.61
CA GLU D 41 -17.31 3.94 -0.87
C GLU D 41 -18.28 2.93 -1.48
N TYR D 42 -18.30 2.82 -2.81
CA TYR D 42 -19.15 1.81 -3.44
C TYR D 42 -18.69 0.41 -3.09
N LEU D 43 -17.38 0.19 -2.98
CA LEU D 43 -16.88 -1.10 -2.53
C LEU D 43 -17.32 -1.39 -1.10
N TRP D 44 -17.54 -0.35 -0.29
CA TRP D 44 -18.17 -0.55 1.01
C TRP D 44 -19.59 -1.06 0.85
N ARG D 45 -20.33 -0.54 -0.13
CA ARG D 45 -21.70 -0.98 -0.33
C ARG D 45 -21.74 -2.45 -0.73
N ARG D 46 -20.68 -2.94 -1.37
CA ARG D 46 -20.60 -4.36 -1.69
C ARG D 46 -20.40 -5.20 -0.44
N VAL D 47 -19.41 -4.84 0.38
CA VAL D 47 -19.10 -5.67 1.54
C VAL D 47 -20.20 -5.57 2.59
N GLN D 48 -20.79 -4.39 2.76
CA GLN D 48 -21.81 -4.22 3.78
C GLN D 48 -23.05 -5.05 3.51
N GLU D 49 -23.32 -5.40 2.25
CA GLU D 49 -24.51 -6.15 1.88
C GLU D 49 -24.20 -7.60 1.51
N THR D 50 -22.97 -8.06 1.75
CA THR D 50 -22.62 -9.45 1.52
C THR D 50 -21.87 -10.09 2.68
N MET D 51 -21.26 -9.31 3.58
CA MET D 51 -20.60 -9.87 4.74
C MET D 51 -21.58 -10.61 5.63
N GLY D 52 -22.76 -10.04 5.85
CA GLY D 52 -23.73 -10.65 6.75
C GLY D 52 -23.17 -10.69 8.16
N ALA D 53 -23.17 -11.89 8.75
CA ALA D 53 -22.60 -12.10 10.08
C ALA D 53 -21.10 -12.28 9.92
N GLY D 54 -20.38 -11.17 9.94
CA GLY D 54 -18.95 -11.19 9.75
C GLY D 54 -18.28 -10.02 10.40
N GLU D 55 -17.07 -9.71 9.91
CA GLU D 55 -16.26 -8.64 10.47
C GLU D 55 -15.43 -8.01 9.36
N ALA D 56 -15.50 -6.68 9.25
CA ALA D 56 -14.77 -5.96 8.22
C ALA D 56 -14.45 -4.55 8.71
N SER D 57 -13.29 -4.05 8.32
CA SER D 57 -12.90 -2.68 8.66
C SER D 57 -12.01 -2.15 7.55
N MET D 58 -12.00 -0.82 7.40
CA MET D 58 -11.15 -0.17 6.42
C MET D 58 -10.52 1.09 6.98
N CYS D 59 -9.44 1.51 6.31
CA CYS D 59 -8.79 2.79 6.54
C CYS D 59 -8.53 3.46 5.20
N PHE D 60 -8.68 4.79 5.19
CA PHE D 60 -8.40 5.57 3.98
C PHE D 60 -7.90 6.93 4.41
N ALA D 61 -7.12 7.56 3.55
CA ALA D 61 -6.54 8.86 3.86
C ALA D 61 -7.64 9.89 4.08
N ALA D 62 -7.42 10.77 5.04
CA ALA D 62 -8.39 11.79 5.40
C ALA D 62 -7.66 13.03 5.89
N ARG D 63 -8.44 14.06 6.23
CA ARG D 63 -7.89 15.36 6.64
C ARG D 63 -7.72 15.41 8.16
N ASN D 64 -7.03 14.39 8.67
CA ASN D 64 -6.62 14.35 10.06
C ASN D 64 -5.10 14.25 10.12
N GLU D 65 -4.51 14.81 11.18
CA GLU D 65 -3.05 14.85 11.27
C GLU D 65 -2.46 13.44 11.30
N LEU D 66 -3.19 12.46 11.81
CA LEU D 66 -2.74 11.08 11.71
C LEU D 66 -2.67 10.62 10.27
N GLY D 67 -3.48 11.23 9.39
CA GLY D 67 -3.40 10.99 7.97
C GLY D 67 -4.44 10.04 7.41
N TYR D 68 -5.26 9.43 8.26
CA TYR D 68 -6.25 8.47 7.78
C TYR D 68 -7.39 8.39 8.78
N ASP D 69 -8.57 8.07 8.28
CA ASP D 69 -9.75 7.88 9.10
C ASP D 69 -10.16 6.41 9.07
N PHE D 70 -10.63 5.91 10.21
CA PHE D 70 -10.99 4.51 10.31
C PHE D 70 -12.44 4.29 9.91
N LEU D 71 -12.67 3.17 9.23
CA LEU D 71 -14.03 2.75 8.88
C LEU D 71 -14.21 1.30 9.29
N THR D 72 -15.34 1.01 9.94
CA THR D 72 -15.52 -0.25 10.64
C THR D 72 -17.01 -0.56 10.74
N GLU D 73 -17.36 -1.83 10.53
CA GLU D 73 -18.72 -2.28 10.73
C GLU D 73 -18.69 -3.72 11.24
N ASN D 74 -19.32 -3.94 12.40
CA ASN D 74 -19.46 -5.26 12.99
C ASN D 74 -18.09 -5.95 13.13
N ALA D 75 -17.22 -5.33 13.92
CA ALA D 75 -15.87 -5.84 14.12
C ALA D 75 -15.55 -5.91 15.60
N SER D 76 -14.69 -6.86 15.95
CA SER D 76 -14.25 -6.97 17.34
C SER D 76 -13.50 -5.73 17.78
N ARG D 77 -12.61 -5.22 16.93
CA ARG D 77 -11.81 -4.04 17.25
C ARG D 77 -12.59 -2.80 16.84
N SER D 78 -13.35 -2.25 17.78
CA SER D 78 -14.09 -1.04 17.53
C SER D 78 -13.14 0.15 17.40
N VAL D 79 -13.71 1.31 17.08
CA VAL D 79 -12.96 2.54 16.92
C VAL D 79 -13.48 3.57 17.92
N ILE D 80 -12.56 4.28 18.55
CA ILE D 80 -12.89 5.30 19.55
C ILE D 80 -12.30 6.63 19.11
N ASP D 81 -13.08 7.69 19.26
CA ASP D 81 -12.68 9.04 18.85
C ASP D 81 -11.99 9.72 20.02
N TYR D 82 -10.69 9.96 19.88
CA TYR D 82 -9.91 10.70 20.87
C TYR D 82 -9.66 12.09 20.33
N ASP D 83 -10.62 12.99 20.55
CA ASP D 83 -10.53 14.38 20.10
C ASP D 83 -10.24 14.47 18.60
N GLY D 84 -10.90 13.61 17.83
CA GLY D 84 -10.75 13.59 16.39
C GLY D 84 -9.72 12.59 15.87
N LEU D 85 -8.86 12.09 16.74
CA LEU D 85 -7.85 11.13 16.32
C LEU D 85 -8.41 9.73 16.38
N PRO D 86 -8.49 9.01 15.26
CA PRO D 86 -9.05 7.65 15.27
C PRO D 86 -8.03 6.65 15.81
N LEU D 87 -8.35 6.00 16.92
CA LEU D 87 -7.48 4.99 17.51
C LEU D 87 -8.28 3.72 17.77
N ILE D 88 -7.60 2.58 17.63
CA ILE D 88 -8.23 1.27 17.74
C ILE D 88 -8.65 0.98 19.16
N PHE D 89 -9.95 0.80 19.37
CA PHE D 89 -10.46 0.32 20.64
C PHE D 89 -10.58 -1.19 20.61
N ILE D 90 -9.97 -1.87 21.59
CA ILE D 90 -10.04 -3.31 21.70
C ILE D 90 -10.72 -3.65 23.01
N PRO D 91 -11.93 -4.22 22.99
CA PRO D 91 -12.57 -4.63 24.24
C PRO D 91 -11.80 -5.77 24.89
N LYS D 92 -11.84 -5.79 26.23
CA LYS D 92 -11.10 -6.74 27.01
C LYS D 92 -12.07 -7.63 27.80
N GLU D 93 -11.49 -8.62 28.48
CA GLU D 93 -12.26 -9.54 29.31
C GLU D 93 -12.94 -8.81 30.46
N ASP E 20 -24.05 -20.43 -49.24
CA ASP E 20 -23.91 -19.44 -48.18
C ASP E 20 -24.57 -19.91 -46.89
N ARG E 21 -24.02 -20.98 -46.31
CA ARG E 21 -24.55 -21.55 -45.07
C ARG E 21 -23.62 -21.19 -43.91
N ALA E 22 -24.22 -20.74 -42.82
CA ALA E 22 -23.50 -20.46 -41.59
C ALA E 22 -23.84 -21.52 -40.56
N THR E 23 -22.82 -22.08 -39.92
CA THR E 23 -23.01 -23.11 -38.91
C THR E 23 -22.97 -22.44 -37.54
N PHE E 24 -24.12 -22.41 -36.87
CA PHE E 24 -24.22 -21.86 -35.52
C PHE E 24 -24.14 -22.99 -34.50
N ILE E 25 -22.94 -23.57 -34.42
CA ILE E 25 -22.72 -24.72 -33.55
C ILE E 25 -22.75 -24.27 -32.10
N TYR E 26 -23.49 -25.01 -31.28
CA TYR E 26 -23.57 -24.77 -29.85
C TYR E 26 -22.91 -25.93 -29.10
N ILE E 27 -22.08 -25.59 -28.11
CA ILE E 27 -21.35 -26.58 -27.34
C ILE E 27 -21.49 -26.27 -25.86
N GLU E 28 -21.61 -27.32 -25.04
CA GLU E 28 -21.79 -27.17 -23.61
C GLU E 28 -20.95 -28.21 -22.88
N HIS E 29 -20.47 -27.84 -21.69
CA HIS E 29 -19.75 -28.75 -20.80
C HIS E 29 -18.58 -29.41 -21.51
N ALA E 30 -17.77 -28.62 -22.20
CA ALA E 30 -16.71 -29.16 -23.05
C ALA E 30 -15.41 -28.40 -22.89
N LYS E 31 -14.31 -29.10 -23.14
CA LYS E 31 -12.99 -28.51 -23.26
C LYS E 31 -12.54 -28.66 -24.71
N ILE E 32 -12.19 -27.54 -25.34
CA ILE E 32 -11.97 -27.49 -26.78
C ILE E 32 -10.52 -27.13 -27.06
N ASN E 33 -9.88 -27.92 -27.92
CA ASN E 33 -8.51 -27.68 -28.37
C ASN E 33 -8.39 -28.19 -29.80
N ARG E 34 -7.16 -28.29 -30.29
CA ARG E 34 -6.88 -28.80 -31.62
C ARG E 34 -5.78 -29.85 -31.54
N VAL E 35 -5.85 -30.84 -32.44
CA VAL E 35 -4.84 -31.90 -32.45
C VAL E 35 -3.75 -31.55 -33.45
N ASP E 36 -4.08 -31.50 -34.73
CA ASP E 36 -3.14 -31.08 -35.76
C ASP E 36 -3.64 -29.86 -36.53
N SER E 37 -4.83 -29.95 -37.13
CA SER E 37 -5.39 -28.84 -37.89
C SER E 37 -6.90 -28.70 -37.73
N ALA E 38 -7.53 -29.51 -36.88
CA ALA E 38 -8.97 -29.50 -36.71
C ALA E 38 -9.31 -29.33 -35.24
N VAL E 39 -10.46 -28.70 -34.99
CA VAL E 39 -10.90 -28.47 -33.62
C VAL E 39 -11.42 -29.77 -33.02
N THR E 40 -10.90 -30.14 -31.86
CA THR E 40 -11.38 -31.29 -31.13
C THR E 40 -12.03 -30.84 -29.83
N VAL E 41 -13.19 -31.42 -29.53
CA VAL E 41 -14.03 -31.02 -28.42
C VAL E 41 -14.07 -32.15 -27.41
N ALA E 42 -13.53 -31.90 -26.21
CA ALA E 42 -13.54 -32.88 -25.14
C ALA E 42 -14.65 -32.59 -24.14
N GLU E 43 -15.87 -32.96 -24.51
CA GLU E 43 -17.03 -32.70 -23.67
C GLU E 43 -17.20 -33.83 -22.65
N ALA E 44 -18.35 -33.81 -21.96
CA ALA E 44 -18.56 -34.72 -20.83
C ALA E 44 -18.63 -36.17 -21.27
N LYS E 45 -19.45 -36.48 -22.26
CA LYS E 45 -19.75 -37.86 -22.63
C LYS E 45 -19.09 -38.29 -23.94
N GLY E 46 -17.90 -37.77 -24.23
CA GLY E 46 -17.17 -38.18 -25.41
C GLY E 46 -16.34 -37.04 -25.95
N VAL E 47 -15.72 -37.28 -27.10
CA VAL E 47 -14.84 -36.33 -27.75
C VAL E 47 -15.26 -36.16 -29.21
N VAL E 48 -15.40 -34.92 -29.65
CA VAL E 48 -15.80 -34.58 -31.01
C VAL E 48 -14.63 -33.90 -31.70
N ARG E 49 -14.47 -34.18 -33.00
CA ARG E 49 -13.34 -33.71 -33.80
C ARG E 49 -13.84 -32.98 -35.04
N ILE E 50 -14.75 -32.03 -34.84
CA ILE E 50 -15.32 -31.31 -35.98
C ILE E 50 -14.24 -30.51 -36.69
N PRO E 51 -14.18 -30.51 -38.02
CA PRO E 51 -13.18 -29.71 -38.72
C PRO E 51 -13.39 -28.22 -38.49
N ALA E 52 -12.28 -27.48 -38.50
CA ALA E 52 -12.32 -26.04 -38.27
C ALA E 52 -12.99 -25.29 -39.41
N ALA E 53 -12.94 -25.81 -40.63
CA ALA E 53 -13.57 -25.14 -41.75
C ALA E 53 -15.07 -25.00 -41.57
N MET E 54 -15.71 -26.05 -41.05
CA MET E 54 -17.16 -26.03 -40.86
C MET E 54 -17.56 -24.97 -39.84
N ILE E 55 -16.78 -24.80 -38.78
CA ILE E 55 -17.15 -23.91 -37.69
C ILE E 55 -17.09 -22.47 -38.20
N GLY E 56 -18.24 -21.87 -38.44
CA GLY E 56 -18.31 -20.48 -38.81
C GLY E 56 -18.66 -19.61 -37.63
N VAL E 57 -19.66 -20.02 -36.86
CA VAL E 57 -20.08 -19.33 -35.65
C VAL E 57 -20.24 -20.37 -34.55
N LEU E 58 -19.53 -20.18 -33.45
CA LEU E 58 -19.55 -21.12 -32.34
C LEU E 58 -20.35 -20.50 -31.19
N LEU E 59 -21.20 -21.31 -30.57
CA LEU E 59 -21.97 -20.86 -29.41
C LEU E 59 -21.44 -21.58 -28.18
N LEU E 60 -20.70 -20.86 -27.34
CA LEU E 60 -20.04 -21.44 -26.18
C LEU E 60 -20.98 -21.35 -24.98
N GLY E 61 -21.48 -22.50 -24.53
CA GLY E 61 -22.38 -22.56 -23.42
C GLY E 61 -21.65 -22.54 -22.09
N PRO E 62 -22.40 -22.65 -20.99
CA PRO E 62 -21.79 -22.59 -19.67
C PRO E 62 -20.85 -23.76 -19.42
N GLY E 63 -19.83 -23.51 -18.61
CA GLY E 63 -18.88 -24.55 -18.25
C GLY E 63 -18.13 -25.12 -19.43
N THR E 64 -17.67 -24.26 -20.34
CA THR E 64 -16.91 -24.68 -21.51
C THR E 64 -15.54 -24.05 -21.48
N ASP E 65 -14.52 -24.83 -21.81
CA ASP E 65 -13.13 -24.40 -21.75
C ASP E 65 -12.55 -24.35 -23.16
N ILE E 66 -11.66 -23.37 -23.38
CA ILE E 66 -11.07 -23.12 -24.68
C ILE E 66 -9.56 -23.10 -24.55
N SER E 67 -8.87 -23.74 -25.50
CA SER E 67 -7.43 -23.76 -25.53
C SER E 67 -6.90 -22.75 -26.55
N HIS E 68 -5.70 -22.25 -26.29
CA HIS E 68 -5.14 -21.19 -27.15
C HIS E 68 -4.91 -21.69 -28.56
N ARG E 69 -4.42 -22.92 -28.71
CA ARG E 69 -4.15 -23.44 -30.04
C ARG E 69 -5.42 -23.51 -30.88
N ALA E 70 -6.54 -23.90 -30.25
CA ALA E 70 -7.82 -23.88 -30.95
C ALA E 70 -8.19 -22.47 -31.37
N VAL E 71 -7.93 -21.49 -30.51
CA VAL E 71 -8.19 -20.10 -30.86
C VAL E 71 -7.38 -19.68 -32.07
N GLU E 72 -6.09 -20.04 -32.08
CA GLU E 72 -5.24 -19.70 -33.21
C GLU E 72 -5.75 -20.38 -34.48
N LEU E 73 -6.15 -21.65 -34.39
CA LEU E 73 -6.72 -22.34 -35.53
C LEU E 73 -8.02 -21.69 -35.98
N LEU E 74 -8.89 -21.36 -35.03
CA LEU E 74 -10.17 -20.74 -35.36
C LEU E 74 -10.05 -19.26 -35.66
N GLY E 75 -8.97 -18.62 -35.21
CA GLY E 75 -8.74 -17.23 -35.60
C GLY E 75 -8.44 -17.08 -37.07
N ASP E 76 -7.83 -18.09 -37.68
CA ASP E 76 -7.48 -18.02 -39.09
C ASP E 76 -8.70 -18.19 -40.00
N THR E 77 -9.68 -18.97 -39.58
CA THR E 77 -10.85 -19.24 -40.41
C THR E 77 -11.91 -18.15 -40.33
N GLY E 78 -11.69 -17.11 -39.54
CA GLY E 78 -12.71 -16.09 -39.38
C GLY E 78 -13.90 -16.52 -38.56
N THR E 79 -13.75 -17.59 -37.78
CA THR E 79 -14.85 -18.09 -36.97
C THR E 79 -15.26 -17.04 -35.94
N ALA E 80 -16.57 -16.93 -35.71
CA ALA E 80 -17.13 -15.99 -34.75
C ALA E 80 -17.24 -16.70 -33.40
N LEU E 81 -16.59 -16.13 -32.39
CA LEU E 81 -16.59 -16.70 -31.04
C LEU E 81 -17.46 -15.82 -30.15
N VAL E 82 -18.50 -16.41 -29.56
CA VAL E 82 -19.42 -15.70 -28.70
C VAL E 82 -19.66 -16.53 -27.45
N TRP E 83 -19.45 -15.92 -26.28
CA TRP E 83 -19.74 -16.58 -25.02
C TRP E 83 -21.21 -16.37 -24.66
N VAL E 84 -21.96 -17.47 -24.56
CA VAL E 84 -23.40 -17.41 -24.39
C VAL E 84 -23.83 -18.31 -23.24
N GLY E 85 -25.05 -18.10 -22.78
CA GLY E 85 -25.64 -18.94 -21.77
C GLY E 85 -26.11 -20.27 -22.33
N GLU E 86 -26.80 -21.02 -21.49
CA GLU E 86 -27.26 -22.35 -21.89
C GLU E 86 -28.20 -22.26 -23.07
N GLN E 87 -27.78 -22.85 -24.19
CA GLN E 87 -28.47 -22.71 -25.47
C GLN E 87 -28.65 -21.24 -25.83
N GLY E 88 -27.62 -20.45 -25.56
CA GLY E 88 -27.64 -19.04 -25.88
C GLY E 88 -28.74 -18.26 -25.19
N VAL E 89 -29.07 -18.64 -23.95
CA VAL E 89 -30.12 -17.94 -23.23
C VAL E 89 -29.66 -16.53 -22.84
N ARG E 90 -28.39 -16.38 -22.47
CA ARG E 90 -27.84 -15.09 -22.06
C ARG E 90 -26.49 -14.88 -22.72
N TYR E 91 -26.23 -13.64 -23.13
CA TYR E 91 -24.97 -13.28 -23.78
C TYR E 91 -24.05 -12.59 -22.79
N TYR E 92 -22.78 -12.98 -22.80
CA TYR E 92 -21.78 -12.39 -21.92
C TYR E 92 -20.70 -11.63 -22.68
N ALA E 93 -20.05 -12.26 -23.65
CA ALA E 93 -18.99 -11.59 -24.40
C ALA E 93 -18.92 -12.20 -25.78
N SER E 94 -18.33 -11.45 -26.71
CA SER E 94 -18.26 -11.83 -28.11
C SER E 94 -16.87 -11.56 -28.65
N GLY E 95 -16.52 -12.28 -29.72
CA GLY E 95 -15.25 -12.12 -30.41
C GLY E 95 -15.41 -11.46 -31.75
N ARG E 96 -14.74 -12.02 -32.76
CA ARG E 96 -14.81 -11.47 -34.10
C ARG E 96 -16.12 -11.86 -34.77
N ALA E 97 -16.42 -11.18 -35.88
CA ALA E 97 -17.62 -11.46 -36.65
C ALA E 97 -17.44 -12.72 -37.48
N LEU E 98 -18.51 -13.14 -38.16
CA LEU E 98 -18.46 -14.35 -38.95
C LEU E 98 -17.64 -14.14 -40.21
N ALA E 99 -16.62 -14.99 -40.40
CA ALA E 99 -15.76 -14.96 -41.58
C ALA E 99 -15.10 -13.58 -41.75
N ARG E 100 -14.95 -12.85 -40.65
CA ARG E 100 -14.38 -11.50 -40.63
C ARG E 100 -15.15 -10.52 -41.49
N SER E 101 -16.36 -10.88 -41.93
CA SER E 101 -17.13 -10.01 -42.81
C SER E 101 -17.58 -8.76 -42.07
N THR E 102 -17.86 -7.68 -42.80
CA THR E 102 -18.39 -6.44 -42.15
C THR E 102 -19.43 -5.76 -43.07
N ARG E 103 -19.84 -6.44 -44.14
CA ARG E 103 -20.77 -5.82 -45.12
C ARG E 103 -22.08 -5.48 -44.42
N PHE E 104 -22.58 -6.40 -43.57
CA PHE E 104 -23.89 -6.17 -42.91
C PHE E 104 -23.79 -4.94 -42.02
N LEU E 105 -22.69 -4.82 -41.27
CA LEU E 105 -22.51 -3.67 -40.36
C LEU E 105 -22.49 -2.39 -41.19
N VAL E 106 -21.78 -2.42 -42.32
CA VAL E 106 -21.67 -1.17 -43.13
C VAL E 106 -23.09 -0.81 -43.61
N LYS E 107 -23.82 -1.77 -44.16
CA LYS E 107 -25.17 -1.44 -44.71
C LYS E 107 -26.02 -0.91 -43.55
N GLN E 108 -25.89 -1.55 -42.39
CA GLN E 108 -26.67 -1.13 -41.20
C GLN E 108 -26.38 0.34 -40.92
N ALA E 109 -25.10 0.72 -40.96
CA ALA E 109 -24.74 2.11 -40.62
C ALA E 109 -25.40 3.05 -41.62
N GLU E 110 -25.36 2.69 -42.90
CA GLU E 110 -25.94 3.59 -43.94
C GLU E 110 -27.44 3.72 -43.68
N LEU E 111 -28.12 2.60 -43.42
CA LEU E 111 -29.60 2.66 -43.27
C LEU E 111 -29.99 3.50 -42.06
N VAL E 112 -29.30 3.33 -40.94
CA VAL E 112 -29.69 4.07 -39.70
C VAL E 112 -29.46 5.57 -39.88
N THR E 113 -28.37 5.95 -40.55
CA THR E 113 -28.03 7.40 -40.66
C THR E 113 -29.08 8.21 -41.44
N ASN E 114 -29.62 7.68 -42.54
CA ASN E 114 -30.55 8.52 -43.35
C ASN E 114 -32.00 8.19 -43.00
N GLU E 115 -32.82 9.23 -42.78
CA GLU E 115 -34.24 9.03 -42.39
C GLU E 115 -34.99 8.26 -43.48
N ARG E 116 -34.68 8.53 -44.76
CA ARG E 116 -35.37 7.83 -45.88
C ARG E 116 -35.29 6.32 -45.64
N SER E 117 -34.12 5.83 -45.21
CA SER E 117 -33.97 4.42 -44.90
C SER E 117 -34.36 4.11 -43.47
N ARG E 118 -34.25 5.09 -42.57
CA ARG E 118 -34.67 4.89 -41.18
C ARG E 118 -36.16 4.59 -41.11
N LEU E 119 -36.98 5.35 -41.84
CA LEU E 119 -38.40 5.04 -41.91
C LEU E 119 -38.65 3.69 -42.57
N ARG E 120 -37.92 3.40 -43.65
CA ARG E 120 -38.18 2.19 -44.42
C ARG E 120 -38.08 0.93 -43.55
N VAL E 121 -36.99 0.80 -42.79
CA VAL E 121 -36.87 -0.34 -41.91
C VAL E 121 -37.86 -0.25 -40.76
N ALA E 122 -38.11 0.96 -40.26
CA ALA E 122 -39.04 1.12 -39.14
C ALA E 122 -40.43 0.62 -39.49
N ARG E 123 -40.91 0.96 -40.70
CA ARG E 123 -42.17 0.37 -41.16
C ARG E 123 -42.02 -1.14 -41.34
N ARG E 124 -40.86 -1.58 -41.81
CA ARG E 124 -40.66 -3.00 -42.11
C ARG E 124 -40.79 -3.86 -40.86
N MET E 125 -40.20 -3.41 -39.74
CA MET E 125 -40.40 -4.13 -38.49
C MET E 125 -41.83 -3.97 -37.98
N TYR E 126 -42.35 -2.74 -38.01
CA TYR E 126 -43.70 -2.51 -37.51
C TYR E 126 -44.72 -3.31 -38.29
N GLN E 127 -44.52 -3.44 -39.62
CA GLN E 127 -45.40 -4.28 -40.42
C GLN E 127 -45.29 -5.74 -40.01
N MET E 128 -44.08 -6.21 -39.70
CA MET E 128 -43.90 -7.59 -39.28
C MET E 128 -44.62 -7.90 -37.97
N ARG E 129 -44.89 -6.87 -37.15
CA ARG E 129 -45.67 -7.07 -35.93
C ARG E 129 -47.16 -6.95 -36.16
N PHE E 130 -47.59 -6.53 -37.35
CA PHE E 130 -49.01 -6.43 -37.71
C PHE E 130 -49.23 -7.17 -39.02
N PRO E 131 -49.25 -8.51 -38.98
CA PRO E 131 -49.46 -9.27 -40.21
C PRO E 131 -50.82 -9.03 -40.84
N THR E 132 -51.82 -8.63 -40.07
CA THR E 132 -53.17 -8.45 -40.58
C THR E 132 -53.47 -7.01 -41.00
N GLU E 133 -52.56 -6.07 -40.75
CA GLU E 133 -52.81 -4.67 -41.07
C GLU E 133 -51.57 -4.05 -41.68
N ASP E 134 -51.76 -3.25 -42.72
CA ASP E 134 -50.68 -2.53 -43.39
C ASP E 134 -50.76 -1.06 -42.96
N VAL E 135 -49.89 -0.68 -42.03
CA VAL E 135 -49.89 0.67 -41.47
C VAL E 135 -48.60 1.39 -41.87
N SER E 136 -48.02 1.01 -43.01
CA SER E 136 -46.77 1.62 -43.43
C SER E 136 -46.95 3.09 -43.77
N LYS E 137 -48.10 3.46 -44.33
CA LYS E 137 -48.34 4.84 -44.78
C LYS E 137 -48.69 5.78 -43.65
N LEU E 138 -49.13 5.28 -42.50
CA LEU E 138 -49.48 6.14 -41.38
C LEU E 138 -48.22 6.53 -40.62
N THR E 139 -48.18 7.79 -40.18
CA THR E 139 -47.01 8.29 -39.45
C THR E 139 -46.83 7.54 -38.14
N MET E 140 -45.57 7.36 -37.74
CA MET E 140 -45.23 6.51 -36.62
C MET E 140 -45.69 7.06 -35.28
N GLN E 141 -46.16 8.30 -35.23
CA GLN E 141 -46.64 8.88 -33.98
C GLN E 141 -47.72 8.00 -33.36
N GLN E 142 -48.71 7.61 -34.14
CA GLN E 142 -49.74 6.70 -33.64
C GLN E 142 -49.35 5.24 -33.79
N LEU E 143 -48.21 4.93 -34.41
CA LEU E 143 -47.77 3.55 -34.49
C LEU E 143 -47.49 2.97 -33.12
N ARG E 144 -46.85 3.75 -32.24
CA ARG E 144 -46.71 3.30 -30.86
C ARG E 144 -48.08 3.14 -30.20
N SER E 145 -49.01 4.05 -30.49
CA SER E 145 -50.38 3.90 -30.01
C SER E 145 -51.01 2.64 -30.59
N HIS E 146 -50.82 2.41 -31.90
CA HIS E 146 -51.32 1.19 -32.51
C HIS E 146 -50.62 -0.03 -31.97
N GLU E 147 -49.29 0.04 -31.83
CA GLU E 147 -48.55 -1.06 -31.22
C GLU E 147 -48.93 -1.24 -29.75
N GLY E 148 -49.11 -0.13 -29.03
CA GLY E 148 -49.49 -0.22 -27.63
C GLY E 148 -50.81 -0.93 -27.43
N ALA E 149 -51.76 -0.72 -28.35
CA ALA E 149 -53.01 -1.46 -28.29
C ALA E 149 -52.80 -2.94 -28.55
N ARG E 150 -51.91 -3.27 -29.49
CA ARG E 150 -51.71 -4.67 -29.87
C ARG E 150 -51.17 -5.47 -28.69
N VAL E 151 -50.11 -4.96 -28.04
CA VAL E 151 -49.54 -5.68 -26.89
C VAL E 151 -50.55 -5.73 -25.75
N ARG E 152 -51.28 -4.64 -25.52
CA ARG E 152 -52.33 -4.65 -24.52
C ARG E 152 -53.41 -5.66 -24.88
N ARG E 153 -53.78 -5.74 -26.17
CA ARG E 153 -54.67 -6.80 -26.60
C ARG E 153 -54.03 -8.17 -26.40
N LYS E 154 -52.75 -8.30 -26.72
CA LYS E 154 -52.06 -9.58 -26.54
C LYS E 154 -51.97 -9.95 -25.07
N TYR E 155 -51.73 -8.96 -24.21
CA TYR E 155 -51.69 -9.22 -22.77
C TYR E 155 -53.04 -9.75 -22.28
N ARG E 156 -54.12 -9.13 -22.72
CA ARG E 156 -55.44 -9.49 -22.22
C ARG E 156 -55.86 -10.87 -22.71
N GLU E 157 -55.73 -11.13 -24.01
CA GLU E 157 -56.18 -12.40 -24.56
C GLU E 157 -55.37 -13.57 -24.02
N LEU E 158 -54.06 -13.37 -23.84
CA LEU E 158 -53.23 -14.41 -23.23
C LEU E 158 -53.66 -14.66 -21.79
N SER E 159 -54.02 -13.60 -21.07
CA SER E 159 -54.51 -13.77 -19.71
C SER E 159 -55.82 -14.56 -19.70
N LYS E 160 -56.69 -14.31 -20.68
CA LYS E 160 -57.95 -15.05 -20.76
C LYS E 160 -57.71 -16.53 -21.00
N LYS E 161 -56.77 -16.86 -21.88
CA LYS E 161 -56.54 -18.27 -22.24
C LYS E 161 -56.03 -19.07 -21.03
N TYR E 162 -55.10 -18.50 -20.27
CA TYR E 162 -54.52 -19.19 -19.12
C TYR E 162 -55.13 -18.75 -17.80
N ASN E 163 -56.15 -17.89 -17.83
CA ASN E 163 -56.91 -17.50 -16.64
C ASN E 163 -56.02 -16.90 -15.54
N VAL E 164 -54.96 -16.21 -15.94
CA VAL E 164 -54.06 -15.54 -15.01
C VAL E 164 -54.53 -14.09 -14.87
N PRO E 165 -54.82 -13.61 -13.67
CA PRO E 165 -55.24 -12.21 -13.52
C PRO E 165 -54.17 -11.25 -14.00
N TRP E 166 -54.62 -10.15 -14.60
CA TRP E 166 -53.72 -9.16 -15.19
C TRP E 166 -54.41 -7.82 -15.19
N LYS E 167 -53.81 -6.84 -14.50
CA LYS E 167 -54.36 -5.50 -14.41
C LYS E 167 -53.50 -4.49 -15.17
N LYS E 168 -52.20 -4.41 -14.86
CA LYS E 168 -51.29 -3.51 -15.53
C LYS E 168 -49.85 -3.91 -15.20
N ARG E 169 -49.02 -4.10 -16.24
CA ARG E 169 -47.65 -4.52 -16.01
C ARG E 169 -46.88 -3.46 -15.23
N VAL E 170 -46.51 -3.79 -13.99
CA VAL E 170 -45.73 -2.91 -13.13
C VAL E 170 -44.47 -3.66 -12.71
N TYR E 171 -43.33 -2.97 -12.77
CA TYR E 171 -42.06 -3.60 -12.46
C TYR E 171 -41.12 -2.56 -11.88
N ASN E 172 -39.95 -3.02 -11.46
CA ASN E 172 -38.91 -2.13 -10.96
C ASN E 172 -37.55 -2.78 -11.20
N PRO E 173 -36.65 -2.13 -11.96
CA PRO E 173 -35.32 -2.72 -12.18
C PRO E 173 -34.54 -2.95 -10.91
N ASP E 174 -34.71 -2.07 -9.91
CA ASP E 174 -34.02 -2.22 -8.63
C ASP E 174 -34.73 -3.17 -7.68
N ASP E 175 -35.96 -3.58 -8.00
CA ASP E 175 -36.75 -4.46 -7.14
C ASP E 175 -37.30 -5.60 -8.00
N PHE E 176 -36.46 -6.61 -8.22
CA PHE E 176 -36.87 -7.73 -9.06
C PHE E 176 -37.83 -8.66 -8.33
N ALA E 177 -37.55 -8.94 -7.05
CA ALA E 177 -38.33 -9.95 -6.34
C ALA E 177 -39.75 -9.47 -6.05
N GLY E 178 -39.91 -8.18 -5.77
CA GLY E 178 -41.22 -7.65 -5.41
C GLY E 178 -42.16 -7.62 -6.60
N GLY E 179 -43.43 -7.33 -6.29
CA GLY E 179 -44.47 -7.27 -7.29
C GLY E 179 -45.08 -8.64 -7.57
N ASP E 180 -46.14 -8.61 -8.38
CA ASP E 180 -46.82 -9.84 -8.75
C ASP E 180 -45.90 -10.74 -9.58
N PRO E 181 -46.05 -12.06 -9.46
CA PRO E 181 -45.12 -12.96 -10.18
C PRO E 181 -45.15 -12.81 -11.68
N ILE E 182 -46.30 -12.49 -12.27
CA ILE E 182 -46.42 -12.50 -13.73
C ILE E 182 -45.50 -11.44 -14.35
N ASN E 183 -45.46 -10.24 -13.76
CA ASN E 183 -44.53 -9.22 -14.26
C ASN E 183 -43.09 -9.67 -14.10
N GLN E 184 -42.76 -10.27 -12.96
CA GLN E 184 -41.43 -10.84 -12.79
C GLN E 184 -41.18 -11.96 -13.78
N ALA E 185 -42.16 -12.83 -13.99
CA ALA E 185 -42.01 -13.90 -14.96
C ALA E 185 -41.89 -13.34 -16.38
N LEU E 186 -42.71 -12.35 -16.72
CA LEU E 186 -42.65 -11.75 -18.05
C LEU E 186 -41.30 -11.04 -18.25
N SER E 187 -40.83 -10.32 -17.23
CA SER E 187 -39.53 -9.68 -17.33
C SER E 187 -38.42 -10.71 -17.45
N ALA E 188 -38.51 -11.81 -16.69
CA ALA E 188 -37.46 -12.82 -16.73
C ALA E 188 -37.37 -13.48 -18.09
N ALA E 189 -38.52 -13.78 -18.69
CA ALA E 189 -38.51 -14.43 -20.00
C ALA E 189 -37.94 -13.50 -21.08
N HIS E 190 -38.20 -12.20 -20.96
CA HIS E 190 -37.71 -11.25 -21.96
C HIS E 190 -36.19 -11.23 -22.00
N VAL E 191 -35.54 -11.25 -20.84
CA VAL E 191 -34.08 -11.23 -20.79
C VAL E 191 -33.52 -12.48 -21.44
N ALA E 192 -34.19 -13.62 -21.26
CA ALA E 192 -33.77 -14.84 -21.94
C ALA E 192 -33.82 -14.65 -23.45
N LEU E 193 -34.76 -13.85 -23.94
CA LEU E 193 -34.88 -13.65 -25.39
C LEU E 193 -33.76 -12.78 -25.92
N TYR E 194 -33.38 -11.73 -25.18
CA TYR E 194 -32.31 -10.85 -25.65
C TYR E 194 -31.01 -11.61 -25.85
N GLY E 195 -30.76 -12.61 -25.01
CA GLY E 195 -29.48 -13.30 -25.06
C GLY E 195 -29.23 -13.97 -26.41
N LEU E 196 -30.22 -14.70 -26.91
CA LEU E 196 -30.04 -15.38 -28.19
C LEU E 196 -29.90 -14.38 -29.34
N VAL E 197 -30.77 -13.36 -29.36
CA VAL E 197 -30.74 -12.43 -30.47
C VAL E 197 -29.50 -11.53 -30.40
N HIS E 198 -29.04 -11.22 -29.20
CA HIS E 198 -27.78 -10.49 -29.07
C HIS E 198 -26.58 -11.34 -29.46
N SER E 199 -26.70 -12.66 -29.33
CA SER E 199 -25.62 -13.54 -29.74
C SER E 199 -25.44 -13.54 -31.25
N VAL E 200 -26.55 -13.64 -31.99
CA VAL E 200 -26.47 -13.76 -33.44
C VAL E 200 -25.99 -12.45 -34.06
N VAL E 201 -26.42 -11.31 -33.53
CA VAL E 201 -26.04 -10.03 -34.10
C VAL E 201 -24.55 -9.77 -33.89
N ALA E 202 -24.01 -10.16 -32.73
CA ALA E 202 -22.59 -10.01 -32.50
C ALA E 202 -21.78 -10.97 -33.37
N ALA E 203 -22.25 -12.21 -33.50
CA ALA E 203 -21.55 -13.17 -34.35
C ALA E 203 -21.59 -12.76 -35.81
N LEU E 204 -22.73 -12.27 -36.28
CA LEU E 204 -22.85 -11.88 -37.67
C LEU E 204 -22.28 -10.49 -37.94
N GLY E 205 -22.06 -9.68 -36.90
CA GLY E 205 -21.41 -8.41 -37.06
C GLY E 205 -22.27 -7.18 -36.88
N LEU E 206 -23.51 -7.32 -36.42
CA LEU E 206 -24.32 -6.14 -36.13
C LEU E 206 -23.77 -5.37 -34.94
N SER E 207 -23.91 -4.05 -35.00
CA SER E 207 -23.53 -3.19 -33.89
C SER E 207 -24.73 -3.04 -32.95
N PRO E 208 -24.63 -3.49 -31.70
CA PRO E 208 -25.78 -3.36 -30.78
C PRO E 208 -26.18 -1.92 -30.52
N GLY E 209 -25.24 -0.98 -30.59
CA GLY E 209 -25.56 0.40 -30.28
C GLY E 209 -26.50 1.05 -31.28
N LEU E 210 -26.31 0.75 -32.56
CA LEU E 210 -27.08 1.39 -33.62
C LEU E 210 -28.49 0.83 -33.62
N GLY E 211 -29.37 1.45 -32.83
CA GLY E 211 -30.76 1.06 -32.76
C GLY E 211 -31.63 1.97 -33.63
N PHE E 212 -32.59 1.36 -34.32
CA PHE E 212 -33.45 2.12 -35.22
C PHE E 212 -34.59 2.79 -34.46
N VAL E 213 -35.41 2.01 -33.78
CA VAL E 213 -36.53 2.56 -33.02
C VAL E 213 -36.05 3.03 -31.65
N HIS E 214 -35.54 2.10 -30.85
CA HIS E 214 -34.85 2.48 -29.62
C HIS E 214 -33.53 3.16 -29.96
N THR E 215 -33.16 4.14 -29.14
CA THR E 215 -31.93 4.89 -29.39
C THR E 215 -31.44 5.47 -28.07
N GLY E 216 -30.12 5.56 -27.92
CA GLY E 216 -29.50 6.13 -26.75
C GLY E 216 -28.89 5.14 -25.79
N HIS E 217 -29.11 3.85 -26.00
CA HIS E 217 -28.56 2.81 -25.14
C HIS E 217 -27.83 1.79 -26.00
N ASP E 218 -26.82 1.15 -25.42
CA ASP E 218 -26.00 0.20 -26.17
C ASP E 218 -26.78 -1.02 -26.64
N ARG E 219 -27.96 -1.25 -26.07
CA ARG E 219 -28.83 -2.35 -26.48
C ARG E 219 -30.00 -1.88 -27.32
N SER E 220 -29.90 -0.70 -27.92
CA SER E 220 -31.04 -0.12 -28.63
C SER E 220 -31.50 -1.01 -29.78
N PHE E 221 -30.56 -1.53 -30.56
CA PHE E 221 -30.93 -2.49 -31.60
C PHE E 221 -31.51 -3.77 -31.00
N ILE E 222 -30.92 -4.25 -29.90
CA ILE E 222 -31.32 -5.52 -29.33
C ILE E 222 -32.78 -5.49 -28.91
N TYR E 223 -33.20 -4.42 -28.23
CA TYR E 223 -34.60 -4.29 -27.89
C TYR E 223 -35.47 -4.10 -29.13
N ASP E 224 -34.93 -3.47 -30.17
CA ASP E 224 -35.68 -3.29 -31.39
C ASP E 224 -35.82 -4.60 -32.18
N VAL E 225 -34.73 -5.36 -32.31
CA VAL E 225 -34.80 -6.60 -33.08
C VAL E 225 -35.61 -7.65 -32.32
N ALA E 226 -35.45 -7.72 -31.00
CA ALA E 226 -36.26 -8.64 -30.21
C ALA E 226 -37.72 -8.22 -30.13
N ASP E 227 -38.02 -6.96 -30.47
CA ASP E 227 -39.40 -6.51 -30.49
C ASP E 227 -40.23 -7.27 -31.53
N LEU E 228 -39.59 -7.82 -32.56
CA LEU E 228 -40.30 -8.65 -33.52
C LEU E 228 -40.64 -10.03 -32.98
N TYR E 229 -40.11 -10.38 -31.81
CA TYR E 229 -40.40 -11.66 -31.19
C TYR E 229 -40.99 -11.51 -29.79
N LYS E 230 -41.33 -10.29 -29.38
CA LYS E 230 -42.04 -10.08 -28.13
C LYS E 230 -43.38 -10.80 -28.14
N ALA E 231 -44.20 -10.57 -29.17
CA ALA E 231 -45.56 -11.06 -29.20
C ALA E 231 -45.68 -12.49 -29.67
N GLU E 232 -44.59 -13.15 -30.03
CA GLU E 232 -44.67 -14.48 -30.61
C GLU E 232 -44.18 -15.60 -29.71
N ILE E 233 -43.12 -15.37 -28.92
CA ILE E 233 -42.56 -16.45 -28.11
C ILE E 233 -42.49 -16.08 -26.65
N THR E 234 -41.78 -14.98 -26.33
CA THR E 234 -41.41 -14.73 -24.94
C THR E 234 -42.62 -14.46 -24.06
N VAL E 235 -43.57 -13.66 -24.53
CA VAL E 235 -44.74 -13.32 -23.70
C VAL E 235 -45.62 -14.53 -23.44
N PRO E 236 -46.05 -15.31 -24.44
CA PRO E 236 -46.92 -16.46 -24.13
C PRO E 236 -46.27 -17.50 -23.24
N ILE E 237 -44.97 -17.74 -23.40
CA ILE E 237 -44.28 -18.71 -22.54
C ILE E 237 -44.29 -18.23 -21.10
N ALA E 238 -44.01 -16.95 -20.88
CA ALA E 238 -44.02 -16.40 -19.53
C ALA E 238 -45.40 -16.52 -18.90
N PHE E 239 -46.45 -16.22 -19.68
CA PHE E 239 -47.81 -16.41 -19.18
C PHE E 239 -48.08 -17.89 -18.91
N ALA E 240 -47.59 -18.77 -19.77
CA ALA E 240 -47.84 -20.20 -19.59
C ALA E 240 -47.16 -20.73 -18.33
N VAL E 241 -45.87 -20.43 -18.16
CA VAL E 241 -45.14 -20.99 -17.02
C VAL E 241 -45.65 -20.39 -15.71
N ALA E 242 -46.00 -19.10 -15.71
CA ALA E 242 -46.52 -18.49 -14.49
C ALA E 242 -47.88 -19.06 -14.11
N ALA E 243 -48.66 -19.49 -15.09
CA ALA E 243 -49.97 -20.07 -14.80
C ALA E 243 -49.84 -21.34 -14.00
N GLU E 244 -48.89 -22.21 -14.39
CA GLU E 244 -48.67 -23.46 -13.68
C GLU E 244 -47.78 -23.31 -12.46
N ALA E 245 -47.12 -22.16 -12.30
CA ALA E 245 -46.25 -21.93 -11.16
C ALA E 245 -47.04 -21.40 -9.99
N GLU E 246 -46.59 -21.72 -8.77
CA GLU E 246 -47.23 -21.30 -7.54
C GLU E 246 -46.29 -20.39 -6.75
N GLU E 247 -46.76 -19.93 -5.60
CA GLU E 247 -46.04 -18.93 -4.83
C GLU E 247 -44.76 -19.50 -4.23
N GLY E 248 -43.70 -18.71 -4.28
CA GLY E 248 -42.44 -19.11 -3.67
C GLY E 248 -41.39 -19.60 -4.65
N GLN E 249 -41.83 -20.30 -5.69
CA GLN E 249 -40.90 -20.83 -6.68
C GLN E 249 -40.17 -19.69 -7.40
N ASP E 250 -38.87 -19.88 -7.63
CA ASP E 250 -38.05 -18.87 -8.29
C ASP E 250 -38.40 -18.85 -9.78
N ILE E 251 -39.42 -18.06 -10.10
CA ILE E 251 -39.85 -17.93 -11.50
C ILE E 251 -38.74 -17.37 -12.38
N GLY E 252 -37.78 -16.66 -11.80
CA GLY E 252 -36.69 -16.13 -12.61
C GLY E 252 -35.91 -17.22 -13.31
N GLN E 253 -35.56 -18.29 -12.60
CA GLN E 253 -34.89 -19.40 -13.23
C GLN E 253 -35.87 -20.32 -13.96
N LEU E 254 -37.09 -20.43 -13.45
CA LEU E 254 -38.09 -21.27 -14.12
C LEU E 254 -38.40 -20.73 -15.51
N ALA E 255 -38.56 -19.41 -15.64
CA ALA E 255 -38.79 -18.82 -16.96
C ALA E 255 -37.60 -19.04 -17.87
N ARG E 256 -36.39 -18.95 -17.31
CA ARG E 256 -35.18 -19.15 -18.12
C ARG E 256 -35.12 -20.57 -18.67
N LEU E 257 -35.44 -21.56 -17.83
CA LEU E 257 -35.30 -22.95 -18.25
C LEU E 257 -36.28 -23.30 -19.37
N ARG E 258 -37.51 -22.80 -19.30
CA ARG E 258 -38.48 -23.10 -20.34
C ARG E 258 -38.17 -22.35 -21.63
N THR E 259 -37.72 -21.10 -21.51
CA THR E 259 -37.26 -20.38 -22.70
C THR E 259 -36.08 -21.09 -23.33
N ARG E 260 -35.27 -21.78 -22.52
CA ARG E 260 -34.24 -22.65 -23.06
C ARG E 260 -34.84 -23.78 -23.89
N ASP E 261 -35.94 -24.36 -23.41
CA ASP E 261 -36.59 -25.45 -24.14
C ASP E 261 -37.09 -24.97 -25.51
N ALA E 262 -37.67 -23.77 -25.55
CA ALA E 262 -38.11 -23.21 -26.83
C ALA E 262 -36.94 -22.92 -27.76
N PHE E 263 -35.73 -22.74 -27.21
CA PHE E 263 -34.54 -22.51 -28.01
C PHE E 263 -33.79 -23.79 -28.34
N VAL E 264 -34.23 -24.93 -27.80
CA VAL E 264 -33.52 -26.19 -28.04
C VAL E 264 -33.56 -26.55 -29.52
N ASP E 265 -34.73 -26.42 -30.16
CA ASP E 265 -34.86 -26.78 -31.56
C ASP E 265 -33.97 -25.90 -32.44
N GLY E 266 -33.88 -24.62 -32.11
CA GLY E 266 -33.15 -23.69 -32.95
C GLY E 266 -33.92 -23.13 -34.11
N LYS E 267 -35.23 -23.38 -34.18
CA LYS E 267 -36.04 -22.80 -35.25
C LYS E 267 -36.06 -21.28 -35.14
N ILE E 268 -36.14 -20.75 -33.92
CA ILE E 268 -36.10 -19.30 -33.73
C ILE E 268 -34.76 -18.74 -34.19
N LEU E 269 -33.69 -19.53 -34.06
CA LEU E 269 -32.38 -19.12 -34.55
C LEU E 269 -32.41 -18.90 -36.05
N LYS E 270 -32.97 -19.86 -36.80
CA LYS E 270 -33.06 -19.72 -38.25
C LYS E 270 -33.99 -18.57 -38.63
N ARG E 271 -35.08 -18.40 -37.88
CA ARG E 271 -36.07 -17.39 -38.25
C ARG E 271 -35.49 -15.98 -38.19
N MET E 272 -34.80 -15.66 -37.09
CA MET E 272 -34.26 -14.31 -36.95
C MET E 272 -33.06 -14.07 -37.85
N VAL E 273 -32.20 -15.07 -38.05
CA VAL E 273 -30.99 -14.85 -38.82
C VAL E 273 -31.33 -14.49 -40.25
N LYS E 274 -32.44 -15.01 -40.77
CA LYS E 274 -32.92 -14.58 -42.08
C LYS E 274 -33.60 -13.22 -42.04
N ASP E 275 -34.25 -12.88 -40.92
CA ASP E 275 -34.99 -11.63 -40.84
C ASP E 275 -34.06 -10.43 -40.80
N LEU E 276 -32.88 -10.57 -40.18
CA LEU E 276 -31.98 -9.43 -40.01
C LEU E 276 -31.60 -8.81 -41.34
N GLN E 277 -30.90 -9.57 -42.20
CA GLN E 277 -30.55 -9.04 -43.51
C GLN E 277 -31.78 -8.78 -44.38
N THR E 278 -32.90 -9.44 -44.08
CA THR E 278 -34.16 -9.05 -44.71
C THR E 278 -34.59 -7.66 -44.26
N LEU E 279 -34.42 -7.36 -42.97
CA LEU E 279 -34.70 -6.01 -42.48
C LEU E 279 -33.73 -4.99 -43.04
N LEU E 280 -32.52 -5.41 -43.37
CA LEU E 280 -31.49 -4.53 -43.89
C LEU E 280 -31.52 -4.42 -45.42
N GLU E 281 -32.56 -4.97 -46.06
CA GLU E 281 -32.72 -4.92 -47.51
C GLU E 281 -31.55 -5.54 -48.25
N ILE E 282 -30.92 -6.53 -47.64
CA ILE E 282 -29.80 -7.24 -48.29
C ILE E 282 -30.35 -8.04 -49.47
N PRO E 283 -29.68 -8.04 -50.62
CA PRO E 283 -30.18 -8.82 -51.76
C PRO E 283 -30.24 -10.31 -51.44
N GLU E 284 -31.03 -11.02 -52.25
CA GLU E 284 -31.22 -12.46 -52.04
C GLU E 284 -29.89 -13.21 -52.09
N GLU E 285 -28.94 -12.76 -52.91
CA GLU E 285 -27.64 -13.40 -52.96
C GLU E 285 -26.88 -13.24 -51.65
N GLY E 286 -27.04 -12.10 -50.99
CA GLY E 286 -26.41 -11.85 -49.72
C GLY E 286 -27.12 -12.43 -48.52
N GLN E 287 -28.24 -13.11 -48.71
CA GLN E 287 -28.98 -13.72 -47.62
C GLN E 287 -28.24 -14.99 -47.18
N ILE E 288 -27.28 -14.82 -46.29
CA ILE E 288 -26.55 -15.95 -45.72
C ILE E 288 -27.41 -16.58 -44.63
N GLU E 289 -27.51 -17.90 -44.67
CA GLU E 289 -28.41 -18.64 -43.79
C GLU E 289 -27.62 -19.35 -42.70
N ALA E 290 -28.11 -19.27 -41.47
CA ALA E 290 -27.49 -19.94 -40.33
C ALA E 290 -28.27 -21.21 -40.02
N GLU E 291 -27.55 -22.33 -39.94
CA GLU E 291 -28.15 -23.62 -39.66
C GLU E 291 -27.75 -24.08 -38.27
N PRO E 292 -28.70 -24.35 -37.37
CA PRO E 292 -28.33 -24.70 -36.00
C PRO E 292 -27.75 -26.11 -35.89
N LEU E 293 -26.54 -26.29 -36.40
CA LEU E 293 -25.88 -27.59 -36.28
C LEU E 293 -25.54 -27.87 -34.82
N SER E 294 -25.74 -29.12 -34.42
CA SER E 294 -25.41 -29.57 -33.07
C SER E 294 -24.57 -30.83 -33.15
N LEU E 295 -23.63 -30.96 -32.23
CA LEU E 295 -22.66 -32.05 -32.29
C LEU E 295 -23.35 -33.41 -32.14
N TRP E 296 -24.31 -33.51 -31.21
CA TRP E 296 -24.97 -34.78 -30.95
C TRP E 296 -26.41 -34.82 -31.46
N ASP E 297 -27.04 -33.67 -31.71
CA ASP E 297 -28.36 -33.65 -32.30
C ASP E 297 -28.35 -33.82 -33.81
N ASP E 298 -27.16 -33.81 -34.43
CA ASP E 298 -27.01 -33.98 -35.87
C ASP E 298 -25.91 -34.99 -36.14
N LYS E 299 -25.98 -36.14 -35.47
CA LYS E 299 -24.94 -37.16 -35.61
C LYS E 299 -24.78 -37.60 -37.07
N GLU E 300 -25.88 -37.94 -37.73
CA GLU E 300 -25.82 -38.39 -39.11
C GLU E 300 -25.53 -37.26 -40.09
N LYS E 301 -25.71 -36.00 -39.68
CA LYS E 301 -25.53 -34.89 -40.59
C LYS E 301 -24.07 -34.44 -40.71
N LEU E 302 -23.25 -34.71 -39.69
CA LEU E 302 -21.85 -34.31 -39.74
C LEU E 302 -20.94 -35.39 -40.33
N VAL E 303 -21.31 -36.65 -40.21
CA VAL E 303 -20.46 -37.76 -40.64
C VAL E 303 -20.20 -37.80 -42.15
N PRO E 304 -21.08 -37.29 -43.03
CA PRO E 304 -20.68 -37.23 -44.44
C PRO E 304 -19.45 -36.38 -44.69
N TYR E 305 -19.25 -35.32 -43.91
CA TYR E 305 -18.13 -34.42 -44.12
C TYR E 305 -16.79 -35.00 -43.67
N GLY E 306 -16.79 -36.14 -42.98
CA GLY E 306 -15.55 -36.75 -42.56
C GLY E 306 -15.10 -36.34 -41.18
N VAL E 307 -15.98 -36.50 -40.19
CA VAL E 307 -15.67 -36.16 -38.80
C VAL E 307 -15.64 -37.45 -37.98
N ASN E 308 -14.66 -37.55 -37.08
CA ASN E 308 -14.52 -38.71 -36.22
C ASN E 308 -15.04 -38.39 -34.82
N TYR E 309 -15.66 -39.40 -34.20
CA TYR E 309 -16.25 -39.27 -32.88
C TYR E 309 -15.57 -40.24 -31.92
N SER E 310 -15.35 -39.78 -30.69
CA SER E 310 -14.75 -40.59 -29.64
C SER E 310 -15.69 -40.62 -28.44
N GLU E 311 -15.72 -41.75 -27.75
CA GLU E 311 -16.60 -41.92 -26.58
C GLU E 311 -15.80 -42.21 -25.32
N ALA F 2 -29.77 1.50 -4.87
CA ALA F 2 -29.44 0.64 -6.01
C ALA F 2 -29.88 -0.80 -5.75
N GLY F 3 -29.60 -1.68 -6.69
CA GLY F 3 -29.97 -3.06 -6.56
C GLY F 3 -29.01 -3.83 -5.69
N PRO F 4 -29.39 -5.08 -5.36
CA PRO F 4 -28.51 -5.92 -4.56
C PRO F 4 -27.22 -6.25 -5.30
N ILE F 5 -26.16 -6.47 -4.53
CA ILE F 5 -24.86 -6.81 -5.08
C ILE F 5 -24.68 -8.32 -4.98
N ILE F 6 -24.38 -8.95 -6.12
CA ILE F 6 -24.23 -10.39 -6.21
C ILE F 6 -22.81 -10.70 -6.63
N ALA F 7 -22.23 -11.75 -6.05
CA ALA F 7 -20.85 -12.13 -6.33
C ALA F 7 -20.65 -12.36 -7.82
N GLY F 8 -19.84 -11.52 -8.45
CA GLY F 8 -19.50 -11.64 -9.86
C GLY F 8 -20.04 -10.54 -10.74
N LYS F 9 -20.88 -9.65 -10.23
CA LYS F 9 -21.48 -8.59 -11.04
C LYS F 9 -21.35 -7.25 -10.35
N SER F 10 -21.17 -6.21 -11.16
CA SER F 10 -21.16 -4.84 -10.67
C SER F 10 -21.47 -3.91 -11.84
N GLU F 11 -21.93 -2.71 -11.52
CA GLU F 11 -22.33 -1.75 -12.53
C GLU F 11 -21.15 -0.87 -12.93
N SER F 12 -21.39 0.09 -13.81
CA SER F 12 -20.32 0.95 -14.30
C SER F 12 -19.91 1.99 -13.26
N SER F 13 -20.85 2.41 -12.40
CA SER F 13 -20.53 3.43 -11.41
C SER F 13 -19.45 2.95 -10.45
N GLU F 14 -19.52 1.69 -10.02
CA GLU F 14 -18.48 1.15 -9.16
C GLU F 14 -17.13 1.10 -9.88
N LEU F 15 -17.14 0.68 -11.13
CA LEU F 15 -15.88 0.54 -11.87
C LEU F 15 -15.27 1.92 -12.13
N PRO F 16 -13.96 2.05 -12.01
CA PRO F 16 -13.31 3.33 -12.34
C PRO F 16 -13.29 3.58 -13.84
N ARG F 17 -13.14 4.85 -14.20
CA ARG F 17 -13.15 5.25 -15.60
C ARG F 17 -11.97 4.62 -16.36
N VAL F 18 -12.07 4.66 -17.69
CA VAL F 18 -11.07 4.02 -18.53
C VAL F 18 -9.70 4.66 -18.37
N GLU F 19 -9.65 5.92 -17.97
CA GLU F 19 -8.38 6.63 -17.85
C GLU F 19 -7.67 6.36 -16.54
N ASP F 20 -8.30 5.64 -15.61
CA ASP F 20 -7.72 5.34 -14.30
C ASP F 20 -7.42 3.84 -14.16
N ARG F 21 -6.93 3.22 -15.22
CA ARG F 21 -6.73 1.78 -15.26
C ARG F 21 -5.34 1.47 -15.80
N ALA F 22 -4.84 0.29 -15.46
CA ALA F 22 -3.50 -0.12 -15.86
C ALA F 22 -3.47 -0.54 -17.32
N THR F 23 -2.30 -0.98 -17.77
CA THR F 23 -2.11 -1.26 -19.19
C THR F 23 -2.60 -2.66 -19.57
N PHE F 24 -1.94 -3.69 -19.03
CA PHE F 24 -2.16 -5.06 -19.51
C PHE F 24 -1.33 -6.05 -18.70
N ILE F 25 -1.72 -7.32 -18.80
CA ILE F 25 -1.00 -8.44 -18.22
C ILE F 25 -0.63 -9.40 -19.34
N TYR F 26 0.47 -10.11 -19.16
CA TYR F 26 0.83 -11.21 -20.04
C TYR F 26 0.80 -12.51 -19.25
N ILE F 27 0.33 -13.57 -19.91
CA ILE F 27 0.24 -14.90 -19.30
C ILE F 27 0.79 -15.92 -20.29
N GLU F 28 1.54 -16.88 -19.77
CA GLU F 28 2.19 -17.86 -20.62
C GLU F 28 2.16 -19.23 -19.93
N HIS F 29 1.72 -20.24 -20.69
CA HIS F 29 1.63 -21.62 -20.21
C HIS F 29 0.92 -21.71 -18.85
N ALA F 30 -0.34 -21.28 -18.84
CA ALA F 30 -1.13 -21.29 -17.61
C ALA F 30 -2.60 -21.36 -17.97
N LYS F 31 -3.41 -21.73 -16.98
CA LYS F 31 -4.85 -21.91 -17.17
C LYS F 31 -5.60 -20.85 -16.38
N ILE F 32 -6.65 -20.31 -16.98
CA ILE F 32 -7.48 -19.28 -16.35
C ILE F 32 -8.77 -19.92 -15.87
N ASN F 33 -9.15 -19.63 -14.64
CA ASN F 33 -10.37 -20.20 -14.06
C ASN F 33 -10.95 -19.19 -13.07
N ARG F 34 -12.24 -19.35 -12.81
CA ARG F 34 -12.96 -18.51 -11.85
C ARG F 34 -13.32 -19.39 -10.67
N VAL F 35 -12.47 -19.39 -9.65
CA VAL F 35 -12.69 -20.17 -8.43
C VAL F 35 -13.03 -19.21 -7.30
N ASP F 36 -14.09 -19.55 -6.56
CA ASP F 36 -14.57 -18.72 -5.44
C ASP F 36 -14.83 -17.29 -5.90
N SER F 37 -15.44 -17.15 -7.07
CA SER F 37 -15.77 -15.86 -7.66
C SER F 37 -14.54 -14.97 -7.78
N ALA F 38 -13.41 -15.58 -8.13
CA ALA F 38 -12.16 -14.86 -8.32
C ALA F 38 -11.54 -15.28 -9.64
N VAL F 39 -11.18 -14.31 -10.46
CA VAL F 39 -10.44 -14.62 -11.68
C VAL F 39 -9.02 -15.01 -11.30
N THR F 40 -8.60 -16.18 -11.72
CA THR F 40 -7.34 -16.75 -11.28
C THR F 40 -6.57 -17.33 -12.46
N VAL F 41 -5.26 -17.41 -12.29
CA VAL F 41 -4.36 -17.99 -13.29
C VAL F 41 -3.72 -19.22 -12.67
N ALA F 42 -3.89 -20.36 -13.33
CA ALA F 42 -3.34 -21.62 -12.83
C ALA F 42 -2.02 -21.88 -13.55
N GLU F 43 -0.93 -21.33 -13.01
CA GLU F 43 0.38 -21.52 -13.59
C GLU F 43 0.97 -22.86 -13.14
N ALA F 44 2.22 -23.10 -13.52
CA ALA F 44 2.86 -24.37 -13.22
C ALA F 44 3.05 -24.56 -11.72
N LYS F 45 3.41 -23.50 -11.00
CA LYS F 45 3.76 -23.61 -9.59
C LYS F 45 2.60 -23.33 -8.66
N GLY F 46 1.79 -22.31 -8.93
CA GLY F 46 0.69 -21.94 -8.04
C GLY F 46 -0.40 -21.21 -8.77
N VAL F 47 -1.01 -20.23 -8.09
CA VAL F 47 -2.11 -19.45 -8.65
C VAL F 47 -1.89 -17.98 -8.31
N VAL F 48 -2.59 -17.12 -9.05
CA VAL F 48 -2.55 -15.68 -8.81
C VAL F 48 -3.91 -15.09 -9.15
N ARG F 49 -4.38 -14.18 -8.30
CA ARG F 49 -5.65 -13.50 -8.51
C ARG F 49 -5.38 -12.11 -9.08
N ILE F 50 -5.99 -11.82 -10.23
CA ILE F 50 -5.73 -10.59 -10.98
C ILE F 50 -6.83 -9.60 -10.63
N PRO F 51 -6.51 -8.42 -10.13
CA PRO F 51 -7.54 -7.39 -9.93
C PRO F 51 -8.01 -6.83 -11.26
N ALA F 52 -8.96 -7.53 -11.89
CA ALA F 52 -9.37 -7.21 -13.26
C ALA F 52 -9.86 -5.77 -13.38
N ALA F 53 -10.39 -5.19 -12.31
CA ALA F 53 -10.85 -3.80 -12.38
C ALA F 53 -9.73 -2.85 -12.77
N MET F 54 -8.51 -3.10 -12.31
CA MET F 54 -7.33 -2.34 -12.71
C MET F 54 -6.63 -2.96 -13.92
N ILE F 55 -7.37 -3.57 -14.84
CA ILE F 55 -6.78 -4.22 -16.00
C ILE F 55 -7.44 -3.69 -17.25
N GLY F 56 -6.67 -3.04 -18.12
CA GLY F 56 -7.20 -2.64 -19.40
C GLY F 56 -7.51 -3.82 -20.30
N VAL F 57 -6.57 -4.78 -20.36
CA VAL F 57 -6.72 -5.93 -21.24
C VAL F 57 -5.79 -7.02 -20.72
N LEU F 58 -6.21 -8.27 -20.87
CA LEU F 58 -5.51 -9.41 -20.28
C LEU F 58 -5.03 -10.28 -21.43
N LEU F 59 -3.78 -10.08 -21.85
CA LEU F 59 -3.25 -10.75 -23.02
C LEU F 59 -3.11 -12.24 -22.77
N LEU F 60 -3.18 -13.02 -23.85
CA LEU F 60 -3.09 -14.47 -23.80
C LEU F 60 -2.03 -14.95 -24.76
N GLY F 61 -0.97 -15.55 -24.24
CA GLY F 61 0.06 -16.13 -25.06
C GLY F 61 -0.28 -17.53 -25.49
N PRO F 62 0.66 -18.22 -26.14
CA PRO F 62 0.44 -19.62 -26.50
C PRO F 62 0.31 -20.50 -25.27
N GLY F 63 -0.48 -21.56 -25.43
CA GLY F 63 -0.67 -22.52 -24.35
C GLY F 63 -1.41 -21.99 -23.13
N THR F 64 -2.49 -21.25 -23.33
CA THR F 64 -3.33 -20.79 -22.23
C THR F 64 -4.76 -21.23 -22.46
N ASP F 65 -5.46 -21.49 -21.35
CA ASP F 65 -6.84 -21.93 -21.40
C ASP F 65 -7.70 -21.03 -20.50
N ILE F 66 -8.91 -20.76 -20.95
CA ILE F 66 -9.88 -19.99 -20.17
C ILE F 66 -11.25 -20.64 -20.32
N SER F 67 -11.95 -20.80 -19.20
CA SER F 67 -13.26 -21.43 -19.21
C SER F 67 -14.34 -20.38 -19.49
N HIS F 68 -15.55 -20.88 -19.80
CA HIS F 68 -16.67 -19.99 -20.10
C HIS F 68 -16.98 -19.08 -18.92
N ARG F 69 -17.03 -19.65 -17.71
CA ARG F 69 -17.35 -18.85 -16.54
C ARG F 69 -16.28 -17.79 -16.30
N ALA F 70 -15.02 -18.11 -16.63
CA ALA F 70 -13.95 -17.14 -16.45
C ALA F 70 -14.13 -15.92 -17.33
N VAL F 71 -14.56 -16.13 -18.58
CA VAL F 71 -14.80 -15.01 -19.48
C VAL F 71 -15.91 -14.11 -18.95
N GLU F 72 -16.95 -14.72 -18.37
CA GLU F 72 -18.08 -13.95 -17.85
C GLU F 72 -17.62 -12.97 -16.79
N LEU F 73 -16.75 -13.42 -15.87
CA LEU F 73 -16.25 -12.54 -14.83
C LEU F 73 -15.47 -11.38 -15.43
N LEU F 74 -14.61 -11.67 -16.40
CA LEU F 74 -13.85 -10.61 -17.06
C LEU F 74 -14.76 -9.69 -17.86
N GLY F 75 -15.84 -10.23 -18.43
CA GLY F 75 -16.72 -9.41 -19.24
C GLY F 75 -17.50 -8.39 -18.45
N ASP F 76 -17.76 -8.67 -17.16
CA ASP F 76 -18.51 -7.73 -16.34
C ASP F 76 -17.73 -6.44 -16.15
N THR F 77 -16.42 -6.54 -15.98
CA THR F 77 -15.57 -5.38 -15.72
C THR F 77 -14.98 -4.78 -16.99
N GLY F 78 -15.38 -5.27 -18.16
CA GLY F 78 -14.98 -4.65 -19.42
C GLY F 78 -13.57 -4.93 -19.89
N THR F 79 -12.89 -5.92 -19.32
CA THR F 79 -11.54 -6.25 -19.75
C THR F 79 -11.59 -7.04 -21.06
N ALA F 80 -10.95 -6.52 -22.09
CA ALA F 80 -10.88 -7.22 -23.36
C ALA F 80 -9.99 -8.44 -23.23
N LEU F 81 -10.27 -9.43 -24.08
CA LEU F 81 -9.47 -10.66 -24.15
C LEU F 81 -8.80 -10.72 -25.51
N VAL F 82 -7.48 -10.77 -25.52
CA VAL F 82 -6.70 -10.80 -26.75
C VAL F 82 -5.75 -11.99 -26.69
N TRP F 83 -5.79 -12.83 -27.72
CA TRP F 83 -4.93 -14.00 -27.81
C TRP F 83 -3.76 -13.65 -28.72
N VAL F 84 -2.58 -13.46 -28.11
CA VAL F 84 -1.38 -13.11 -28.86
C VAL F 84 -0.40 -14.27 -28.73
N GLY F 85 -0.32 -15.08 -29.77
CA GLY F 85 0.68 -16.12 -29.87
C GLY F 85 1.81 -15.73 -30.78
N GLU F 86 2.38 -16.72 -31.47
CA GLU F 86 3.33 -16.42 -32.50
C GLU F 86 2.60 -15.87 -33.73
N GLN F 87 3.36 -15.26 -34.64
CA GLN F 87 2.81 -14.59 -35.81
C GLN F 87 1.83 -13.48 -35.42
N GLY F 88 2.08 -12.82 -34.30
CA GLY F 88 1.19 -11.78 -33.86
C GLY F 88 -0.10 -12.31 -33.27
N VAL F 89 -1.07 -11.40 -33.16
CA VAL F 89 -2.36 -11.76 -32.56
C VAL F 89 -3.10 -12.74 -33.47
N ARG F 90 -3.87 -13.62 -32.84
CA ARG F 90 -4.65 -14.63 -33.57
C ARG F 90 -6.15 -14.38 -33.53
N TYR F 91 -6.67 -13.80 -32.45
CA TYR F 91 -8.10 -13.58 -32.32
C TYR F 91 -8.35 -12.48 -31.30
N TYR F 92 -9.58 -11.96 -31.30
CA TYR F 92 -9.99 -10.91 -30.38
C TYR F 92 -11.24 -11.36 -29.64
N ALA F 93 -11.51 -10.70 -28.50
CA ALA F 93 -12.70 -10.97 -27.72
C ALA F 93 -12.97 -9.78 -26.81
N SER F 94 -14.25 -9.50 -26.58
CA SER F 94 -14.64 -8.38 -25.73
C SER F 94 -16.07 -8.63 -25.24
N GLY F 95 -16.43 -7.90 -24.18
CA GLY F 95 -17.75 -8.03 -23.59
C GLY F 95 -18.63 -6.82 -23.83
N ARG F 96 -19.55 -6.56 -22.91
CA ARG F 96 -20.45 -5.42 -23.03
C ARG F 96 -19.68 -4.11 -22.90
N ALA F 97 -20.20 -3.08 -23.57
CA ALA F 97 -19.66 -1.75 -23.39
C ALA F 97 -19.91 -1.28 -21.96
N LEU F 98 -18.85 -0.77 -21.33
CA LEU F 98 -18.95 -0.38 -19.93
C LEU F 98 -19.84 0.85 -19.75
N ALA F 99 -19.64 1.86 -20.59
CA ALA F 99 -20.40 3.11 -20.48
C ALA F 99 -21.82 2.92 -21.01
N ARG F 100 -22.78 3.51 -20.31
CA ARG F 100 -24.18 3.33 -20.68
C ARG F 100 -24.62 4.25 -21.82
N SER F 101 -24.03 5.44 -21.95
CA SER F 101 -24.33 6.26 -23.12
C SER F 101 -23.73 5.65 -24.39
N THR F 102 -24.30 6.01 -25.53
CA THR F 102 -23.83 5.56 -26.83
C THR F 102 -23.64 6.71 -27.81
N ARG F 103 -23.53 7.95 -27.32
CA ARG F 103 -23.39 9.09 -28.20
C ARG F 103 -22.09 9.04 -28.99
N PHE F 104 -21.07 8.38 -28.46
CA PHE F 104 -19.84 8.17 -29.23
C PHE F 104 -20.11 7.29 -30.44
N LEU F 105 -20.93 6.25 -30.27
CA LEU F 105 -21.17 5.32 -31.35
C LEU F 105 -22.00 5.95 -32.47
N VAL F 106 -23.03 6.72 -32.12
CA VAL F 106 -23.91 7.28 -33.13
C VAL F 106 -23.16 8.31 -33.98
N LYS F 107 -22.25 9.06 -33.37
CA LYS F 107 -21.45 10.00 -34.14
C LYS F 107 -20.55 9.28 -35.13
N GLN F 108 -19.99 8.14 -34.72
CA GLN F 108 -19.10 7.39 -35.61
C GLN F 108 -19.82 6.92 -36.85
N ALA F 109 -21.06 6.43 -36.69
CA ALA F 109 -21.81 5.95 -37.84
C ALA F 109 -22.19 7.09 -38.79
N GLU F 110 -22.64 8.22 -38.23
CA GLU F 110 -23.06 9.32 -39.10
C GLU F 110 -21.86 10.02 -39.74
N LEU F 111 -20.70 9.98 -39.09
CA LEU F 111 -19.52 10.59 -39.69
C LEU F 111 -18.95 9.74 -40.82
N VAL F 112 -18.98 8.41 -40.67
CA VAL F 112 -18.34 7.54 -41.66
C VAL F 112 -19.10 7.53 -42.98
N THR F 113 -20.41 7.76 -42.98
CA THR F 113 -21.17 7.73 -44.22
C THR F 113 -20.84 8.92 -45.11
N ASN F 114 -20.82 10.13 -44.53
CA ASN F 114 -20.50 11.32 -45.29
C ASN F 114 -19.03 11.30 -45.67
N GLU F 115 -18.75 11.22 -46.96
CA GLU F 115 -17.36 11.23 -47.41
C GLU F 115 -16.68 12.55 -47.07
N ARG F 116 -17.42 13.66 -47.16
CA ARG F 116 -16.87 14.94 -46.73
C ARG F 116 -16.51 14.90 -45.25
N SER F 117 -17.39 14.35 -44.42
CA SER F 117 -17.04 14.11 -43.02
C SER F 117 -15.92 13.07 -42.91
N ARG F 118 -16.00 12.02 -43.74
CA ARG F 118 -14.94 11.00 -43.72
C ARG F 118 -13.61 11.61 -44.15
N LEU F 119 -13.62 12.44 -45.19
CA LEU F 119 -12.38 13.04 -45.67
C LEU F 119 -11.79 13.98 -44.62
N ARG F 120 -12.64 14.82 -44.02
CA ARG F 120 -12.13 15.77 -43.03
C ARG F 120 -11.56 15.06 -41.82
N VAL F 121 -12.22 13.98 -41.37
CA VAL F 121 -11.66 13.19 -40.27
C VAL F 121 -10.38 12.50 -40.71
N ALA F 122 -10.37 11.94 -41.92
CA ALA F 122 -9.15 11.33 -42.44
C ALA F 122 -8.02 12.35 -42.51
N ARG F 123 -8.34 13.60 -42.80
CA ARG F 123 -7.33 14.65 -42.73
C ARG F 123 -7.03 15.04 -41.28
N ARG F 124 -8.04 15.01 -40.43
CA ARG F 124 -7.81 15.27 -39.01
C ARG F 124 -6.96 14.17 -38.39
N MET F 125 -7.21 12.91 -38.77
CA MET F 125 -6.45 11.81 -38.19
C MET F 125 -4.99 11.86 -38.63
N TYR F 126 -4.73 12.24 -39.87
CA TYR F 126 -3.36 12.32 -40.34
C TYR F 126 -2.64 13.55 -39.81
N GLN F 127 -3.40 14.60 -39.46
CA GLN F 127 -2.78 15.80 -38.88
C GLN F 127 -2.13 15.49 -37.55
N MET F 128 -2.79 14.68 -36.72
CA MET F 128 -2.20 14.29 -35.45
C MET F 128 -0.92 13.47 -35.65
N ARG F 129 -0.88 12.65 -36.70
CA ARG F 129 0.30 11.85 -36.97
C ARG F 129 1.50 12.73 -37.32
N PHE F 130 1.28 13.74 -38.17
CA PHE F 130 2.33 14.64 -38.61
C PHE F 130 1.78 16.05 -38.70
N PRO F 131 1.73 16.77 -37.58
CA PRO F 131 1.20 18.15 -37.62
C PRO F 131 2.02 19.11 -38.45
N THR F 132 3.29 18.79 -38.73
CA THR F 132 4.15 19.68 -39.51
C THR F 132 3.74 19.77 -40.97
N GLU F 133 2.86 18.90 -41.45
CA GLU F 133 2.49 18.84 -42.84
C GLU F 133 1.08 19.38 -43.05
N ASP F 134 0.80 19.82 -44.27
CA ASP F 134 -0.50 20.29 -44.68
C ASP F 134 -1.12 19.27 -45.62
N VAL F 135 -2.22 18.65 -45.18
CA VAL F 135 -2.80 17.53 -45.89
C VAL F 135 -4.29 17.73 -46.11
N SER F 136 -4.72 18.99 -46.15
CA SER F 136 -6.13 19.32 -46.30
C SER F 136 -6.62 19.26 -47.74
N LYS F 137 -5.84 18.68 -48.65
CA LYS F 137 -6.20 18.63 -50.06
C LYS F 137 -6.36 17.21 -50.60
N LEU F 138 -5.38 16.34 -50.32
CA LEU F 138 -5.31 15.04 -50.96
C LEU F 138 -6.42 14.11 -50.47
N THR F 139 -6.64 13.04 -51.22
CA THR F 139 -7.68 12.06 -50.95
C THR F 139 -7.05 10.70 -50.59
N MET F 140 -7.92 9.73 -50.31
CA MET F 140 -7.54 8.54 -49.55
C MET F 140 -6.42 7.76 -50.24
N GLN F 141 -6.50 7.59 -51.56
CA GLN F 141 -5.67 6.60 -52.25
C GLN F 141 -4.19 6.81 -51.98
N GLN F 142 -3.76 8.05 -51.76
CA GLN F 142 -2.36 8.31 -51.47
C GLN F 142 -2.06 8.60 -50.01
N LEU F 143 -3.08 8.58 -49.13
CA LEU F 143 -2.79 8.55 -47.70
C LEU F 143 -2.04 7.27 -47.33
N ARG F 144 -2.48 6.13 -47.87
CA ARG F 144 -1.78 4.89 -47.62
C ARG F 144 -0.35 4.94 -48.13
N SER F 145 -0.13 5.60 -49.27
CA SER F 145 1.22 5.75 -49.79
C SER F 145 2.09 6.59 -48.86
N HIS F 146 1.59 7.80 -48.56
CA HIS F 146 2.37 8.79 -47.78
C HIS F 146 2.44 8.41 -46.30
N GLU F 147 1.32 8.04 -45.69
CA GLU F 147 1.42 7.57 -44.29
C GLU F 147 2.33 6.34 -44.32
N GLY F 148 2.10 5.45 -45.30
CA GLY F 148 2.93 4.25 -45.41
C GLY F 148 4.38 4.60 -45.68
N ALA F 149 4.63 5.59 -46.54
CA ALA F 149 6.01 5.95 -46.89
C ALA F 149 6.69 6.46 -45.62
N ARG F 150 5.98 7.27 -44.84
CA ARG F 150 6.58 7.85 -43.61
C ARG F 150 6.88 6.70 -42.66
N VAL F 151 5.94 5.75 -42.57
CA VAL F 151 6.15 4.55 -41.72
C VAL F 151 7.35 3.78 -42.25
N ARG F 152 7.39 3.48 -43.56
CA ARG F 152 8.51 2.66 -44.07
C ARG F 152 9.83 3.40 -43.84
N ARG F 153 9.86 4.69 -44.16
CA ARG F 153 11.10 5.49 -43.99
C ARG F 153 11.45 5.58 -42.50
N LYS F 154 10.46 5.75 -41.62
CA LYS F 154 10.74 5.86 -40.18
C LYS F 154 11.37 4.54 -39.72
N TYR F 155 10.80 3.42 -40.18
CA TYR F 155 11.31 2.10 -39.76
C TYR F 155 12.75 2.03 -40.24
N ARG F 156 13.01 2.42 -41.49
CA ARG F 156 14.38 2.27 -42.03
C ARG F 156 15.35 3.11 -41.19
N GLU F 157 15.02 4.37 -40.91
CA GLU F 157 15.99 5.21 -40.20
C GLU F 157 16.23 4.65 -38.79
N LEU F 158 15.15 4.23 -38.12
CA LEU F 158 15.32 3.77 -36.72
C LEU F 158 16.21 2.53 -36.76
N SER F 159 15.96 1.66 -37.74
CA SER F 159 16.71 0.39 -37.81
C SER F 159 18.17 0.78 -38.01
N LYS F 160 18.46 1.66 -38.96
CA LYS F 160 19.88 1.95 -39.23
C LYS F 160 20.52 2.50 -37.95
N LYS F 161 19.87 3.46 -37.28
CA LYS F 161 20.43 4.12 -36.07
C LYS F 161 20.77 3.06 -35.01
N TYR F 162 19.80 2.22 -34.67
CA TYR F 162 20.02 1.14 -33.67
C TYR F 162 21.00 0.11 -34.23
N ASN F 163 21.18 0.09 -35.56
CA ASN F 163 22.13 -0.85 -36.24
C ASN F 163 21.47 -2.22 -36.39
N VAL F 164 20.16 -2.30 -36.13
CA VAL F 164 19.43 -3.58 -36.36
C VAL F 164 19.07 -3.63 -37.84
N PRO F 165 19.48 -4.68 -38.59
CA PRO F 165 19.10 -4.80 -40.00
C PRO F 165 17.58 -4.97 -40.10
N TRP F 166 16.95 -4.30 -41.07
CA TRP F 166 15.50 -4.48 -41.29
C TRP F 166 15.29 -5.24 -42.60
N LYS F 167 14.49 -6.31 -42.56
CA LYS F 167 14.26 -7.15 -43.76
C LYS F 167 13.41 -6.35 -44.76
N LYS F 168 12.84 -5.23 -44.34
CA LYS F 168 11.98 -4.36 -45.20
C LYS F 168 10.55 -4.90 -45.17
N ARG F 169 10.32 -5.99 -44.44
CA ARG F 169 8.93 -6.50 -44.30
C ARG F 169 8.25 -5.60 -43.26
N VAL F 170 7.15 -4.96 -43.64
CA VAL F 170 6.48 -4.00 -42.72
C VAL F 170 5.57 -4.79 -41.78
N TYR F 171 5.49 -4.39 -40.51
CA TYR F 171 4.62 -5.07 -39.55
C TYR F 171 3.20 -5.23 -40.08
N ASN F 172 2.80 -6.47 -40.36
CA ASN F 172 1.44 -6.78 -40.79
C ASN F 172 0.76 -7.65 -39.74
N PRO F 173 -0.13 -7.10 -38.91
CA PRO F 173 -0.84 -7.94 -37.94
C PRO F 173 -1.63 -9.06 -38.58
N ASP F 174 -2.13 -8.86 -39.79
CA ASP F 174 -2.82 -9.90 -40.53
C ASP F 174 -1.78 -10.90 -41.03
N ASP F 175 -1.66 -12.03 -40.33
CA ASP F 175 -0.72 -13.10 -40.69
C ASP F 175 0.72 -12.58 -40.76
N PHE F 176 1.21 -12.14 -39.61
CA PHE F 176 2.59 -11.71 -39.50
C PHE F 176 3.53 -12.89 -39.73
N ALA F 177 4.69 -12.61 -40.33
CA ALA F 177 5.68 -13.64 -40.62
C ALA F 177 7.05 -13.18 -40.14
N GLY F 178 7.80 -14.10 -39.53
CA GLY F 178 9.14 -13.80 -39.07
C GLY F 178 9.56 -14.54 -37.81
N GLY F 179 10.82 -14.98 -37.77
CA GLY F 179 11.31 -15.71 -36.62
C GLY F 179 12.63 -15.18 -36.09
N ASP F 180 13.28 -14.30 -36.85
CA ASP F 180 14.53 -13.71 -36.42
C ASP F 180 14.30 -12.79 -35.21
N PRO F 181 15.32 -12.58 -34.38
CA PRO F 181 15.10 -11.86 -33.12
C PRO F 181 14.47 -10.48 -33.28
N ILE F 182 14.69 -9.81 -34.43
CA ILE F 182 14.02 -8.55 -34.67
C ILE F 182 12.51 -8.75 -34.78
N ASN F 183 12.07 -9.88 -35.33
CA ASN F 183 10.67 -10.12 -35.60
C ASN F 183 9.83 -10.14 -34.32
N GLN F 184 10.07 -11.12 -33.44
CA GLN F 184 9.25 -11.20 -32.23
C GLN F 184 9.49 -10.02 -31.29
N ALA F 185 10.63 -9.34 -31.43
CA ALA F 185 10.84 -8.12 -30.65
C ALA F 185 9.81 -7.06 -31.02
N LEU F 186 9.65 -6.81 -32.33
CA LEU F 186 8.69 -5.81 -32.77
C LEU F 186 7.26 -6.33 -32.70
N SER F 187 7.05 -7.60 -33.04
CA SER F 187 5.68 -8.13 -33.09
C SER F 187 5.04 -8.13 -31.71
N ALA F 188 5.79 -8.56 -30.70
CA ALA F 188 5.26 -8.56 -29.33
C ALA F 188 5.04 -7.14 -28.82
N ALA F 189 5.90 -6.21 -29.22
CA ALA F 189 5.73 -4.83 -28.77
C ALA F 189 4.44 -4.22 -29.32
N HIS F 190 4.14 -4.47 -30.60
CA HIS F 190 2.99 -3.83 -31.22
C HIS F 190 1.67 -4.35 -30.65
N VAL F 191 1.56 -5.67 -30.47
CA VAL F 191 0.32 -6.24 -29.99
C VAL F 191 -0.02 -5.73 -28.60
N ALA F 192 0.97 -5.29 -27.84
CA ALA F 192 0.69 -4.63 -26.57
C ALA F 192 -0.13 -3.36 -26.77
N LEU F 193 0.22 -2.58 -27.80
CA LEU F 193 -0.57 -1.40 -28.13
C LEU F 193 -1.98 -1.79 -28.57
N TYR F 194 -2.11 -2.90 -29.29
CA TYR F 194 -3.42 -3.33 -29.77
C TYR F 194 -4.38 -3.61 -28.62
N GLY F 195 -3.88 -4.23 -27.55
CA GLY F 195 -4.76 -4.64 -26.46
C GLY F 195 -5.43 -3.46 -25.78
N LEU F 196 -4.66 -2.42 -25.47
CA LEU F 196 -5.23 -1.24 -24.83
C LEU F 196 -6.25 -0.58 -25.73
N VAL F 197 -5.95 -0.50 -27.03
CA VAL F 197 -6.88 0.10 -27.98
C VAL F 197 -8.14 -0.75 -28.12
N HIS F 198 -7.97 -2.08 -28.08
CA HIS F 198 -9.12 -2.96 -28.25
C HIS F 198 -10.15 -2.76 -27.13
N SER F 199 -9.68 -2.56 -25.90
CA SER F 199 -10.59 -2.41 -24.77
C SER F 199 -11.29 -1.05 -24.79
N VAL F 200 -10.54 0.02 -25.07
CA VAL F 200 -11.07 1.36 -24.92
C VAL F 200 -12.20 1.62 -25.92
N VAL F 201 -12.08 1.10 -27.14
CA VAL F 201 -13.16 1.25 -28.11
C VAL F 201 -14.41 0.54 -27.63
N ALA F 202 -14.25 -0.62 -26.98
CA ALA F 202 -15.36 -1.27 -26.33
C ALA F 202 -15.78 -0.53 -25.06
N ALA F 203 -14.81 0.03 -24.34
CA ALA F 203 -15.12 0.73 -23.10
C ALA F 203 -15.97 1.97 -23.36
N LEU F 204 -15.60 2.74 -24.38
CA LEU F 204 -16.37 3.93 -24.72
C LEU F 204 -17.55 3.63 -25.63
N GLY F 205 -17.65 2.41 -26.15
CA GLY F 205 -18.76 2.03 -26.98
C GLY F 205 -18.59 2.41 -28.44
N LEU F 206 -17.41 2.14 -28.99
CA LEU F 206 -17.12 2.42 -30.39
C LEU F 206 -17.08 1.11 -31.17
N SER F 207 -17.70 1.10 -32.33
CA SER F 207 -17.78 -0.12 -33.12
C SER F 207 -16.39 -0.50 -33.64
N PRO F 208 -15.89 -1.69 -33.32
CA PRO F 208 -14.52 -2.03 -33.73
C PRO F 208 -14.35 -2.21 -35.24
N GLY F 209 -15.41 -2.52 -35.96
CA GLY F 209 -15.32 -2.79 -37.38
C GLY F 209 -15.65 -1.64 -38.31
N LEU F 210 -15.82 -0.43 -37.79
CA LEU F 210 -16.22 0.73 -38.60
C LEU F 210 -15.09 1.75 -38.56
N GLY F 211 -14.12 1.60 -39.48
CA GLY F 211 -12.98 2.48 -39.55
C GLY F 211 -12.95 3.25 -40.86
N PHE F 212 -12.14 4.30 -40.89
CA PHE F 212 -12.05 5.20 -42.04
C PHE F 212 -10.95 4.79 -43.01
N VAL F 213 -9.70 4.79 -42.54
CA VAL F 213 -8.57 4.52 -43.44
C VAL F 213 -8.56 3.05 -43.85
N HIS F 214 -8.76 2.16 -42.90
CA HIS F 214 -8.79 0.73 -43.17
C HIS F 214 -10.21 0.21 -43.14
N THR F 215 -10.57 -0.58 -44.16
CA THR F 215 -11.87 -1.22 -44.24
C THR F 215 -11.69 -2.61 -44.82
N GLY F 216 -12.70 -3.45 -44.65
CA GLY F 216 -12.69 -4.79 -45.21
C GLY F 216 -12.56 -5.92 -44.22
N HIS F 217 -12.52 -5.63 -42.92
CA HIS F 217 -12.47 -6.68 -41.91
C HIS F 217 -13.06 -6.14 -40.61
N ASP F 218 -13.41 -7.08 -39.72
CA ASP F 218 -14.23 -6.78 -38.55
C ASP F 218 -13.50 -5.97 -37.49
N ARG F 219 -12.19 -5.77 -37.61
CA ARG F 219 -11.42 -4.99 -36.65
C ARG F 219 -10.73 -3.81 -37.32
N SER F 220 -11.45 -3.16 -38.23
CA SER F 220 -10.85 -2.09 -39.03
C SER F 220 -10.53 -0.87 -38.18
N PHE F 221 -11.49 -0.44 -37.34
CA PHE F 221 -11.33 0.83 -36.63
C PHE F 221 -10.12 0.83 -35.72
N ILE F 222 -9.76 -0.33 -35.16
CA ILE F 222 -8.56 -0.41 -34.34
C ILE F 222 -7.33 -0.07 -35.17
N TYR F 223 -7.24 -0.64 -36.38
CA TYR F 223 -6.07 -0.42 -37.21
C TYR F 223 -5.88 1.05 -37.53
N ASP F 224 -6.98 1.76 -37.80
CA ASP F 224 -6.89 3.19 -38.09
C ASP F 224 -6.39 3.98 -36.89
N VAL F 225 -6.89 3.66 -35.69
CA VAL F 225 -6.50 4.43 -34.51
C VAL F 225 -5.26 3.85 -33.83
N ALA F 226 -4.93 2.58 -34.07
CA ALA F 226 -3.67 2.04 -33.56
C ALA F 226 -2.48 2.74 -34.21
N ASP F 227 -2.60 3.05 -35.51
CA ASP F 227 -1.53 3.74 -36.21
C ASP F 227 -1.27 5.14 -35.65
N LEU F 228 -2.21 5.69 -34.87
CA LEU F 228 -2.01 7.00 -34.28
C LEU F 228 -0.84 7.05 -33.31
N TYR F 229 -0.40 5.91 -32.78
CA TYR F 229 0.73 5.90 -31.85
C TYR F 229 1.75 4.82 -32.13
N LYS F 230 1.53 3.91 -33.09
CA LYS F 230 2.49 2.84 -33.31
C LYS F 230 3.83 3.40 -33.78
N ALA F 231 3.80 4.41 -34.64
CA ALA F 231 5.03 5.03 -35.15
C ALA F 231 5.61 6.04 -34.16
N GLU F 232 4.92 6.32 -33.06
CA GLU F 232 5.39 7.28 -32.08
C GLU F 232 5.75 6.65 -30.74
N ILE F 233 5.26 5.44 -30.45
CA ILE F 233 5.51 4.83 -29.15
C ILE F 233 6.20 3.47 -29.30
N THR F 234 5.52 2.50 -29.91
CA THR F 234 5.99 1.13 -29.83
C THR F 234 7.19 0.87 -30.75
N VAL F 235 7.19 1.44 -31.96
CA VAL F 235 8.32 1.23 -32.87
C VAL F 235 9.63 1.75 -32.29
N PRO F 236 9.71 2.97 -31.72
CA PRO F 236 10.98 3.36 -31.06
C PRO F 236 11.39 2.42 -29.95
N ILE F 237 10.43 1.93 -29.17
CA ILE F 237 10.75 1.03 -28.08
C ILE F 237 11.19 -0.34 -28.61
N ALA F 238 10.48 -0.85 -29.61
CA ALA F 238 10.74 -2.21 -30.10
C ALA F 238 12.15 -2.34 -30.65
N PHE F 239 12.58 -1.36 -31.45
CA PHE F 239 13.91 -1.43 -32.04
C PHE F 239 14.99 -1.26 -30.98
N ALA F 240 14.72 -0.47 -29.94
CA ALA F 240 15.68 -0.33 -28.84
C ALA F 240 15.93 -1.66 -28.17
N VAL F 241 14.87 -2.45 -27.95
CA VAL F 241 15.02 -3.75 -27.32
C VAL F 241 15.84 -4.67 -28.21
N ALA F 242 15.55 -4.68 -29.52
CA ALA F 242 16.25 -5.57 -30.43
C ALA F 242 17.74 -5.25 -30.48
N ALA F 243 18.09 -3.96 -30.48
CA ALA F 243 19.50 -3.58 -30.52
C ALA F 243 20.24 -4.06 -29.28
N GLU F 244 19.65 -3.86 -28.10
CA GLU F 244 20.27 -4.30 -26.87
C GLU F 244 20.03 -5.78 -26.57
N ALA F 245 19.23 -6.45 -27.38
CA ALA F 245 18.95 -7.87 -27.15
C ALA F 245 20.23 -8.69 -27.29
N GLU F 246 20.41 -9.64 -26.39
CA GLU F 246 21.55 -10.55 -26.40
C GLU F 246 21.08 -11.96 -26.68
N GLU F 247 22.04 -12.82 -27.01
CA GLU F 247 21.73 -14.21 -27.35
C GLU F 247 21.19 -14.95 -26.14
N GLY F 248 20.22 -15.82 -26.38
CA GLY F 248 19.67 -16.67 -25.33
C GLY F 248 18.95 -15.91 -24.23
N GLN F 249 18.11 -14.95 -24.59
CA GLN F 249 17.32 -14.20 -23.62
C GLN F 249 15.91 -14.03 -24.16
N ASP F 250 14.92 -14.14 -23.26
CA ASP F 250 13.53 -13.97 -23.65
C ASP F 250 13.19 -12.50 -23.90
N ILE F 251 13.49 -12.03 -25.12
CA ILE F 251 13.34 -10.62 -25.44
C ILE F 251 11.89 -10.17 -25.35
N GLY F 252 10.95 -11.09 -25.50
CA GLY F 252 9.54 -10.73 -25.36
C GLY F 252 9.25 -10.11 -24.01
N GLN F 253 9.78 -10.72 -22.94
CA GLN F 253 9.62 -10.16 -21.61
C GLN F 253 10.27 -8.78 -21.53
N LEU F 254 11.53 -8.68 -21.96
CA LEU F 254 12.25 -7.41 -21.86
C LEU F 254 11.56 -6.33 -22.69
N ALA F 255 11.14 -6.70 -23.91
CA ALA F 255 10.41 -5.74 -24.75
C ALA F 255 9.10 -5.32 -24.10
N ARG F 256 8.38 -6.28 -23.53
CA ARG F 256 7.07 -5.97 -22.96
C ARG F 256 7.19 -4.99 -21.81
N LEU F 257 8.25 -5.12 -21.00
CA LEU F 257 8.46 -4.19 -19.89
C LEU F 257 8.68 -2.77 -20.39
N ARG F 258 9.56 -2.60 -21.38
CA ARG F 258 9.89 -1.26 -21.85
C ARG F 258 8.68 -0.55 -22.45
N THR F 259 7.67 -1.30 -22.87
CA THR F 259 6.44 -0.68 -23.36
C THR F 259 5.75 0.11 -22.26
N ARG F 260 5.56 -0.51 -21.09
CA ARG F 260 4.80 0.14 -20.03
C ARG F 260 5.48 1.42 -19.55
N ASP F 261 6.81 1.41 -19.46
CA ASP F 261 7.53 2.62 -19.11
C ASP F 261 7.22 3.73 -20.11
N ALA F 262 7.20 3.40 -21.40
CA ALA F 262 6.74 4.36 -22.40
C ALA F 262 5.26 4.68 -22.21
N PHE F 263 4.45 3.67 -21.88
CA PHE F 263 3.02 3.89 -21.71
C PHE F 263 2.72 4.86 -20.58
N VAL F 264 3.35 4.65 -19.42
CA VAL F 264 3.08 5.50 -18.27
C VAL F 264 3.63 6.91 -18.49
N ASP F 265 4.88 7.01 -18.93
CA ASP F 265 5.48 8.31 -19.14
C ASP F 265 4.82 9.04 -20.30
N GLY F 266 4.40 8.32 -21.32
CA GLY F 266 3.74 8.93 -22.46
C GLY F 266 2.38 9.51 -22.15
N LYS F 267 1.82 9.23 -20.97
CA LYS F 267 0.49 9.71 -20.58
C LYS F 267 -0.55 9.30 -21.63
N ILE F 268 -0.46 8.05 -22.09
CA ILE F 268 -1.22 7.63 -23.27
C ILE F 268 -2.72 7.66 -22.99
N LEU F 269 -3.14 7.14 -21.83
CA LEU F 269 -4.57 7.01 -21.56
C LEU F 269 -5.27 8.36 -21.63
N LYS F 270 -4.71 9.37 -20.97
CA LYS F 270 -5.27 10.71 -21.05
C LYS F 270 -5.20 11.25 -22.47
N ARG F 271 -4.08 11.01 -23.15
CA ARG F 271 -3.93 11.47 -24.53
C ARG F 271 -4.82 10.70 -25.49
N MET F 272 -4.81 9.37 -25.38
CA MET F 272 -5.50 8.54 -26.36
C MET F 272 -7.01 8.73 -26.30
N VAL F 273 -7.57 8.79 -25.09
CA VAL F 273 -9.00 9.01 -24.95
C VAL F 273 -9.38 10.40 -25.47
N LYS F 274 -8.51 11.39 -25.24
CA LYS F 274 -8.76 12.71 -25.78
C LYS F 274 -8.71 12.72 -27.29
N ASP F 275 -7.81 11.94 -27.88
CA ASP F 275 -7.67 11.92 -29.34
C ASP F 275 -8.93 11.38 -30.01
N LEU F 276 -9.52 10.33 -29.45
CA LEU F 276 -10.77 9.82 -30.01
C LEU F 276 -11.86 10.89 -30.02
N GLN F 277 -11.85 11.76 -29.01
CA GLN F 277 -12.78 12.89 -29.02
C GLN F 277 -12.48 13.83 -30.18
N THR F 278 -11.22 14.12 -30.43
CA THR F 278 -10.85 15.02 -31.52
C THR F 278 -11.24 14.43 -32.87
N LEU F 279 -10.99 13.14 -33.06
CA LEU F 279 -11.38 12.49 -34.31
C LEU F 279 -12.90 12.51 -34.50
N LEU F 280 -13.65 12.26 -33.43
CA LEU F 280 -15.10 12.26 -33.49
C LEU F 280 -15.70 13.65 -33.34
N GLU F 281 -14.90 14.65 -32.97
CA GLU F 281 -15.36 16.04 -32.84
C GLU F 281 -16.56 16.13 -31.90
N ILE F 282 -16.49 15.42 -30.78
CA ILE F 282 -17.59 15.41 -29.82
C ILE F 282 -17.56 16.71 -29.03
N PRO F 283 -18.68 17.44 -28.96
CA PRO F 283 -18.70 18.66 -28.14
C PRO F 283 -18.55 18.34 -26.66
N GLU F 284 -17.96 19.29 -25.94
CA GLU F 284 -17.74 19.14 -24.50
C GLU F 284 -18.94 19.65 -23.75
N GLU F 285 -19.61 18.75 -23.01
CA GLU F 285 -20.79 19.12 -22.23
C GLU F 285 -20.99 18.08 -21.15
N GLY F 286 -21.41 18.53 -19.97
CA GLY F 286 -21.64 17.63 -18.85
C GLY F 286 -22.98 16.93 -18.91
N GLN F 287 -23.09 15.94 -19.79
CA GLN F 287 -24.35 15.24 -19.99
C GLN F 287 -24.65 14.34 -18.79
N ILE F 288 -25.80 14.59 -18.15
CA ILE F 288 -26.24 13.73 -17.05
C ILE F 288 -26.67 12.36 -17.59
N GLU F 289 -27.49 12.37 -18.62
CA GLU F 289 -28.02 11.15 -19.25
C GLU F 289 -28.66 10.23 -18.22
N ALA F 290 -29.51 10.80 -17.38
CA ALA F 290 -30.29 9.99 -16.45
C ALA F 290 -31.26 9.08 -17.19
N GLU F 291 -31.59 9.42 -18.43
CA GLU F 291 -32.44 8.61 -19.30
C GLU F 291 -31.64 8.10 -20.50
N PRO F 292 -30.90 7.00 -20.34
CA PRO F 292 -30.03 6.53 -21.43
C PRO F 292 -30.80 6.12 -22.67
N LEU F 293 -31.74 5.19 -22.53
CA LEU F 293 -32.48 4.71 -23.68
C LEU F 293 -33.64 5.65 -23.99
N SER F 294 -34.00 5.71 -25.28
CA SER F 294 -35.13 6.51 -25.73
C SER F 294 -35.61 5.94 -27.05
N LEU F 295 -36.80 6.37 -27.45
CA LEU F 295 -37.42 5.95 -28.70
C LEU F 295 -37.19 7.01 -29.76
N TRP F 296 -36.78 6.58 -30.95
CA TRP F 296 -36.48 7.51 -32.03
C TRP F 296 -37.75 8.21 -32.51
N ASP F 297 -37.68 9.52 -32.69
CA ASP F 297 -38.86 10.28 -33.18
C ASP F 297 -38.39 11.41 -34.12
N ASP F 298 -38.46 11.16 -35.43
CA ASP F 298 -37.93 12.18 -36.39
C ASP F 298 -38.71 13.48 -36.17
N LYS F 299 -40.03 13.38 -36.01
CA LYS F 299 -40.87 14.59 -35.83
C LYS F 299 -40.51 15.31 -34.53
N GLU F 300 -40.33 14.57 -33.42
CA GLU F 300 -40.10 15.26 -32.13
C GLU F 300 -38.93 14.67 -31.34
N LYS F 301 -37.69 14.88 -31.81
CA LYS F 301 -36.51 14.47 -30.99
C LYS F 301 -36.59 13.00 -30.60
N LEU F 302 -36.54 12.72 -29.30
CA LEU F 302 -36.58 11.32 -28.82
C LEU F 302 -37.65 11.20 -27.72
N VAL F 303 -38.66 10.35 -27.92
CA VAL F 303 -39.70 10.13 -26.87
C VAL F 303 -39.20 9.06 -25.88
N PRO F 304 -39.53 9.08 -24.55
CA PRO F 304 -39.00 8.07 -23.64
C PRO F 304 -39.59 6.69 -23.85
N TYR F 305 -39.25 5.75 -22.96
CA TYR F 305 -39.67 4.36 -23.06
C TYR F 305 -40.65 4.04 -21.93
N GLY F 306 -41.05 2.78 -21.86
CA GLY F 306 -41.86 2.29 -20.77
C GLY F 306 -43.23 2.94 -20.65
N VAL F 307 -43.83 3.34 -21.76
CA VAL F 307 -45.13 3.98 -21.77
C VAL F 307 -45.99 3.29 -22.82
N ASN F 308 -47.22 2.93 -22.44
CA ASN F 308 -48.18 2.40 -23.41
C ASN F 308 -48.87 3.58 -24.08
N TYR F 309 -48.59 3.79 -25.36
CA TYR F 309 -49.11 4.95 -26.08
C TYR F 309 -50.52 4.74 -26.62
N SER F 310 -51.12 3.56 -26.38
CA SER F 310 -52.46 3.30 -26.92
C SER F 310 -53.48 4.29 -26.38
N GLU F 311 -53.40 4.60 -25.09
CA GLU F 311 -54.32 5.57 -24.48
C GLU F 311 -53.57 6.86 -24.14
N ASP G 20 18.79 24.32 51.61
CA ASP G 20 19.98 23.79 52.28
C ASP G 20 19.94 22.27 52.35
N ARG G 21 18.75 21.73 52.62
CA ARG G 21 18.54 20.30 52.75
C ARG G 21 17.70 19.80 51.57
N ALA G 22 18.20 18.79 50.87
CA ALA G 22 17.49 18.16 49.78
C ALA G 22 17.46 16.66 50.00
N THR G 23 16.31 16.05 49.76
CA THR G 23 16.10 14.63 49.97
C THR G 23 15.87 13.94 48.63
N PHE G 24 16.70 12.95 48.33
CA PHE G 24 16.59 12.17 47.09
C PHE G 24 16.10 10.78 47.48
N ILE G 25 14.79 10.62 47.55
CA ILE G 25 14.19 9.35 47.91
C ILE G 25 14.10 8.45 46.68
N TYR G 26 14.38 7.16 46.87
CA TYR G 26 14.34 6.18 45.79
C TYR G 26 13.39 5.05 46.21
N ILE G 27 12.28 4.92 45.49
CA ILE G 27 11.30 3.86 45.74
C ILE G 27 11.40 2.83 44.63
N GLU G 28 11.37 1.56 45.03
CA GLU G 28 11.51 0.45 44.10
C GLU G 28 10.39 -0.55 44.35
N HIS G 29 9.85 -1.10 43.26
CA HIS G 29 8.91 -2.21 43.32
C HIS G 29 7.65 -1.86 44.10
N ALA G 30 7.08 -0.68 43.85
CA ALA G 30 5.91 -0.25 44.61
C ALA G 30 5.14 0.80 43.85
N LYS G 31 3.86 0.95 44.22
CA LYS G 31 2.99 1.98 43.69
C LYS G 31 2.99 3.19 44.61
N ILE G 32 2.50 4.31 44.09
CA ILE G 32 2.41 5.55 44.86
C ILE G 32 1.07 6.22 44.60
N ASN G 33 0.39 6.61 45.68
CA ASN G 33 -0.78 7.49 45.64
C ASN G 33 -0.67 8.47 46.81
N ARG G 34 -1.75 9.17 47.13
CA ARG G 34 -1.84 9.84 48.42
C ARG G 34 -3.07 9.33 49.14
N VAL G 35 -3.18 9.72 50.40
CA VAL G 35 -4.45 9.63 51.12
C VAL G 35 -5.01 11.04 51.26
N ASP G 36 -4.28 11.92 51.95
CA ASP G 36 -4.67 13.32 52.10
C ASP G 36 -3.64 14.29 51.54
N SER G 37 -2.40 14.25 52.04
CA SER G 37 -1.37 15.17 51.57
C SER G 37 0.00 14.53 51.48
N ALA G 38 0.12 13.21 51.65
CA ALA G 38 1.41 12.53 51.65
C ALA G 38 1.34 11.36 50.68
N VAL G 39 2.48 11.04 50.07
CA VAL G 39 2.51 9.93 49.12
C VAL G 39 2.35 8.61 49.88
N THR G 40 1.76 7.64 49.19
CA THR G 40 1.50 6.32 49.76
C THR G 40 2.22 5.27 48.94
N VAL G 41 3.36 4.82 49.44
CA VAL G 41 4.10 3.72 48.82
C VAL G 41 3.31 2.44 49.04
N ALA G 42 3.11 1.67 47.97
CA ALA G 42 2.29 0.47 47.99
C ALA G 42 3.13 -0.80 47.87
N GLU G 43 4.29 -0.81 48.53
CA GLU G 43 5.12 -2.00 48.54
C GLU G 43 4.43 -3.14 49.28
N ALA G 44 4.82 -4.37 48.93
CA ALA G 44 4.24 -5.53 49.59
C ALA G 44 4.66 -5.61 51.06
N LYS G 45 5.77 -4.97 51.41
CA LYS G 45 6.29 -5.07 52.77
C LYS G 45 5.51 -4.20 53.75
N GLY G 46 4.90 -3.11 53.29
CA GLY G 46 4.18 -2.25 54.21
C GLY G 46 3.46 -1.14 53.49
N VAL G 47 3.15 -0.09 54.25
CA VAL G 47 2.48 1.11 53.75
C VAL G 47 3.23 2.31 54.29
N VAL G 48 3.55 3.26 53.42
CA VAL G 48 4.31 4.45 53.78
C VAL G 48 3.47 5.68 53.46
N ARG G 49 3.60 6.71 54.29
CA ARG G 49 2.84 7.96 54.12
C ARG G 49 3.76 9.17 54.30
N ILE G 50 4.88 9.17 53.58
CA ILE G 50 5.88 10.23 53.67
C ILE G 50 5.27 11.56 53.18
N PRO G 51 5.28 12.60 54.00
CA PRO G 51 4.82 13.92 53.54
C PRO G 51 5.75 14.48 52.48
N ALA G 52 5.17 15.28 51.59
CA ALA G 52 5.91 15.86 50.47
C ALA G 52 6.50 17.22 50.80
N ALA G 53 6.21 17.79 51.98
CA ALA G 53 6.79 19.07 52.35
C ALA G 53 8.31 18.98 52.44
N MET G 54 8.82 17.90 53.02
CA MET G 54 10.26 17.68 53.10
C MET G 54 10.84 17.04 51.85
N ILE G 55 10.01 16.62 50.91
CA ILE G 55 10.49 15.95 49.70
C ILE G 55 10.96 17.00 48.70
N GLY G 56 12.22 16.88 48.29
CA GLY G 56 12.74 17.76 47.26
C GLY G 56 12.80 17.08 45.90
N VAL G 57 13.32 15.85 45.86
CA VAL G 57 13.45 15.07 44.64
C VAL G 57 12.91 13.68 44.91
N LEU G 58 12.23 13.11 43.92
CA LEU G 58 11.60 11.80 44.04
C LEU G 58 12.06 10.92 42.89
N LEU G 59 12.96 9.99 43.17
CA LEU G 59 13.48 9.08 42.17
C LEU G 59 12.59 7.84 42.11
N LEU G 60 12.30 7.37 40.90
CA LEU G 60 11.44 6.21 40.69
C LEU G 60 12.21 5.12 39.96
N GLY G 61 12.20 3.92 40.52
CA GLY G 61 12.88 2.80 39.91
C GLY G 61 11.96 1.99 39.02
N PRO G 62 12.46 0.91 38.46
CA PRO G 62 11.63 0.08 37.57
C PRO G 62 10.48 -0.56 38.35
N GLY G 63 9.39 -0.84 37.62
CA GLY G 63 8.24 -1.48 38.20
C GLY G 63 7.54 -0.67 39.27
N THR G 64 7.29 0.61 38.99
CA THR G 64 6.58 1.49 39.92
C THR G 64 5.48 2.22 39.16
N ASP G 65 4.47 2.66 39.91
CA ASP G 65 3.35 3.40 39.35
C ASP G 65 3.20 4.73 40.06
N ILE G 66 2.68 5.71 39.33
CA ILE G 66 2.41 7.03 39.89
C ILE G 66 1.18 7.61 39.21
N SER G 67 0.21 8.05 40.01
CA SER G 67 -1.08 8.51 39.51
C SER G 67 -1.05 10.02 39.24
N HIS G 68 -1.93 10.45 38.33
CA HIS G 68 -2.08 11.89 38.11
C HIS G 68 -2.52 12.60 39.38
N ARG G 69 -3.37 11.96 40.19
CA ARG G 69 -3.84 12.65 41.38
C ARG G 69 -2.73 12.77 42.41
N ALA G 70 -1.79 11.82 42.42
CA ALA G 70 -0.64 11.92 43.32
C ALA G 70 0.36 12.94 42.81
N VAL G 71 0.55 13.00 41.50
CA VAL G 71 1.54 13.91 40.91
C VAL G 71 1.19 15.36 41.19
N GLU G 72 -0.11 15.67 41.26
CA GLU G 72 -0.54 17.07 41.33
C GLU G 72 0.10 17.80 42.49
N LEU G 73 0.10 17.20 43.68
CA LEU G 73 0.71 17.85 44.83
C LEU G 73 2.22 17.99 44.64
N LEU G 74 2.84 17.05 43.93
CA LEU G 74 4.26 17.15 43.67
C LEU G 74 4.58 18.41 42.86
N GLY G 75 3.75 18.72 41.86
CA GLY G 75 3.99 19.91 41.06
C GLY G 75 3.80 21.20 41.84
N ASP G 76 2.73 21.29 42.64
CA ASP G 76 2.44 22.54 43.32
C ASP G 76 3.33 22.78 44.54
N THR G 77 3.99 21.74 45.06
CA THR G 77 4.95 21.90 46.14
C THR G 77 6.38 22.03 45.63
N GLY G 78 6.57 22.09 44.31
CA GLY G 78 7.89 22.31 43.75
C GLY G 78 8.88 21.20 44.00
N THR G 79 8.43 19.94 43.95
CA THR G 79 9.34 18.80 44.09
C THR G 79 9.95 18.47 42.73
N ALA G 80 10.63 17.33 42.63
CA ALA G 80 11.26 16.91 41.40
C ALA G 80 10.91 15.45 41.15
N LEU G 81 10.21 15.19 40.04
CA LEU G 81 9.88 13.84 39.64
C LEU G 81 10.85 13.39 38.56
N VAL G 82 11.56 12.29 38.82
CA VAL G 82 12.61 11.82 37.94
C VAL G 82 12.51 10.30 37.82
N TRP G 83 12.29 9.81 36.62
CA TRP G 83 12.29 8.37 36.38
C TRP G 83 13.70 7.90 36.08
N VAL G 84 14.16 6.88 36.81
CA VAL G 84 15.50 6.35 36.68
C VAL G 84 15.41 4.83 36.62
N GLY G 85 16.56 4.20 36.39
CA GLY G 85 16.66 2.76 36.47
C GLY G 85 16.68 2.30 37.91
N GLU G 86 17.45 1.24 38.17
CA GLU G 86 17.62 0.77 39.54
C GLU G 86 18.59 1.71 40.25
N GLN G 87 18.06 2.48 41.21
CA GLN G 87 18.78 3.52 41.95
C GLN G 87 19.69 4.34 41.06
N GLY G 88 19.26 4.63 39.84
CA GLY G 88 19.96 5.56 38.97
C GLY G 88 21.01 4.97 38.05
N VAL G 89 20.99 3.65 37.81
CA VAL G 89 21.96 3.08 36.87
C VAL G 89 21.76 3.65 35.47
N ARG G 90 20.52 3.88 35.07
CA ARG G 90 20.20 4.58 33.84
C ARG G 90 19.15 5.65 34.11
N TYR G 91 19.15 6.68 33.29
CA TYR G 91 18.16 7.75 33.34
C TYR G 91 17.15 7.55 32.22
N TYR G 92 15.88 7.79 32.54
CA TYR G 92 14.81 7.65 31.57
C TYR G 92 14.09 8.95 31.28
N ALA G 93 13.63 9.67 32.32
CA ALA G 93 12.95 10.94 32.12
C ALA G 93 12.97 11.70 33.43
N SER G 94 12.70 13.01 33.32
CA SER G 94 12.66 13.88 34.49
C SER G 94 11.55 14.90 34.30
N GLY G 95 11.44 15.80 35.27
CA GLY G 95 10.44 16.85 35.24
C GLY G 95 11.01 18.16 35.75
N ARG G 96 10.17 18.93 36.43
CA ARG G 96 10.57 20.22 36.94
C ARG G 96 11.60 20.06 38.06
N ALA G 97 12.54 21.01 38.12
CA ALA G 97 13.63 20.96 39.09
C ALA G 97 13.13 21.45 40.45
N LEU G 98 14.08 21.74 41.35
CA LEU G 98 13.73 22.08 42.73
C LEU G 98 13.01 23.42 42.81
N ALA G 99 11.82 23.40 43.40
CA ALA G 99 11.09 24.61 43.82
C ALA G 99 10.98 25.64 42.70
N ARG G 100 11.00 25.19 41.45
CA ARG G 100 10.95 26.09 40.29
C ARG G 100 12.06 27.14 40.37
N SER G 101 13.26 26.68 40.74
CA SER G 101 14.41 27.55 40.94
C SER G 101 15.39 27.37 39.78
N THR G 102 15.68 28.46 39.08
CA THR G 102 16.68 28.47 38.02
C THR G 102 17.94 29.24 38.41
N ARG G 103 18.17 29.44 39.70
CA ARG G 103 19.37 30.15 40.14
C ARG G 103 20.64 29.40 39.77
N PHE G 104 20.54 28.13 39.42
CA PHE G 104 21.70 27.30 39.09
C PHE G 104 21.97 27.23 37.60
N LEU G 105 20.92 27.07 36.79
CA LEU G 105 21.13 27.02 35.34
C LEU G 105 21.53 28.38 34.79
N VAL G 106 20.98 29.46 35.36
CA VAL G 106 21.34 30.81 34.91
C VAL G 106 22.84 31.04 35.10
N LYS G 107 23.35 30.68 36.28
CA LYS G 107 24.80 30.73 36.49
C LYS G 107 25.51 29.75 35.59
N GLN G 108 24.92 28.56 35.41
CA GLN G 108 25.48 27.60 34.46
C GLN G 108 25.47 28.12 33.04
N ALA G 109 24.49 28.98 32.72
CA ALA G 109 24.41 29.53 31.37
C ALA G 109 25.57 30.48 31.09
N GLU G 110 25.83 31.41 32.01
CA GLU G 110 26.82 32.45 31.77
C GLU G 110 28.27 31.94 31.80
N LEU G 111 28.49 30.69 32.20
CA LEU G 111 29.86 30.17 32.23
C LEU G 111 30.28 29.62 30.88
N VAL G 112 29.40 28.90 30.19
CA VAL G 112 29.76 28.30 28.91
C VAL G 112 29.96 29.37 27.85
N THR G 113 29.13 30.41 27.87
CA THR G 113 29.21 31.46 26.85
C THR G 113 30.53 32.21 26.92
N ASN G 114 31.03 32.47 28.13
CA ASN G 114 32.28 33.20 28.32
C ASN G 114 33.43 32.21 28.32
N GLU G 115 34.35 32.39 27.36
CA GLU G 115 35.50 31.49 27.28
C GLU G 115 36.36 31.58 28.53
N ARG G 116 36.58 32.80 29.04
CA ARG G 116 37.35 32.98 30.26
C ARG G 116 36.72 32.20 31.41
N SER G 117 35.41 32.29 31.54
CA SER G 117 34.70 31.43 32.50
C SER G 117 34.84 29.96 32.12
N ARG G 118 34.75 29.66 30.82
CA ARG G 118 34.92 28.28 30.38
C ARG G 118 36.33 27.78 30.65
N LEU G 119 37.34 28.65 30.49
CA LEU G 119 38.70 28.27 30.88
C LEU G 119 38.76 27.95 32.36
N ARG G 120 38.17 28.81 33.20
CA ARG G 120 38.23 28.61 34.64
C ARG G 120 37.49 27.33 35.05
N VAL G 121 36.29 27.11 34.50
CA VAL G 121 35.53 25.92 34.85
C VAL G 121 36.23 24.66 34.36
N ALA G 122 36.72 24.68 33.12
CA ALA G 122 37.44 23.53 32.60
C ALA G 122 38.71 23.27 33.41
N ARG G 123 39.42 24.33 33.78
CA ARG G 123 40.62 24.17 34.61
C ARG G 123 40.26 23.56 35.96
N ARG G 124 39.16 24.02 36.56
CA ARG G 124 38.74 23.44 37.83
C ARG G 124 38.37 21.97 37.68
N MET G 125 37.80 21.60 36.52
CA MET G 125 37.48 20.20 36.28
C MET G 125 38.74 19.34 36.31
N TYR G 126 39.82 19.81 35.66
CA TYR G 126 41.06 19.05 35.67
C TYR G 126 41.68 19.02 37.07
N GLN G 127 41.69 20.17 37.76
CA GLN G 127 42.27 20.20 39.10
C GLN G 127 41.40 19.43 40.10
N MET G 128 40.11 19.29 39.82
CA MET G 128 39.29 18.38 40.60
C MET G 128 39.73 16.94 40.41
N ARG G 129 40.14 16.59 39.19
CA ARG G 129 40.68 15.26 38.93
C ARG G 129 42.12 15.14 39.42
N PHE G 130 42.89 16.22 39.39
CA PHE G 130 44.30 16.19 39.78
C PHE G 130 44.67 17.52 40.41
N PRO G 131 44.44 17.68 41.72
CA PRO G 131 44.84 18.93 42.38
C PRO G 131 46.33 19.18 42.37
N THR G 132 47.16 18.14 42.25
CA THR G 132 48.60 18.31 42.33
C THR G 132 49.14 19.08 41.14
N GLU G 133 48.73 18.71 39.93
CA GLU G 133 49.27 19.32 38.73
C GLU G 133 48.81 20.76 38.59
N ASP G 134 49.71 21.62 38.13
CA ASP G 134 49.34 23.00 37.83
C ASP G 134 48.44 23.05 36.60
N VAL G 135 47.39 23.86 36.67
CA VAL G 135 46.36 23.87 35.63
C VAL G 135 46.12 25.26 35.04
N SER G 136 46.48 26.35 35.74
CA SER G 136 46.10 27.68 35.29
C SER G 136 46.67 28.01 33.92
N LYS G 137 47.93 27.66 33.68
CA LYS G 137 48.56 27.94 32.39
C LYS G 137 47.95 27.11 31.26
N LEU G 138 47.24 26.04 31.59
CA LEU G 138 46.73 25.14 30.57
C LEU G 138 45.49 25.71 29.89
N THR G 139 45.21 25.20 28.69
CA THR G 139 44.02 25.54 27.92
C THR G 139 43.21 24.27 27.64
N MET G 140 42.15 24.41 26.84
CA MET G 140 41.31 23.27 26.51
C MET G 140 42.14 22.14 25.90
N GLN G 141 42.92 22.44 24.87
CA GLN G 141 43.73 21.40 24.24
C GLN G 141 44.72 20.82 25.24
N GLN G 142 45.32 21.67 26.07
CA GLN G 142 46.21 21.18 27.11
C GLN G 142 45.46 20.25 28.06
N LEU G 143 44.27 20.66 28.50
CA LEU G 143 43.48 19.83 29.40
C LEU G 143 43.06 18.53 28.72
N ARG G 144 42.62 18.62 27.46
CA ARG G 144 42.26 17.41 26.72
C ARG G 144 43.47 16.51 26.52
N SER G 145 44.62 17.10 26.19
CA SER G 145 45.82 16.30 25.99
C SER G 145 46.32 15.71 27.30
N HIS G 146 46.42 16.53 28.34
CA HIS G 146 46.94 16.04 29.62
C HIS G 146 46.04 14.98 30.21
N GLU G 147 44.71 15.17 30.13
CA GLU G 147 43.79 14.17 30.63
C GLU G 147 43.98 12.85 29.88
N GLY G 148 44.14 12.92 28.55
CA GLY G 148 44.41 11.72 27.78
C GLY G 148 45.70 11.04 28.19
N ALA G 149 46.73 11.84 28.49
CA ALA G 149 47.97 11.27 29.01
C ALA G 149 47.76 10.63 30.37
N ARG G 150 46.99 11.30 31.24
CA ARG G 150 46.76 10.77 32.58
C ARG G 150 45.96 9.48 32.54
N VAL G 151 44.85 9.47 31.80
CA VAL G 151 44.00 8.28 31.76
C VAL G 151 44.75 7.12 31.12
N ARG G 152 45.60 7.41 30.12
CA ARG G 152 46.42 6.36 29.52
C ARG G 152 47.35 5.76 30.57
N ARG G 153 47.97 6.60 31.39
CA ARG G 153 48.73 6.09 32.53
C ARG G 153 47.84 5.35 33.50
N LYS G 154 46.68 5.92 33.83
CA LYS G 154 45.77 5.28 34.78
C LYS G 154 45.25 3.96 34.24
N TYR G 155 44.93 3.90 32.94
CA TYR G 155 44.55 2.64 32.33
C TYR G 155 45.69 1.63 32.43
N ARG G 156 46.91 2.07 32.11
CA ARG G 156 48.04 1.15 32.05
C ARG G 156 48.41 0.61 33.42
N GLU G 157 48.58 1.49 34.41
CA GLU G 157 49.07 1.06 35.70
C GLU G 157 48.07 0.15 36.41
N LEU G 158 46.77 0.46 36.30
CA LEU G 158 45.77 -0.32 37.00
C LEU G 158 45.46 -1.62 36.29
N SER G 159 45.73 -1.69 34.99
CA SER G 159 45.43 -2.91 34.22
C SER G 159 46.19 -4.10 34.77
N LYS G 160 47.51 -3.97 34.93
CA LYS G 160 48.31 -5.06 35.48
C LYS G 160 48.13 -5.22 36.98
N LYS G 161 47.53 -4.24 37.66
CA LYS G 161 47.26 -4.37 39.09
C LYS G 161 46.23 -5.46 39.35
N TYR G 162 45.26 -5.62 38.44
CA TYR G 162 44.23 -6.64 38.56
C TYR G 162 44.56 -7.89 37.76
N ASN G 163 45.77 -7.97 37.20
CA ASN G 163 46.17 -9.07 36.31
C ASN G 163 45.19 -9.18 35.13
N VAL G 164 44.90 -8.03 34.55
CA VAL G 164 43.97 -7.92 33.42
C VAL G 164 44.79 -7.61 32.17
N PRO G 165 44.85 -8.52 31.19
CA PRO G 165 45.52 -8.19 29.94
C PRO G 165 44.71 -7.20 29.11
N TRP G 166 45.16 -5.95 29.06
CA TRP G 166 44.45 -4.88 28.37
C TRP G 166 45.17 -4.58 27.07
N LYS G 167 44.62 -5.08 25.96
CA LYS G 167 45.24 -4.83 24.67
C LYS G 167 45.05 -3.39 24.22
N LYS G 168 43.85 -2.84 24.41
CA LYS G 168 43.51 -1.50 24.00
C LYS G 168 42.08 -1.21 24.44
N ARG G 169 41.75 0.09 24.52
CA ARG G 169 40.39 0.53 24.77
C ARG G 169 39.74 0.84 23.43
N VAL G 170 38.91 -0.08 22.95
CA VAL G 170 38.13 0.11 21.73
C VAL G 170 36.65 -0.04 22.09
N TYR G 171 35.87 0.99 21.79
CA TYR G 171 34.43 0.97 22.04
C TYR G 171 33.70 0.98 20.71
N ASN G 172 32.78 0.03 20.55
CA ASN G 172 32.04 -0.11 19.31
C ASN G 172 30.60 0.35 19.54
N PRO G 173 30.22 1.54 19.06
CA PRO G 173 28.87 2.04 19.35
C PRO G 173 27.76 1.19 18.74
N ASP G 174 28.04 0.39 17.73
CA ASP G 174 27.02 -0.42 17.07
C ASP G 174 27.02 -1.87 17.58
N ASP G 175 28.16 -2.56 17.48
CA ASP G 175 28.27 -3.96 17.87
C ASP G 175 29.30 -4.08 18.98
N PHE G 176 28.85 -3.90 20.22
CA PHE G 176 29.73 -4.04 21.38
C PHE G 176 29.96 -5.49 21.77
N ALA G 177 29.16 -6.42 21.26
CA ALA G 177 29.26 -7.81 21.71
C ALA G 177 30.62 -8.41 21.39
N GLY G 178 31.12 -8.17 20.18
CA GLY G 178 32.41 -8.70 19.79
C GLY G 178 33.57 -7.94 20.38
N GLY G 179 34.29 -8.57 21.31
CA GLY G 179 35.44 -7.93 21.91
C GLY G 179 35.80 -8.60 23.22
N ASP G 180 36.91 -8.13 23.79
CA ASP G 180 37.38 -8.66 25.06
C ASP G 180 36.40 -8.29 26.18
N PRO G 181 36.33 -9.10 27.25
CA PRO G 181 35.32 -8.86 28.29
C PRO G 181 35.41 -7.50 28.93
N ILE G 182 36.59 -6.90 28.98
CA ILE G 182 36.74 -5.59 29.62
C ILE G 182 35.91 -4.54 28.88
N ASN G 183 35.85 -4.64 27.55
CA ASN G 183 35.24 -3.59 26.75
C ASN G 183 33.79 -3.36 27.12
N GLN G 184 32.98 -4.42 27.11
CA GLN G 184 31.59 -4.28 27.54
C GLN G 184 31.53 -3.89 29.01
N ALA G 185 32.37 -4.51 29.84
CA ALA G 185 32.39 -4.18 31.26
C ALA G 185 32.73 -2.71 31.48
N LEU G 186 33.78 -2.23 30.82
CA LEU G 186 34.12 -0.82 30.91
C LEU G 186 33.02 0.06 30.36
N SER G 187 32.43 -0.34 29.22
CA SER G 187 31.32 0.41 28.66
C SER G 187 30.12 0.39 29.59
N ALA G 188 29.80 -0.79 30.14
CA ALA G 188 28.70 -0.88 31.08
C ALA G 188 28.98 -0.04 32.33
N ALA G 189 30.20 -0.12 32.84
CA ALA G 189 30.57 0.72 33.97
C ALA G 189 30.50 2.19 33.61
N HIS G 190 30.97 2.55 32.40
CA HIS G 190 30.91 3.94 31.98
C HIS G 190 29.47 4.43 31.90
N VAL G 191 28.60 3.69 31.20
CA VAL G 191 27.23 4.11 31.02
C VAL G 191 26.47 4.07 32.33
N ALA G 192 26.90 3.23 33.27
CA ALA G 192 26.24 3.15 34.57
C ALA G 192 26.29 4.48 35.29
N LEU G 193 27.48 5.07 35.37
CA LEU G 193 27.62 6.36 36.04
C LEU G 193 26.89 7.46 35.30
N TYR G 194 26.84 7.37 33.97
CA TYR G 194 26.15 8.38 33.17
C TYR G 194 24.69 8.55 33.61
N GLY G 195 24.07 7.47 34.07
CA GLY G 195 22.68 7.53 34.47
C GLY G 195 22.40 8.44 35.64
N LEU G 196 22.94 8.09 36.81
CA LEU G 196 22.61 8.83 38.03
C LEU G 196 23.07 10.28 37.93
N VAL G 197 24.23 10.53 37.35
CA VAL G 197 24.71 11.90 37.22
C VAL G 197 23.73 12.71 36.37
N HIS G 198 23.17 12.09 35.33
CA HIS G 198 22.18 12.78 34.50
C HIS G 198 20.91 13.08 35.29
N SER G 199 20.45 12.11 36.07
CA SER G 199 19.24 12.31 36.86
C SER G 199 19.43 13.42 37.87
N VAL G 200 20.58 13.43 38.56
CA VAL G 200 20.83 14.45 39.58
C VAL G 200 20.90 15.83 38.96
N VAL G 201 21.64 15.96 37.86
CA VAL G 201 21.81 17.26 37.24
C VAL G 201 20.49 17.75 36.66
N ALA G 202 19.68 16.83 36.13
CA ALA G 202 18.33 17.19 35.70
C ALA G 202 17.47 17.60 36.89
N ALA G 203 17.57 16.85 37.99
CA ALA G 203 16.86 17.23 39.20
C ALA G 203 17.39 18.56 39.74
N LEU G 204 18.72 18.72 39.73
CA LEU G 204 19.31 19.97 40.20
C LEU G 204 18.86 21.14 39.35
N GLY G 205 18.79 20.95 38.03
CA GLY G 205 18.25 21.98 37.16
C GLY G 205 19.23 22.50 36.13
N LEU G 206 20.19 21.69 35.72
CA LEU G 206 21.15 22.07 34.69
C LEU G 206 20.94 21.18 33.48
N SER G 207 20.76 21.79 32.31
CA SER G 207 20.61 21.02 31.10
C SER G 207 21.95 20.40 30.70
N PRO G 208 21.96 19.17 30.21
CA PRO G 208 23.22 18.54 29.80
C PRO G 208 23.83 19.12 28.54
N GLY G 209 23.12 20.02 27.86
CA GLY G 209 23.64 20.56 26.61
C GLY G 209 24.88 21.42 26.79
N LEU G 210 24.90 22.26 27.83
CA LEU G 210 25.98 23.21 28.00
C LEU G 210 27.25 22.53 28.49
N GLY G 211 28.07 22.04 27.56
CA GLY G 211 29.34 21.45 27.92
C GLY G 211 30.43 22.50 28.11
N PHE G 212 31.54 22.07 28.73
CA PHE G 212 32.67 22.94 28.99
C PHE G 212 33.91 22.50 28.23
N VAL G 213 34.33 21.25 28.39
CA VAL G 213 35.41 20.69 27.59
C VAL G 213 34.78 19.96 26.41
N HIS G 214 33.96 18.95 26.71
CA HIS G 214 33.08 18.38 25.71
C HIS G 214 32.02 19.41 25.31
N THR G 215 31.62 19.37 24.05
CA THR G 215 30.60 20.28 23.54
C THR G 215 30.00 19.69 22.29
N GLY G 216 28.97 20.35 21.77
CA GLY G 216 28.31 19.91 20.56
C GLY G 216 27.58 18.59 20.66
N HIS G 217 26.96 18.32 21.81
CA HIS G 217 26.22 17.08 22.01
C HIS G 217 25.14 17.32 23.05
N ASP G 218 24.19 16.39 23.10
CA ASP G 218 23.09 16.50 24.06
C ASP G 218 23.61 16.39 25.49
N ARG G 219 24.53 15.45 25.75
CA ARG G 219 25.08 15.23 27.08
C ARG G 219 26.44 15.88 27.26
N SER G 220 26.68 17.01 26.60
CA SER G 220 27.99 17.64 26.66
C SER G 220 28.38 17.99 28.09
N PHE G 221 27.41 18.44 28.88
CA PHE G 221 27.70 18.75 30.28
C PHE G 221 27.92 17.49 31.11
N ILE G 222 27.26 16.39 30.74
CA ILE G 222 27.45 15.14 31.46
C ILE G 222 28.86 14.61 31.25
N TYR G 223 29.30 14.55 29.99
CA TYR G 223 30.63 14.05 29.69
C TYR G 223 31.74 14.94 30.25
N ASP G 224 31.42 16.16 30.66
CA ASP G 224 32.36 17.04 31.33
C ASP G 224 32.23 16.99 32.84
N VAL G 225 31.21 16.31 33.36
CA VAL G 225 31.00 16.18 34.80
C VAL G 225 31.28 14.75 35.27
N ALA G 226 30.88 13.75 34.48
CA ALA G 226 31.11 12.37 34.87
C ALA G 226 32.59 12.05 35.01
N ASP G 227 33.46 12.78 34.30
CA ASP G 227 34.89 12.55 34.41
C ASP G 227 35.43 12.83 35.80
N LEU G 228 34.66 13.55 36.63
CA LEU G 228 35.05 13.76 38.02
C LEU G 228 35.04 12.46 38.82
N TYR G 229 34.44 11.39 38.29
CA TYR G 229 34.32 10.14 39.02
C TYR G 229 34.64 8.92 38.17
N LYS G 230 34.98 9.08 36.89
CA LYS G 230 35.28 7.94 36.05
C LYS G 230 36.51 7.20 36.55
N ALA G 231 37.58 7.94 36.87
CA ALA G 231 38.81 7.33 37.37
C ALA G 231 38.67 6.79 38.77
N GLU G 232 37.59 7.12 39.48
CA GLU G 232 37.43 6.73 40.87
C GLU G 232 36.42 5.61 41.08
N ILE G 233 35.44 5.47 40.18
CA ILE G 233 34.37 4.50 40.39
C ILE G 233 34.30 3.50 39.24
N THR G 234 34.32 3.99 38.01
CA THR G 234 34.05 3.12 36.86
C THR G 234 35.20 2.15 36.62
N VAL G 235 36.40 2.68 36.34
CA VAL G 235 37.53 1.81 36.01
C VAL G 235 37.88 0.83 37.12
N PRO G 236 37.91 1.20 38.41
CA PRO G 236 38.21 0.17 39.42
C PRO G 236 37.19 -0.96 39.44
N ILE G 237 35.92 -0.65 39.19
CA ILE G 237 34.90 -1.68 39.22
C ILE G 237 34.82 -2.40 37.88
N ALA G 238 35.22 -1.73 36.80
CA ALA G 238 35.16 -2.35 35.48
C ALA G 238 36.15 -3.51 35.39
N PHE G 239 37.39 -3.28 35.81
CA PHE G 239 38.37 -4.36 35.81
C PHE G 239 38.05 -5.40 36.88
N ALA G 240 37.44 -4.97 37.98
CA ALA G 240 37.10 -5.91 39.05
C ALA G 240 36.19 -7.01 38.55
N VAL G 241 35.09 -6.64 37.88
CA VAL G 241 34.22 -7.64 37.29
C VAL G 241 34.92 -8.35 36.13
N ALA G 242 35.74 -7.63 35.39
CA ALA G 242 36.48 -8.24 34.28
C ALA G 242 37.48 -9.28 34.79
N ALA G 243 38.11 -9.01 35.93
CA ALA G 243 39.09 -9.94 36.48
C ALA G 243 38.43 -11.27 36.83
N GLU G 244 37.24 -11.22 37.44
CA GLU G 244 36.51 -12.42 37.79
C GLU G 244 35.56 -12.88 36.69
N ALA G 245 35.55 -12.20 35.54
CA ALA G 245 34.67 -12.58 34.46
C ALA G 245 34.97 -13.99 33.97
N GLU G 246 33.93 -14.77 33.76
CA GLU G 246 34.04 -16.15 33.31
C GLU G 246 33.52 -16.28 31.88
N GLU G 247 33.85 -17.40 31.26
CA GLU G 247 33.44 -17.66 29.89
C GLU G 247 31.94 -17.87 29.80
N GLY G 248 31.34 -17.45 28.69
CA GLY G 248 29.93 -17.67 28.45
C GLY G 248 29.00 -16.90 29.36
N GLN G 249 29.32 -15.65 29.69
CA GLN G 249 28.49 -14.83 30.55
C GLN G 249 28.33 -13.44 29.93
N ASP G 250 27.21 -12.76 30.28
CA ASP G 250 27.00 -11.34 29.90
C ASP G 250 27.79 -10.41 30.84
N ILE G 251 29.07 -10.25 30.50
CA ILE G 251 29.97 -9.43 31.35
C ILE G 251 29.26 -8.10 31.56
N GLY G 252 28.56 -7.63 30.53
CA GLY G 252 27.91 -6.32 30.64
C GLY G 252 26.91 -6.35 31.78
N GLN G 253 26.10 -7.42 31.85
CA GLN G 253 25.06 -7.50 32.90
C GLN G 253 25.72 -7.54 34.27
N LEU G 254 26.81 -8.31 34.41
CA LEU G 254 27.47 -8.45 35.74
C LEU G 254 28.02 -7.09 36.16
N ALA G 255 28.61 -6.38 35.20
CA ALA G 255 29.21 -5.07 35.50
C ALA G 255 28.08 -4.14 35.93
N ARG G 256 26.95 -4.24 35.24
CA ARG G 256 25.80 -3.37 35.56
C ARG G 256 25.36 -3.69 36.99
N LEU G 257 25.31 -4.98 37.36
CA LEU G 257 24.85 -5.36 38.72
C LEU G 257 25.81 -4.76 39.74
N ARG G 258 27.11 -4.86 39.48
CA ARG G 258 28.10 -4.37 40.47
C ARG G 258 27.97 -2.85 40.61
N THR G 259 27.78 -2.16 39.47
CA THR G 259 27.64 -0.69 39.51
C THR G 259 26.37 -0.34 40.27
N ARG G 260 25.32 -1.15 40.11
CA ARG G 260 24.04 -0.92 40.83
C ARG G 260 24.35 -1.03 42.31
N ASP G 261 25.11 -2.03 42.76
CA ASP G 261 25.32 -2.12 44.23
C ASP G 261 26.10 -0.90 44.73
N ALA G 262 27.09 -0.44 43.95
CA ALA G 262 27.93 0.70 44.40
C ALA G 262 27.07 1.94 44.58
N PHE G 263 26.12 2.15 43.67
CA PHE G 263 25.28 3.38 43.71
C PHE G 263 24.37 3.40 44.94
N VAL G 264 24.07 2.24 45.54
CA VAL G 264 23.09 2.26 46.67
C VAL G 264 23.65 3.14 47.79
N ASP G 265 24.96 3.10 48.03
CA ASP G 265 25.54 4.03 49.03
C ASP G 265 25.34 5.46 48.51
N GLY G 266 24.91 6.38 49.37
CA GLY G 266 24.62 7.76 48.92
C GLY G 266 25.83 8.67 49.08
N LYS G 267 26.97 8.12 49.48
CA LYS G 267 28.18 8.90 49.66
C LYS G 267 28.70 9.41 48.32
N ILE G 268 28.64 8.58 47.28
CA ILE G 268 28.92 9.05 45.93
C ILE G 268 27.93 10.12 45.53
N LEU G 269 26.65 9.91 45.82
CA LEU G 269 25.63 10.90 45.47
C LEU G 269 25.88 12.23 46.16
N LYS G 270 26.31 12.19 47.42
CA LYS G 270 26.61 13.41 48.15
C LYS G 270 27.74 14.19 47.49
N ARG G 271 28.56 13.52 46.68
CA ARG G 271 29.67 14.21 46.04
C ARG G 271 29.19 15.05 44.86
N MET G 272 28.37 14.47 43.98
CA MET G 272 27.94 15.20 42.78
C MET G 272 27.17 16.46 43.16
N VAL G 273 26.28 16.36 44.16
CA VAL G 273 25.57 17.56 44.61
C VAL G 273 26.55 18.57 45.20
N LYS G 274 27.56 18.09 45.92
CA LYS G 274 28.55 18.99 46.49
C LYS G 274 29.53 19.48 45.42
N ASP G 275 30.04 18.56 44.59
CA ASP G 275 31.04 18.94 43.60
C ASP G 275 30.49 19.92 42.58
N LEU G 276 29.28 19.66 42.07
CA LEU G 276 28.70 20.54 41.07
C LEU G 276 28.47 21.94 41.63
N GLN G 277 27.99 22.02 42.87
CA GLN G 277 27.80 23.33 43.50
C GLN G 277 29.13 24.07 43.61
N THR G 278 30.19 23.36 44.01
CA THR G 278 31.52 23.94 43.97
C THR G 278 31.96 24.23 42.54
N LEU G 279 31.66 23.32 41.62
CA LEU G 279 32.06 23.50 40.23
C LEU G 279 31.39 24.71 39.59
N LEU G 280 30.16 25.01 40.01
CA LEU G 280 29.43 26.16 39.50
C LEU G 280 29.68 27.43 40.30
N GLU G 281 30.75 27.46 41.10
CA GLU G 281 31.14 28.65 41.86
C GLU G 281 30.04 29.12 42.79
N ILE G 282 29.18 28.21 43.24
CA ILE G 282 28.10 28.58 44.15
C ILE G 282 28.68 28.83 45.53
N PRO G 283 28.38 29.95 46.18
CA PRO G 283 28.87 30.20 47.54
C PRO G 283 28.35 29.14 48.50
N GLU G 284 29.16 28.86 49.52
CA GLU G 284 28.79 27.85 50.50
C GLU G 284 27.48 28.18 51.20
N GLU G 285 27.16 29.47 51.35
CA GLU G 285 25.85 29.85 51.86
C GLU G 285 24.74 29.40 50.92
N GLY G 286 24.94 29.56 49.62
CA GLY G 286 23.97 29.12 48.63
C GLY G 286 24.06 27.66 48.26
N GLN G 287 25.10 26.96 48.70
CA GLN G 287 25.23 25.54 48.39
C GLN G 287 24.17 24.75 49.13
N ILE G 288 23.57 23.78 48.44
CA ILE G 288 22.48 22.98 48.96
C ILE G 288 22.96 21.54 49.03
N GLU G 289 23.31 21.08 50.23
CA GLU G 289 23.70 19.69 50.41
C GLU G 289 22.48 18.77 50.35
N ALA G 290 22.73 17.52 49.96
CA ALA G 290 21.66 16.55 49.78
C ALA G 290 22.13 15.17 50.23
N GLU G 291 21.17 14.31 50.51
CA GLU G 291 21.45 12.93 50.92
C GLU G 291 20.24 12.08 50.60
N PRO G 292 20.44 10.79 50.31
CA PRO G 292 19.30 9.89 50.07
C PRO G 292 18.60 9.52 51.37
N LEU G 293 17.32 9.18 51.24
CA LEU G 293 16.47 8.80 52.37
C LEU G 293 15.83 7.46 52.04
N SER G 294 16.44 6.38 52.52
CA SER G 294 15.90 5.04 52.27
C SER G 294 14.59 4.83 53.02
N LEU G 295 13.67 4.13 52.38
CA LEU G 295 12.34 3.92 52.97
C LEU G 295 12.40 2.92 54.13
N TRP G 296 13.11 1.82 53.95
CA TRP G 296 13.20 0.78 54.97
C TRP G 296 14.49 0.81 55.77
N ASP G 297 15.36 1.79 55.52
CA ASP G 297 16.60 1.91 56.26
C ASP G 297 16.76 3.24 56.98
N ASP G 298 15.90 4.23 56.71
CA ASP G 298 15.94 5.51 57.39
C ASP G 298 14.63 5.78 58.14
N LYS G 299 13.95 4.71 58.55
CA LYS G 299 12.71 4.87 59.30
C LYS G 299 12.94 5.59 60.61
N GLU G 300 14.04 5.28 61.30
CA GLU G 300 14.29 5.85 62.62
C GLU G 300 14.41 7.37 62.57
N LYS G 301 15.12 7.90 61.56
CA LYS G 301 15.30 9.35 61.46
C LYS G 301 14.15 10.05 60.77
N LEU G 302 13.36 9.35 59.96
CA LEU G 302 12.20 9.97 59.35
C LEU G 302 10.99 10.06 60.29
N VAL G 303 10.98 9.27 61.36
CA VAL G 303 9.88 9.36 62.32
C VAL G 303 9.77 10.74 62.95
N PRO G 304 10.85 11.39 63.40
CA PRO G 304 10.70 12.77 63.89
C PRO G 304 10.20 13.74 62.84
N TYR G 305 10.40 13.43 61.56
CA TYR G 305 9.97 14.32 60.47
C TYR G 305 8.51 14.15 60.12
N GLY G 306 7.78 13.26 60.79
CA GLY G 306 6.38 13.03 60.51
C GLY G 306 6.08 11.81 59.68
N VAL G 307 7.09 11.03 59.31
CA VAL G 307 6.89 9.82 58.52
C VAL G 307 6.41 8.70 59.44
N ASN G 308 5.32 8.05 59.05
CA ASN G 308 4.77 6.93 59.80
C ASN G 308 4.67 5.71 58.89
N TYR G 309 4.80 4.54 59.49
CA TYR G 309 4.87 3.28 58.75
C TYR G 309 3.78 2.33 59.21
N SER G 310 3.16 1.65 58.26
CA SER G 310 2.16 0.62 58.54
C SER G 310 2.50 -0.62 57.75
N GLU G 311 2.32 -1.79 58.36
CA GLU G 311 2.64 -3.05 57.71
C GLU G 311 1.37 -3.77 57.27
N MET H 1 26.66 -11.25 6.07
CA MET H 1 25.51 -11.16 5.13
C MET H 1 24.40 -10.32 5.76
N ALA H 2 23.94 -10.69 6.96
CA ALA H 2 22.80 -9.98 7.59
C ALA H 2 23.18 -8.52 7.89
N GLY H 3 24.38 -8.29 8.41
CA GLY H 3 24.83 -6.91 8.74
C GLY H 3 23.82 -6.16 9.60
N PRO H 4 23.28 -6.71 10.71
CA PRO H 4 22.22 -6.04 11.46
C PRO H 4 22.61 -5.32 12.76
N ILE H 5 22.23 -4.05 12.89
CA ILE H 5 22.47 -3.30 14.16
C ILE H 5 21.49 -3.81 15.22
N ILE H 6 21.83 -3.64 16.50
CA ILE H 6 20.95 -4.14 17.60
C ILE H 6 19.61 -3.39 17.53
N ALA H 7 18.50 -4.11 17.76
CA ALA H 7 17.14 -3.51 17.67
C ALA H 7 16.37 -3.77 18.97
N GLY H 8 15.08 -3.43 18.99
CA GLY H 8 14.26 -3.57 20.20
C GLY H 8 14.01 -2.23 20.87
N LYS H 9 14.79 -1.20 20.49
CA LYS H 9 14.59 0.18 21.00
C LYS H 9 14.46 1.06 19.75
N SER H 10 14.52 2.39 19.87
CA SER H 10 14.46 3.20 18.63
C SER H 10 15.47 4.34 18.60
N GLU H 11 16.26 4.46 17.52
CA GLU H 11 17.13 5.61 17.37
C GLU H 11 16.32 6.80 16.86
N SER H 12 16.72 8.01 17.23
CA SER H 12 15.88 9.14 16.86
C SER H 12 15.69 9.25 15.35
N SER H 13 16.56 8.62 14.55
CA SER H 13 16.38 8.62 13.11
C SER H 13 15.11 7.89 12.70
N GLU H 14 14.84 6.73 13.32
CA GLU H 14 13.62 6.00 13.04
C GLU H 14 12.38 6.78 13.45
N LEU H 15 12.50 7.65 14.43
CA LEU H 15 11.38 8.50 14.82
C LEU H 15 11.11 9.52 13.72
N PRO H 16 9.85 9.82 13.42
CA PRO H 16 9.55 10.89 12.48
C PRO H 16 9.97 12.24 13.05
N ARG H 17 10.15 13.21 12.15
CA ARG H 17 10.51 14.55 12.58
C ARG H 17 9.47 15.10 13.56
N VAL H 18 9.89 16.13 14.31
CA VAL H 18 9.00 16.75 15.27
C VAL H 18 7.78 17.33 14.58
N GLU H 19 7.88 17.59 13.28
CA GLU H 19 6.74 18.12 12.54
C GLU H 19 5.77 17.03 12.12
N ASP H 20 6.28 15.84 11.75
CA ASP H 20 5.42 14.80 11.22
C ASP H 20 4.44 14.29 12.27
N ARG H 21 4.85 14.26 13.53
CA ARG H 21 4.00 13.75 14.59
C ARG H 21 2.82 14.69 14.84
N ALA H 22 1.79 14.15 15.49
CA ALA H 22 0.55 14.88 15.69
C ALA H 22 0.69 15.89 16.84
N THR H 23 -0.42 16.58 17.14
CA THR H 23 -0.36 17.68 18.10
C THR H 23 -0.44 17.21 19.55
N PHE H 24 -1.54 16.56 19.96
CA PHE H 24 -1.68 16.13 21.34
C PHE H 24 -2.80 15.10 21.44
N ILE H 25 -2.80 14.38 22.56
CA ILE H 25 -3.85 13.45 22.94
C ILE H 25 -4.26 13.77 24.37
N TYR H 26 -5.51 13.46 24.70
CA TYR H 26 -6.06 13.73 26.03
C TYR H 26 -6.58 12.43 26.62
N ILE H 27 -6.20 12.14 27.86
CA ILE H 27 -6.53 10.88 28.52
C ILE H 27 -7.13 11.16 29.89
N GLU H 28 -8.18 10.42 30.23
CA GLU H 28 -8.84 10.54 31.52
C GLU H 28 -9.11 9.17 32.09
N HIS H 29 -9.03 9.08 33.42
CA HIS H 29 -9.43 7.90 34.19
C HIS H 29 -8.91 6.60 33.56
N ALA H 30 -7.59 6.49 33.50
CA ALA H 30 -6.97 5.35 32.83
C ALA H 30 -5.71 4.92 33.55
N LYS H 31 -5.36 3.66 33.37
CA LYS H 31 -4.14 3.08 33.93
C LYS H 31 -3.20 2.75 32.78
N ILE H 32 -2.16 3.57 32.62
CA ILE H 32 -1.23 3.39 31.52
C ILE H 32 -0.26 2.28 31.86
N ASN H 33 -0.02 1.39 30.89
CA ASN H 33 0.87 0.26 31.08
C ASN H 33 1.66 0.03 29.80
N ARG H 34 2.67 -0.84 29.90
CA ARG H 34 3.53 -1.18 28.78
C ARG H 34 3.52 -2.69 28.63
N VAL H 35 2.72 -3.19 27.68
CA VAL H 35 2.56 -4.62 27.46
C VAL H 35 3.07 -4.97 26.07
N ASP H 36 3.86 -6.04 25.98
CA ASP H 36 4.40 -6.51 24.70
C ASP H 36 5.14 -5.40 23.96
N SER H 37 5.92 -4.61 24.72
CA SER H 37 6.66 -3.47 24.18
C SER H 37 5.72 -2.48 23.48
N ALA H 38 4.58 -2.21 24.11
CA ALA H 38 3.59 -1.29 23.56
C ALA H 38 2.99 -0.47 24.70
N VAL H 39 2.93 0.84 24.51
CA VAL H 39 2.26 1.70 25.49
C VAL H 39 0.76 1.57 25.31
N THR H 40 0.04 1.37 26.41
CA THR H 40 -1.40 1.18 26.38
C THR H 40 -2.07 2.07 27.41
N VAL H 41 -3.22 2.62 27.03
CA VAL H 41 -4.08 3.38 27.93
C VAL H 41 -5.32 2.55 28.19
N ALA H 42 -5.53 2.18 29.46
CA ALA H 42 -6.56 1.22 29.83
C ALA H 42 -7.76 1.95 30.42
N GLU H 43 -8.90 1.87 29.73
CA GLU H 43 -10.16 2.38 30.23
C GLU H 43 -11.02 1.22 30.72
N ALA H 44 -12.10 1.55 31.43
CA ALA H 44 -12.97 0.52 31.98
C ALA H 44 -13.56 -0.35 30.87
N LYS H 45 -14.00 0.26 29.78
CA LYS H 45 -14.55 -0.51 28.67
C LYS H 45 -13.47 -1.34 27.97
N GLY H 46 -12.28 -0.76 27.80
CA GLY H 46 -11.22 -1.48 27.12
C GLY H 46 -9.95 -0.65 27.09
N VAL H 47 -8.98 -1.15 26.32
CA VAL H 47 -7.66 -0.54 26.23
C VAL H 47 -7.44 -0.03 24.82
N VAL H 48 -6.53 0.94 24.70
CA VAL H 48 -6.18 1.56 23.43
C VAL H 48 -4.66 1.63 23.33
N ARG H 49 -4.13 1.39 22.14
CA ARG H 49 -2.69 1.33 21.90
C ARG H 49 -2.26 2.59 21.15
N ILE H 50 -1.83 3.59 21.90
CA ILE H 50 -1.49 4.90 21.31
C ILE H 50 -0.26 4.76 20.43
N PRO H 51 -0.24 5.36 19.23
CA PRO H 51 0.99 5.39 18.44
C PRO H 51 1.90 6.53 18.91
N ALA H 52 2.71 6.25 19.92
CA ALA H 52 3.51 7.31 20.55
C ALA H 52 4.41 8.02 19.56
N ALA H 53 4.89 7.31 18.53
CA ALA H 53 5.81 7.93 17.58
C ALA H 53 5.15 9.08 16.84
N MET H 54 3.91 8.90 16.41
CA MET H 54 3.21 9.89 15.61
C MET H 54 2.45 10.92 16.44
N ILE H 55 2.82 11.09 17.70
CA ILE H 55 2.18 12.09 18.56
C ILE H 55 3.26 12.87 19.29
N GLY H 56 3.05 14.18 19.41
CA GLY H 56 4.04 15.05 20.02
C GLY H 56 4.02 15.06 21.54
N VAL H 57 2.89 15.44 22.12
CA VAL H 57 2.73 15.50 23.56
C VAL H 57 1.50 14.71 23.96
N LEU H 58 1.60 13.96 25.06
CA LEU H 58 0.53 13.10 25.55
C LEU H 58 0.06 13.65 26.89
N LEU H 59 -1.01 14.44 26.87
CA LEU H 59 -1.56 14.99 28.09
C LEU H 59 -2.20 13.90 28.94
N LEU H 60 -2.23 14.13 30.24
CA LEU H 60 -2.87 13.22 31.19
C LEU H 60 -3.65 14.05 32.20
N GLY H 61 -4.93 13.71 32.37
CA GLY H 61 -5.80 14.44 33.25
C GLY H 61 -6.03 13.74 34.58
N PRO H 62 -7.00 14.24 35.35
CA PRO H 62 -7.20 13.70 36.71
C PRO H 62 -7.54 12.22 36.70
N GLY H 63 -7.11 11.53 37.75
CA GLY H 63 -7.44 10.14 37.97
C GLY H 63 -6.84 9.16 36.98
N THR H 64 -5.63 9.42 36.50
CA THR H 64 -4.93 8.49 35.64
C THR H 64 -3.60 8.10 36.26
N ASP H 65 -3.16 6.88 35.97
CA ASP H 65 -1.97 6.30 36.59
C ASP H 65 -1.10 5.70 35.51
N ILE H 66 0.22 5.93 35.62
CA ILE H 66 1.17 5.54 34.59
C ILE H 66 2.27 4.69 35.23
N SER H 67 2.58 3.57 34.60
CA SER H 67 3.66 2.70 35.05
C SER H 67 5.01 3.30 34.69
N HIS H 68 6.05 2.87 35.41
CA HIS H 68 7.39 3.35 35.16
C HIS H 68 7.85 3.05 33.74
N ARG H 69 7.68 1.79 33.31
CA ARG H 69 8.20 1.39 32.01
C ARG H 69 7.49 2.12 30.88
N ALA H 70 6.27 2.60 31.12
CA ALA H 70 5.58 3.41 30.13
C ALA H 70 6.32 4.72 29.89
N VAL H 71 6.74 5.39 30.97
CA VAL H 71 7.50 6.63 30.82
C VAL H 71 8.80 6.36 30.09
N GLU H 72 9.46 5.24 30.42
CA GLU H 72 10.67 4.86 29.70
C GLU H 72 10.38 4.66 28.22
N LEU H 73 9.26 3.99 27.91
CA LEU H 73 8.95 3.73 26.52
C LEU H 73 8.60 5.02 25.79
N LEU H 74 7.91 5.94 26.44
CA LEU H 74 7.62 7.23 25.83
C LEU H 74 8.88 8.06 25.62
N GLY H 75 9.84 7.96 26.55
CA GLY H 75 11.08 8.70 26.40
C GLY H 75 11.87 8.28 25.17
N ASP H 76 11.79 6.99 24.83
CA ASP H 76 12.43 6.51 23.60
C ASP H 76 11.89 7.23 22.39
N THR H 77 10.57 7.36 22.30
CA THR H 77 9.98 8.21 21.27
C THR H 77 10.29 9.68 21.53
N GLY H 78 10.46 10.06 22.79
CA GLY H 78 10.71 11.44 23.13
C GLY H 78 9.46 12.29 23.23
N THR H 79 8.28 11.69 23.11
CA THR H 79 7.05 12.44 23.28
C THR H 79 6.95 12.97 24.70
N ALA H 80 6.56 14.23 24.83
CA ALA H 80 6.49 14.87 26.13
C ALA H 80 5.23 14.45 26.89
N LEU H 81 5.33 14.50 28.21
CA LEU H 81 4.21 14.16 29.09
C LEU H 81 3.85 15.40 29.89
N VAL H 82 2.55 15.73 29.91
CA VAL H 82 2.05 16.90 30.63
C VAL H 82 0.86 16.47 31.47
N TRP H 83 0.94 16.69 32.77
CA TRP H 83 -0.15 16.36 33.69
C TRP H 83 -1.09 17.56 33.77
N VAL H 84 -2.21 17.48 33.06
CA VAL H 84 -3.19 18.55 33.06
C VAL H 84 -4.19 18.35 34.19
N GLY H 85 -4.46 19.41 34.93
CA GLY H 85 -5.41 19.36 36.02
C GLY H 85 -6.32 20.57 36.04
N GLU H 86 -7.16 20.66 37.07
CA GLU H 86 -8.10 21.78 37.17
C GLU H 86 -7.34 23.08 37.44
N GLN H 87 -7.86 24.17 36.88
CA GLN H 87 -7.30 25.50 37.05
C GLN H 87 -5.84 25.55 36.59
N GLY H 88 -5.66 25.29 35.29
CA GLY H 88 -4.35 25.37 34.68
C GLY H 88 -3.55 24.09 34.83
N VAL H 89 -2.38 24.09 34.17
CA VAL H 89 -1.48 22.95 34.25
C VAL H 89 -0.90 22.84 35.65
N ARG H 90 -0.47 21.62 36.00
CA ARG H 90 0.08 21.35 37.33
C ARG H 90 1.57 21.03 37.30
N TYR H 91 1.98 20.05 36.50
CA TYR H 91 3.37 19.63 36.50
C TYR H 91 3.74 19.14 35.11
N TYR H 92 5.02 19.28 34.77
CA TYR H 92 5.51 18.97 33.43
C TYR H 92 6.38 17.71 33.46
N ALA H 93 6.67 17.19 32.27
CA ALA H 93 7.58 16.07 32.12
C ALA H 93 8.15 16.08 30.71
N SER H 94 9.30 15.43 30.54
CA SER H 94 9.97 15.42 29.26
C SER H 94 10.94 14.26 29.21
N GLY H 95 11.29 13.85 27.99
CA GLY H 95 12.33 12.86 27.80
C GLY H 95 13.71 13.49 27.90
N ARG H 96 14.64 13.08 27.05
CA ARG H 96 15.97 13.68 27.05
C ARG H 96 16.21 14.59 25.84
N ALA H 97 15.90 14.12 24.62
CA ALA H 97 16.08 14.92 23.42
C ALA H 97 15.57 14.20 22.18
N LEU H 98 15.62 14.86 21.03
CA LEU H 98 15.46 14.20 19.73
C LEU H 98 16.51 14.60 18.71
N ALA H 99 17.21 15.73 18.88
CA ALA H 99 18.29 16.13 18.01
C ALA H 99 19.58 16.23 18.82
N ARG H 100 20.66 15.71 18.27
CA ARG H 100 21.94 15.64 18.96
C ARG H 100 22.82 16.86 18.70
N SER H 101 22.36 17.81 17.91
CA SER H 101 23.12 19.04 17.64
C SER H 101 22.59 20.15 18.56
N THR H 102 23.46 20.64 19.44
CA THR H 102 23.09 21.66 20.42
C THR H 102 23.23 23.08 19.89
N ARG H 103 23.23 23.26 18.56
CA ARG H 103 23.45 24.57 17.98
C ARG H 103 22.42 25.58 18.47
N PHE H 104 21.14 25.18 18.45
CA PHE H 104 20.09 26.07 18.95
C PHE H 104 20.28 26.37 20.43
N LEU H 105 20.60 25.35 21.22
CA LEU H 105 20.87 25.56 22.64
C LEU H 105 22.04 26.50 22.85
N VAL H 106 23.15 26.25 22.14
CA VAL H 106 24.32 27.11 22.27
C VAL H 106 23.97 28.54 21.88
N LYS H 107 23.26 28.70 20.76
CA LYS H 107 22.77 30.03 20.39
C LYS H 107 21.79 30.56 21.42
N GLN H 108 20.90 29.69 21.92
CA GLN H 108 20.00 30.10 23.00
C GLN H 108 20.80 30.58 24.20
N ALA H 109 21.90 29.90 24.51
CA ALA H 109 22.76 30.35 25.60
C ALA H 109 23.34 31.73 25.30
N GLU H 110 23.80 31.95 24.07
CA GLU H 110 24.37 33.24 23.72
C GLU H 110 23.33 34.35 23.86
N LEU H 111 22.09 34.09 23.45
CA LEU H 111 21.08 35.14 23.45
C LEU H 111 20.51 35.39 24.85
N VAL H 112 20.79 34.52 25.81
CA VAL H 112 20.18 34.70 27.12
C VAL H 112 21.14 35.35 28.11
N THR H 113 22.44 35.03 28.05
CA THR H 113 23.38 35.59 29.01
C THR H 113 23.66 37.07 28.73
N ASN H 114 23.85 37.43 27.47
CA ASN H 114 24.11 38.81 27.12
C ASN H 114 22.82 39.61 27.21
N GLU H 115 22.84 40.67 28.03
CA GLU H 115 21.63 41.46 28.24
C GLU H 115 21.18 42.13 26.95
N ARG H 116 22.13 42.66 26.18
CA ARG H 116 21.78 43.24 24.88
C ARG H 116 21.18 42.20 23.95
N SER H 117 21.70 40.98 24.00
CA SER H 117 21.13 39.90 23.19
C SER H 117 19.69 39.61 23.60
N ARG H 118 19.40 39.68 24.91
CA ARG H 118 18.02 39.48 25.36
C ARG H 118 17.11 40.55 24.80
N LEU H 119 17.58 41.80 24.75
CA LEU H 119 16.77 42.88 24.20
C LEU H 119 16.47 42.64 22.73
N ARG H 120 17.44 42.13 21.98
CA ARG H 120 17.21 41.83 20.55
C ARG H 120 16.12 40.79 20.38
N VAL H 121 16.20 39.69 21.13
CA VAL H 121 15.17 38.66 21.04
C VAL H 121 13.83 39.19 21.51
N ALA H 122 13.84 39.95 22.61
CA ALA H 122 12.58 40.51 23.11
C ALA H 122 11.95 41.45 22.09
N ARG H 123 12.75 42.29 21.44
CA ARG H 123 12.23 43.11 20.35
C ARG H 123 11.79 42.24 19.18
N ARG H 124 12.58 41.22 18.84
CA ARG H 124 12.17 40.27 17.81
C ARG H 124 10.92 39.52 18.23
N MET H 125 10.79 39.23 19.53
CA MET H 125 9.60 38.57 20.03
C MET H 125 8.32 39.33 19.70
N TYR H 126 8.39 40.65 19.72
CA TYR H 126 7.18 41.46 19.61
C TYR H 126 6.61 41.51 18.18
N GLN H 127 7.45 41.33 17.17
CA GLN H 127 7.00 41.53 15.79
C GLN H 127 5.91 40.55 15.39
N MET H 128 6.15 39.24 15.56
CA MET H 128 5.10 38.31 15.17
C MET H 128 4.00 38.19 16.22
N ARG H 129 4.14 38.84 17.37
CA ARG H 129 2.99 39.01 18.26
C ARG H 129 1.91 39.84 17.58
N PHE H 130 2.31 40.93 16.91
CA PHE H 130 1.37 41.81 16.24
C PHE H 130 1.86 42.18 14.85
N ILE H 182 -16.51 28.67 31.34
CA ILE H 182 -15.63 29.28 30.35
C ILE H 182 -14.17 29.10 30.76
N ASN H 183 -13.93 29.04 32.06
CA ASN H 183 -12.57 28.86 32.54
C ASN H 183 -12.01 27.50 32.13
N GLN H 184 -12.82 26.45 32.22
CA GLN H 184 -12.38 25.12 31.80
C GLN H 184 -12.17 25.06 30.29
N ALA H 185 -12.93 25.86 29.53
CA ALA H 185 -12.75 25.89 28.08
C ALA H 185 -11.44 26.57 27.71
N LEU H 186 -11.17 27.73 28.32
CA LEU H 186 -9.92 28.44 28.03
C LEU H 186 -8.72 27.68 28.57
N SER H 187 -8.88 27.01 29.72
CA SER H 187 -7.77 26.23 30.27
C SER H 187 -7.38 25.09 29.34
N ALA H 188 -8.37 24.41 28.76
CA ALA H 188 -8.07 23.31 27.84
C ALA H 188 -7.28 23.80 26.63
N ALA H 189 -7.54 25.02 26.17
CA ALA H 189 -6.77 25.57 25.06
C ALA H 189 -5.34 25.87 25.48
N HIS H 190 -5.15 26.41 26.69
CA HIS H 190 -3.81 26.74 27.15
C HIS H 190 -2.94 25.49 27.27
N VAL H 191 -3.44 24.47 27.97
CA VAL H 191 -2.62 23.30 28.24
C VAL H 191 -2.29 22.55 26.96
N ALA H 192 -3.22 22.52 26.00
CA ALA H 192 -2.90 21.95 24.69
C ALA H 192 -1.77 22.74 24.03
N LEU H 193 -1.84 24.07 24.11
CA LEU H 193 -0.76 24.90 23.59
C LEU H 193 0.53 24.68 24.38
N TYR H 194 0.43 24.62 25.71
CA TYR H 194 1.62 24.44 26.54
C TYR H 194 2.29 23.11 26.26
N GLY H 195 1.49 22.05 26.12
CA GLY H 195 2.06 20.72 25.95
C GLY H 195 2.84 20.58 24.65
N LEU H 196 2.27 21.04 23.54
CA LEU H 196 2.93 20.88 22.25
C LEU H 196 4.19 21.73 22.16
N VAL H 197 4.13 22.96 22.66
CA VAL H 197 5.30 23.83 22.58
C VAL H 197 6.41 23.33 23.49
N HIS H 198 6.04 22.70 24.62
CA HIS H 198 7.05 22.09 25.48
C HIS H 198 7.70 20.90 24.78
N SER H 199 6.91 20.10 24.07
CA SER H 199 7.45 18.92 23.40
C SER H 199 8.46 19.32 22.33
N VAL H 200 8.13 20.32 21.51
CA VAL H 200 9.03 20.72 20.43
C VAL H 200 10.29 21.37 21.01
N VAL H 201 10.14 22.13 22.10
CA VAL H 201 11.32 22.72 22.76
C VAL H 201 12.22 21.61 23.30
N ALA H 202 11.62 20.62 23.96
CA ALA H 202 12.41 19.51 24.48
C ALA H 202 12.88 18.56 23.38
N ALA H 203 12.18 18.51 22.25
CA ALA H 203 12.61 17.67 21.15
C ALA H 203 13.95 18.13 20.60
N LEU H 204 14.12 19.44 20.42
CA LEU H 204 15.33 19.99 19.84
C LEU H 204 16.38 20.33 20.89
N GLY H 205 16.12 20.03 22.16
CA GLY H 205 17.08 20.24 23.22
C GLY H 205 17.11 21.64 23.81
N LEU H 206 16.19 22.52 23.42
CA LEU H 206 16.17 23.86 23.96
C LEU H 206 15.87 23.83 25.46
N SER H 207 16.41 24.79 26.19
CA SER H 207 16.32 24.79 27.64
C SER H 207 15.09 25.54 28.10
N PRO H 208 14.11 24.87 28.70
CA PRO H 208 12.94 25.60 29.22
C PRO H 208 13.28 26.57 30.35
N GLY H 209 14.40 26.35 31.04
CA GLY H 209 14.76 27.23 32.14
C GLY H 209 15.12 28.63 31.69
N LEU H 210 15.76 28.75 30.54
CA LEU H 210 16.28 30.04 30.06
C LEU H 210 15.20 30.72 29.22
N GLY H 211 14.41 31.58 29.86
CA GLY H 211 13.43 32.38 29.17
C GLY H 211 13.96 33.78 28.87
N PHE H 212 13.07 34.62 28.32
CA PHE H 212 13.44 35.98 28.00
C PHE H 212 12.58 36.99 28.76
N VAL H 213 11.27 36.80 28.73
CA VAL H 213 10.36 37.67 29.48
C VAL H 213 9.93 36.94 30.75
N HIS H 214 9.31 35.79 30.59
CA HIS H 214 9.02 34.90 31.71
C HIS H 214 10.33 34.25 32.14
N THR H 215 10.82 34.60 33.32
CA THR H 215 12.08 34.09 33.82
C THR H 215 11.96 33.82 35.31
N GLY H 216 12.87 32.99 35.82
CA GLY H 216 12.93 32.69 37.24
C GLY H 216 12.31 31.38 37.65
N HIS H 217 11.81 30.58 36.70
CA HIS H 217 11.25 29.28 37.01
C HIS H 217 11.73 28.27 35.99
N ASP H 218 11.66 26.99 36.37
CA ASP H 218 12.29 25.93 35.59
C ASP H 218 11.72 25.84 34.18
N ARG H 219 10.47 26.26 33.98
CA ARG H 219 9.82 26.21 32.67
C ARG H 219 9.67 27.61 32.10
N SER H 220 10.66 28.46 32.35
CA SER H 220 10.53 29.88 32.00
C SER H 220 10.44 30.08 30.50
N PHE H 221 11.24 29.35 29.72
CA PHE H 221 11.25 29.55 28.27
C PHE H 221 9.90 29.17 27.66
N ILE H 222 9.26 28.12 28.18
CA ILE H 222 7.97 27.70 27.65
C ILE H 222 6.93 28.80 27.84
N TYR H 223 6.92 29.43 29.02
CA TYR H 223 6.00 30.53 29.27
C TYR H 223 6.31 31.76 28.44
N ASP H 224 7.46 31.80 27.77
CA ASP H 224 7.79 32.88 26.84
C ASP H 224 7.42 32.56 25.39
N VAL H 225 7.43 31.28 25.01
CA VAL H 225 7.19 30.91 23.63
C VAL H 225 5.73 30.51 23.43
N ALA H 226 5.11 29.97 24.49
CA ALA H 226 3.72 29.54 24.38
C ALA H 226 2.78 30.74 24.25
N ASP H 227 2.92 31.74 25.10
CA ASP H 227 2.05 32.91 25.05
C ASP H 227 2.25 33.73 23.78
N LEU H 228 3.33 33.48 23.04
CA LEU H 228 3.53 34.16 21.77
C LEU H 228 2.43 33.82 20.77
N TYR H 229 1.76 32.68 20.95
CA TYR H 229 0.68 32.25 20.07
C TYR H 229 -0.66 32.17 20.76
N LYS H 230 -0.72 32.45 22.07
CA LYS H 230 -1.97 32.27 22.81
C LYS H 230 -3.04 33.24 22.33
N ALA H 231 -2.69 34.52 22.17
CA ALA H 231 -3.66 35.53 21.75
C ALA H 231 -4.05 35.38 20.28
N GLU H 232 -3.36 34.53 19.52
CA GLU H 232 -3.60 34.42 18.08
C GLU H 232 -4.62 33.34 17.73
N ILE H 233 -4.37 32.11 18.16
CA ILE H 233 -5.17 30.97 17.70
C ILE H 233 -6.24 30.62 18.73
N THR H 234 -5.84 30.43 19.99
CA THR H 234 -6.75 29.91 20.99
C THR H 234 -7.89 30.88 21.29
N VAL H 235 -7.57 32.18 21.38
CA VAL H 235 -8.59 33.16 21.81
C VAL H 235 -9.79 33.21 20.87
N PRO H 236 -9.63 33.35 19.56
CA PRO H 236 -10.82 33.28 18.68
C PRO H 236 -11.51 31.94 18.74
N ILE H 237 -10.76 30.84 18.90
CA ILE H 237 -11.38 29.53 19.03
C ILE H 237 -12.14 29.42 20.34
N ALA H 238 -11.54 29.92 21.43
CA ALA H 238 -12.20 29.85 22.74
C ALA H 238 -13.49 30.67 22.74
N PHE H 239 -13.48 31.85 22.11
CA PHE H 239 -14.69 32.65 22.04
C PHE H 239 -15.78 31.93 21.26
N ALA H 240 -15.39 31.22 20.18
CA ALA H 240 -16.37 30.49 19.39
C ALA H 240 -17.01 29.37 20.20
N VAL H 241 -16.24 28.70 21.05
CA VAL H 241 -16.79 27.63 21.88
C VAL H 241 -17.87 28.16 22.80
N ALA H 242 -17.61 29.31 23.44
CA ALA H 242 -18.60 29.90 24.33
C ALA H 242 -19.85 30.32 23.58
N ALA H 243 -19.69 30.96 22.43
CA ALA H 243 -20.86 31.36 21.65
C ALA H 243 -21.58 30.15 21.07
N GLU H 244 -20.84 29.20 20.51
CA GLU H 244 -21.42 27.97 19.96
C GLU H 244 -21.32 26.90 21.03
N ALA H 245 -22.26 26.92 21.96
CA ALA H 245 -22.30 25.98 23.06
C ALA H 245 -23.73 25.49 23.26
N GLU H 246 -23.83 24.27 23.79
CA GLU H 246 -25.13 23.67 24.08
C GLU H 246 -25.01 22.78 25.29
N GLU H 247 -26.10 22.68 26.05
CA GLU H 247 -26.12 21.82 27.22
C GLU H 247 -26.21 20.36 26.79
N GLY H 248 -25.60 19.49 27.59
CA GLY H 248 -25.57 18.07 27.31
C GLY H 248 -24.47 17.63 26.37
N GLN H 249 -23.60 18.54 25.95
CA GLN H 249 -22.47 18.20 25.08
C GLN H 249 -21.19 18.16 25.92
N ASP H 250 -20.31 17.22 25.58
CA ASP H 250 -19.05 17.05 26.29
C ASP H 250 -18.14 18.24 25.96
N ILE H 251 -18.06 19.20 26.88
CA ILE H 251 -17.24 20.38 26.64
C ILE H 251 -15.77 19.99 26.52
N GLY H 252 -15.32 19.04 27.34
CA GLY H 252 -13.94 18.59 27.23
C GLY H 252 -13.64 17.95 25.89
N GLN H 253 -14.58 17.15 25.38
CA GLN H 253 -14.39 16.54 24.05
C GLN H 253 -14.53 17.58 22.95
N LEU H 254 -15.52 18.48 23.06
CA LEU H 254 -15.79 19.42 21.97
C LEU H 254 -14.71 20.49 21.89
N ALA H 255 -14.33 21.07 23.03
CA ALA H 255 -13.38 22.18 23.01
C ALA H 255 -12.03 21.73 22.47
N ARG H 256 -11.55 20.56 22.92
CA ARG H 256 -10.27 20.05 22.43
C ARG H 256 -10.37 19.67 20.97
N LEU H 257 -11.53 19.19 20.52
CA LEU H 257 -11.71 18.84 19.12
C LEU H 257 -11.52 20.03 18.21
N ARG H 258 -12.13 21.17 18.56
CA ARG H 258 -12.02 22.35 17.71
C ARG H 258 -10.62 22.94 17.75
N THR H 259 -10.02 23.01 18.94
CA THR H 259 -8.65 23.51 19.04
C THR H 259 -7.69 22.64 18.25
N ARG H 260 -7.97 21.34 18.18
CA ARG H 260 -7.16 20.44 17.35
C ARG H 260 -7.24 20.84 15.89
N ASP H 261 -8.46 21.15 15.41
CA ASP H 261 -8.62 21.55 14.01
C ASP H 261 -7.92 22.86 13.72
N ALA H 262 -8.01 23.83 14.64
CA ALA H 262 -7.38 25.12 14.42
C ALA H 262 -5.87 24.99 14.30
N PHE H 263 -5.27 24.09 15.08
CA PHE H 263 -3.83 23.92 15.04
C PHE H 263 -3.37 23.31 13.72
N VAL H 264 -4.04 22.25 13.28
CA VAL H 264 -3.64 21.63 12.01
C VAL H 264 -3.98 22.54 10.83
N ASP H 265 -5.12 23.24 10.88
CA ASP H 265 -5.49 24.12 9.79
C ASP H 265 -4.54 25.31 9.70
N GLY H 266 -4.18 25.89 10.83
CA GLY H 266 -3.32 27.06 10.85
C GLY H 266 -1.85 26.77 10.65
N LYS H 267 -1.47 25.50 10.56
CA LYS H 267 -0.07 25.10 10.39
C LYS H 267 0.80 25.69 11.49
N ILE H 268 0.24 25.76 12.70
CA ILE H 268 0.99 26.30 13.83
C ILE H 268 2.17 25.41 14.18
N LEU H 269 2.02 24.09 14.03
CA LEU H 269 3.13 23.19 14.27
C LEU H 269 4.25 23.43 13.27
N LYS H 270 3.89 23.68 12.01
CA LYS H 270 4.88 24.11 11.03
C LYS H 270 5.62 25.36 11.49
N ARG H 271 4.90 26.27 12.14
CA ARG H 271 5.50 27.55 12.52
C ARG H 271 6.42 27.41 13.73
N MET H 272 6.23 26.37 14.54
CA MET H 272 7.04 26.20 15.75
C MET H 272 8.52 26.14 15.42
N VAL H 273 8.91 25.22 14.54
CA VAL H 273 10.32 25.04 14.21
C VAL H 273 10.87 26.28 13.50
N LYS H 274 10.12 26.80 12.53
CA LYS H 274 10.64 27.90 11.70
C LYS H 274 10.78 29.17 12.52
N ASP H 275 9.77 29.51 13.34
CA ASP H 275 9.84 30.75 14.11
C ASP H 275 11.00 30.73 15.09
N LEU H 276 11.20 29.60 15.77
CA LEU H 276 12.36 29.48 16.66
C LEU H 276 13.65 29.56 15.88
N GLN H 277 13.71 28.88 14.72
CA GLN H 277 14.93 28.87 13.93
C GLN H 277 15.30 30.26 13.44
N THR H 278 14.32 31.02 12.95
CA THR H 278 14.61 32.37 12.48
C THR H 278 14.89 33.32 13.64
N LEU H 279 14.21 33.11 14.78
CA LEU H 279 14.48 33.95 15.95
C LEU H 279 15.85 33.64 16.55
N LEU H 280 16.37 32.44 16.34
CA LEU H 280 17.69 32.06 16.82
C LEU H 280 18.77 32.23 15.75
N GLU H 281 18.41 32.79 14.59
CA GLU H 281 19.37 33.03 13.50
C GLU H 281 20.07 31.73 13.09
N ILE H 282 19.33 30.63 13.07
CA ILE H 282 19.89 29.35 12.67
C ILE H 282 19.28 28.89 11.34
#